data_6V80
#
_entry.id   6V80
#
_cell.length_a   210.667
_cell.length_b   165.250
_cell.length_c   84.497
_cell.angle_alpha   90.000
_cell.angle_beta   90.000
_cell.angle_gamma   90.000
#
_symmetry.space_group_name_H-M   'C 1 2 1'
#
loop_
_entity.id
_entity.type
_entity.pdbx_description
1 polymer 'Antigen-presenting glycoprotein CD1d'
2 polymer Beta-2-microglobulin
3 polymer 'T cell receptor alpha variable 10, nkt tcr alpha chain fusion'
4 polymer 'nkt tcr beta chain'
5 polymer 'Nanobody VHH ID12'
6 branched 2-acetamido-2-deoxy-beta-D-glucopyranose-(1-4)-2-acetamido-2-deoxy-beta-D-glucopyranose
7 non-polymer N-{(1S,2R,3S)-1-[(ALPHA-D-GALACTOPYRANOSYLOXY)METHYL]-2,3-DIHYDROXYHEPTADECYL}HEXACOSANAMIDE
8 non-polymer 2-acetamido-2-deoxy-beta-D-glucopyranose
#
loop_
_entity_poly.entity_id
_entity_poly.type
_entity_poly.pdbx_seq_one_letter_code
_entity_poly.pdbx_strand_id
1 'polypeptide(L)'
;MQRLFPLRCLQISSFANSSWTRTDGLAWLGELQTHSWSNDSDTVRSLKPWSQGTFSDQQWETLQHIFRVYRSSFTRDVKE
FAKMLRLSYPLELQVSAGCEVHPGNASNNFFHVAFQGKDILSFQGTSWEPTQEAPLWVNLAIQVLNQDKWTRETVQWLLN
GTCPQFVSGLLESGKSELKKQVKPKAWLSRGPSPGPGRLLLVCHVSGFYPKPVWVKWMRGEQEQQGTQPGDILPNADETW
YLRATLDVVAGEAAGLSCRVKHSSLEGQDIVLYWGSLVPRGSGSRIARLEEKVKTLKAQNSELASTANMLREQVAQLKQK
VMNHGSGLNDIFEAQKIEWHEHHHHHH
;
A,F
2 'polypeptide(L)'
;MIQRTPKIQVYSRHPAENGKSNFLNCYVSGFHPSDIEVDLLKNGERIEKVEHSDLSFSKDWSFYLLYYTEFTPTEKDEYA
CRVNHVTLSQPKIVKWDRDM
;
B,G
3 'polypeptide(L)'
;HMKNQVEQSPQSLIILEGKNCTLQCNYTVSPFSNLRWYKQDTGRGPVSLTIMTFSENTKSNGRYTATLDADTKQSSLHIT
ASQLSDSASYICVVSDRGSTLGRLYFGRGTQLTVWPDIQNPDPAVYQLRDSKSSDKSVCLFTDFDSQTNVSQSKDSDVYI
TDKCVLDMRSMDFKSNSAVAWSNKSDFACANAFNNSIIPEDTFFPSPESS
;
C,H
4 'polypeptide(L)'
;DIYQTPRYLVIGTGKKITLECSQTMGHDKMYWYQQDPGMELHLIHYSYGVNSTEKGDLSSESTVSRIRTEHFPLTLESAR
PSHTSQYLCASTSRRGSYEQYFGPGTRLTVTEDLKNVFPPEVAVFEPSEAEISHTQKATLVCLATGFYPDHVELSWWVNG
KEVHSGVCTDPQPLKEQPALNDSRYALSSRLRVSATFWQNPRNHFRCQVQFYGLSENDEWTQDRAKPVTQIVSAEAWGRA
D
;
D,I
5 'polypeptide(L)'
;QVQLVESGGGLVQAGGSLRLSCAASGSMFSDNVMGWYRQAPGKQRELVATIRTGGSTNYADSVKGRFTISRDNAKNTVYL
QMNSLKPEDTAVYYCRHTIPVPSTPYDYWGQGTQVTVSS
;
E,J
#
# COMPACT_ATOMS: atom_id res chain seq x y z
N ARG A 3 26.34 21.74 31.76
CA ARG A 3 26.59 21.86 30.32
C ARG A 3 26.13 20.60 29.61
N LEU A 4 25.48 19.71 30.36
CA LEU A 4 24.97 18.46 29.83
C LEU A 4 23.50 18.60 29.48
N PHE A 5 23.10 17.99 28.37
CA PHE A 5 21.72 18.08 27.86
C PHE A 5 21.20 16.68 27.55
N PRO A 6 20.63 15.99 28.53
CA PRO A 6 20.11 14.64 28.28
C PRO A 6 18.78 14.67 27.56
N LEU A 7 18.49 13.57 26.86
CA LEU A 7 17.22 13.40 26.17
C LEU A 7 16.30 12.53 27.01
N ARG A 8 15.12 13.08 27.35
CA ARG A 8 14.13 12.36 28.15
C ARG A 8 12.86 12.23 27.34
N CYS A 9 12.59 11.02 26.84
CA CYS A 9 11.36 10.72 26.14
C CYS A 9 10.35 10.19 27.16
N LEU A 10 9.22 10.87 27.29
CA LEU A 10 8.26 10.56 28.33
C LEU A 10 7.02 9.93 27.72
N GLN A 11 6.50 8.89 28.38
CA GLN A 11 5.37 8.12 27.89
C GLN A 11 4.38 7.91 29.02
N ILE A 12 3.12 8.23 28.76
CA ILE A 12 2.06 8.07 29.74
C ILE A 12 0.92 7.29 29.10
N SER A 13 0.49 6.22 29.77
CA SER A 13 -0.54 5.33 29.24
C SER A 13 -1.40 4.84 30.39
N SER A 14 -2.69 5.19 30.38
CA SER A 14 -3.62 4.83 31.43
C SER A 14 -4.65 3.84 30.92
N PHE A 15 -4.97 2.85 31.74
CA PHE A 15 -5.95 1.81 31.40
C PHE A 15 -6.91 1.70 32.58
N ALA A 16 -8.03 2.41 32.49
CA ALA A 16 -9.03 2.40 33.55
C ALA A 16 -9.77 1.08 33.56
N ASN A 17 -10.50 0.80 32.49
CA ASN A 17 -11.18 -0.46 32.31
C ASN A 17 -10.77 -1.06 30.98
N SER A 18 -11.18 -2.31 30.77
CA SER A 18 -10.75 -3.04 29.59
C SER A 18 -11.24 -2.37 28.32
N SER A 19 -12.31 -1.60 28.40
CA SER A 19 -12.92 -1.02 27.21
C SER A 19 -12.22 0.26 26.77
N TRP A 20 -11.62 1.01 27.69
CA TRP A 20 -11.18 2.38 27.42
C TRP A 20 -9.73 2.59 27.83
N THR A 21 -8.99 3.30 26.98
CA THR A 21 -7.59 3.62 27.25
C THR A 21 -7.17 4.83 26.42
N ARG A 22 -6.09 5.47 26.87
CA ARG A 22 -5.44 6.56 26.15
C ARG A 22 -3.94 6.48 26.39
N THR A 23 -3.16 6.82 25.37
CA THR A 23 -1.70 6.87 25.47
C THR A 23 -1.21 8.16 24.85
N ASP A 24 -0.56 8.99 25.65
CA ASP A 24 0.08 10.21 25.17
C ASP A 24 1.54 10.22 25.60
N GLY A 25 2.35 10.99 24.87
CA GLY A 25 3.76 11.08 25.17
C GLY A 25 4.36 12.36 24.63
N LEU A 26 5.56 12.66 25.11
CA LEU A 26 6.29 13.85 24.70
C LEU A 26 7.78 13.61 24.92
N ALA A 27 8.59 14.62 24.64
CA ALA A 27 10.03 14.51 24.77
C ALA A 27 10.62 15.79 25.33
N TRP A 28 11.50 15.65 26.32
CA TRP A 28 12.27 16.76 26.87
C TRP A 28 13.74 16.59 26.51
N LEU A 29 14.37 17.68 26.08
CA LEU A 29 15.82 17.76 25.93
C LEU A 29 16.35 18.71 26.99
N GLY A 30 17.10 18.15 27.91
CA GLY A 30 17.58 19.04 28.96
C GLY A 30 16.36 19.53 29.70
N GLU A 31 15.93 20.72 29.34
CA GLU A 31 14.81 21.41 29.97
C GLU A 31 13.84 22.00 28.95
N LEU A 32 13.83 21.48 27.72
CA LEU A 32 13.02 22.04 26.65
C LEU A 32 12.16 20.96 26.03
N GLN A 33 10.92 21.31 25.69
CA GLN A 33 10.01 20.40 25.01
C GLN A 33 10.06 20.62 23.51
N THR A 34 10.11 19.53 22.75
CA THR A 34 10.19 19.58 21.30
C THR A 34 8.96 19.02 20.62
N HIS A 35 8.42 17.91 21.13
CA HIS A 35 7.35 17.21 20.46
C HIS A 35 6.23 16.87 21.44
N SER A 36 5.00 16.95 20.95
CA SER A 36 3.84 16.45 21.66
C SER A 36 3.17 15.39 20.81
N TRP A 37 2.54 14.40 21.46
CA TRP A 37 1.97 13.28 20.75
C TRP A 37 0.75 12.76 21.52
N SER A 38 -0.43 12.98 20.97
CA SER A 38 -1.66 12.60 21.63
C SER A 38 -2.10 11.21 21.19
N ASN A 39 -3.01 10.63 21.96
CA ASN A 39 -3.73 9.44 21.50
C ASN A 39 -4.63 9.74 20.32
N ASP A 40 -4.89 11.03 20.04
CA ASP A 40 -5.76 11.43 18.95
C ASP A 40 -5.03 11.58 17.62
N SER A 41 -3.73 11.85 17.66
CA SER A 41 -2.96 12.21 16.48
C SER A 41 -2.15 11.03 15.98
N ASP A 42 -2.27 10.72 14.70
CA ASP A 42 -1.44 9.71 14.06
C ASP A 42 -0.04 10.19 13.80
N THR A 43 0.33 11.38 14.29
CA THR A 43 1.66 11.91 14.08
C THR A 43 2.15 12.58 15.35
N VAL A 44 3.46 12.59 15.53
CA VAL A 44 4.08 13.36 16.60
C VAL A 44 4.27 14.79 16.11
N ARG A 45 4.01 15.76 16.96
CA ARG A 45 3.97 17.16 16.55
C ARG A 45 5.33 17.81 16.83
N SER A 46 6.00 18.24 15.76
CA SER A 46 7.24 19.00 15.90
C SER A 46 6.88 20.45 16.22
N LEU A 47 7.10 20.84 17.48
CA LEU A 47 6.74 22.19 17.90
C LEU A 47 7.66 23.24 17.28
N LYS A 48 8.96 23.07 17.44
CA LYS A 48 9.90 23.99 16.82
C LYS A 48 10.00 23.71 15.33
N PRO A 49 10.33 24.74 14.53
CA PRO A 49 10.64 24.46 13.11
C PRO A 49 11.86 23.57 12.98
N TRP A 50 12.81 23.70 13.89
CA TRP A 50 14.00 22.86 13.95
C TRP A 50 13.79 21.61 14.79
N SER A 51 12.59 21.42 15.35
CA SER A 51 12.31 20.22 16.11
C SER A 51 12.57 18.96 15.30
N GLN A 52 12.45 19.05 13.98
CA GLN A 52 12.74 17.91 13.12
C GLN A 52 14.22 17.57 13.08
N GLY A 53 15.09 18.50 13.50
CA GLY A 53 16.51 18.24 13.49
C GLY A 53 17.03 18.19 12.06
N THR A 54 18.02 17.31 11.85
CA THR A 54 18.63 17.16 10.54
C THR A 54 17.92 16.16 9.65
N PHE A 55 16.94 15.44 10.17
CA PHE A 55 16.31 14.37 9.41
C PHE A 55 15.29 14.92 8.42
N SER A 56 15.40 14.50 7.16
CA SER A 56 14.48 14.92 6.13
C SER A 56 13.07 14.39 6.37
N ASP A 57 12.09 14.93 5.65
CA ASP A 57 10.69 14.55 5.95
C ASP A 57 10.52 13.05 5.78
N GLN A 58 11.58 12.37 5.37
CA GLN A 58 11.47 10.90 5.22
C GLN A 58 12.31 10.30 6.34
N GLN A 59 13.39 10.96 6.69
CA GLN A 59 14.15 10.40 7.83
C GLN A 59 13.20 10.61 9.00
N TRP A 60 12.42 11.66 8.91
CA TRP A 60 11.47 11.95 9.99
C TRP A 60 10.31 10.98 9.91
N GLU A 61 9.49 11.04 8.84
CA GLU A 61 8.26 10.23 8.85
C GLU A 61 8.55 8.79 9.20
N THR A 62 9.69 8.26 8.73
CA THR A 62 10.11 6.90 9.07
C THR A 62 9.93 6.62 10.55
N LEU A 63 10.38 7.54 11.39
CA LEU A 63 10.21 7.39 12.83
C LEU A 63 8.72 7.40 13.21
N GLN A 64 7.95 8.33 12.61
CA GLN A 64 6.53 8.38 12.89
C GLN A 64 5.85 7.06 12.52
N HIS A 65 6.38 6.36 11.53
CA HIS A 65 5.85 5.05 11.17
C HIS A 65 6.04 4.05 12.31
N ILE A 66 7.17 4.15 13.02
CA ILE A 66 7.45 3.19 14.08
C ILE A 66 6.53 3.43 15.28
N PHE A 67 6.52 4.66 15.79
CA PHE A 67 5.75 4.93 17.00
C PHE A 67 4.27 4.68 16.78
N ARG A 68 3.74 5.12 15.64
CA ARG A 68 2.33 4.91 15.33
C ARG A 68 1.98 3.43 15.42
N VAL A 69 2.85 2.59 14.86
CA VAL A 69 2.70 1.16 15.06
C VAL A 69 2.96 0.80 16.52
N TYR A 70 4.02 1.38 17.10
CA TYR A 70 4.35 1.07 18.48
C TYR A 70 3.21 1.44 19.42
N ARG A 71 2.50 2.53 19.12
CA ARG A 71 1.38 2.93 19.97
C ARG A 71 0.31 1.85 19.99
N SER A 72 -0.03 1.36 18.81
CA SER A 72 -1.08 0.34 18.64
C SER A 72 -0.63 -0.97 19.26
N SER A 73 0.61 -1.32 19.01
CA SER A 73 1.22 -2.58 19.46
C SER A 73 1.28 -2.66 20.98
N PHE A 74 1.75 -1.61 21.62
CA PHE A 74 1.93 -1.57 23.06
C PHE A 74 0.64 -1.80 23.83
N THR A 75 -0.47 -1.31 23.30
CA THR A 75 -1.74 -1.34 24.03
C THR A 75 -2.27 -2.76 24.16
N ARG A 76 -2.34 -3.50 23.07
CA ARG A 76 -2.92 -4.84 23.22
C ARG A 76 -2.03 -5.65 24.16
N ASP A 77 -0.75 -5.57 23.94
CA ASP A 77 0.11 -6.35 24.80
C ASP A 77 -0.35 -6.27 26.25
N VAL A 78 -0.41 -5.06 26.79
CA VAL A 78 -0.77 -4.90 28.21
C VAL A 78 -2.20 -5.36 28.47
N LYS A 79 -3.08 -5.24 27.48
CA LYS A 79 -4.44 -5.73 27.67
C LYS A 79 -4.44 -7.23 27.90
N GLU A 80 -3.68 -7.96 27.09
CA GLU A 80 -3.54 -9.39 27.30
C GLU A 80 -2.58 -9.69 28.44
N PHE A 81 -1.54 -8.88 28.60
CA PHE A 81 -0.63 -9.02 29.73
C PHE A 81 -1.39 -9.12 31.04
N ALA A 82 -2.36 -8.24 31.26
CA ALA A 82 -3.09 -8.22 32.52
C ALA A 82 -3.88 -9.51 32.73
N LYS A 83 -4.45 -10.06 31.65
CA LYS A 83 -5.19 -11.31 31.77
C LYS A 83 -4.27 -12.45 32.18
N MET A 84 -3.14 -12.59 31.48
CA MET A 84 -2.12 -13.53 31.94
C MET A 84 -1.69 -13.22 33.37
N LEU A 85 -1.63 -11.96 33.72
CA LEU A 85 -1.07 -11.74 35.07
C LEU A 85 -2.14 -11.41 36.10
N ARG A 86 -3.39 -11.47 35.71
CA ARG A 86 -4.50 -11.23 36.65
C ARG A 86 -4.30 -9.90 37.36
N LEU A 87 -4.15 -8.79 36.65
CA LEU A 87 -3.89 -7.53 37.38
C LEU A 87 -5.14 -6.71 37.60
N SER A 88 -5.53 -6.60 38.85
CA SER A 88 -6.72 -5.83 39.15
C SER A 88 -6.60 -4.43 38.55
N TYR A 89 -7.51 -4.13 37.61
CA TYR A 89 -7.59 -2.80 37.03
C TYR A 89 -7.87 -1.78 38.13
N PRO A 90 -7.57 -0.49 37.90
CA PRO A 90 -7.07 0.15 36.68
C PRO A 90 -5.57 0.01 36.52
N LEU A 91 -5.01 0.61 35.48
CA LEU A 91 -3.58 0.49 35.23
C LEU A 91 -3.00 1.83 34.82
N GLU A 92 -1.84 2.17 35.39
CA GLU A 92 -1.08 3.36 35.05
C GLU A 92 0.36 2.97 34.78
N LEU A 93 0.83 3.22 33.57
CA LEU A 93 2.18 2.88 33.16
C LEU A 93 2.92 4.11 32.64
N GLN A 94 4.15 4.27 33.10
CA GLN A 94 4.98 5.40 32.71
C GLN A 94 6.29 4.86 32.20
N VAL A 95 6.88 5.53 31.23
CA VAL A 95 8.10 5.08 30.57
C VAL A 95 9.01 6.26 30.34
N SER A 96 10.18 6.23 30.97
CA SER A 96 11.20 7.26 30.79
C SER A 96 12.39 6.64 30.05
N ALA A 97 12.88 7.35 29.03
CA ALA A 97 13.86 6.77 28.12
C ALA A 97 14.58 7.86 27.33
N GLY A 98 15.75 7.49 26.81
CA GLY A 98 16.52 8.36 25.93
C GLY A 98 17.98 7.94 25.92
N CYS A 99 18.84 8.93 25.65
CA CYS A 99 20.29 8.74 25.67
C CYS A 99 20.93 10.07 26.01
N GLU A 100 22.21 10.01 26.39
CA GLU A 100 22.97 11.21 26.72
C GLU A 100 24.39 11.02 26.23
N VAL A 101 24.92 12.00 25.52
CA VAL A 101 26.19 11.88 24.82
C VAL A 101 27.32 12.37 25.72
N HIS A 102 28.47 11.74 25.58
CA HIS A 102 29.72 12.21 26.14
C HIS A 102 30.51 12.95 25.07
N PRO A 103 31.44 13.82 25.45
CA PRO A 103 32.25 14.51 24.45
C PRO A 103 32.92 13.54 23.49
N GLY A 104 33.05 13.95 22.24
CA GLY A 104 33.53 13.02 21.24
C GLY A 104 32.44 12.04 20.83
N ASN A 105 32.89 10.87 20.39
CA ASN A 105 31.99 9.83 19.88
C ASN A 105 31.83 8.71 20.90
N ALA A 106 31.31 9.07 22.06
CA ALA A 106 30.98 8.12 23.12
C ALA A 106 29.74 8.63 23.85
N SER A 107 28.94 7.69 24.35
CA SER A 107 27.67 8.05 24.97
C SER A 107 27.15 6.86 25.77
N ASN A 108 25.94 7.03 26.32
CA ASN A 108 25.24 5.99 27.05
C ASN A 108 23.73 6.23 26.94
N ASN A 109 22.97 5.15 27.11
CA ASN A 109 21.54 5.17 26.90
C ASN A 109 20.82 4.63 28.14
N PHE A 110 19.49 4.59 28.08
CA PHE A 110 18.69 4.12 29.20
C PHE A 110 17.25 3.89 28.73
N PHE A 111 16.47 3.22 29.59
CA PHE A 111 15.09 2.83 29.28
C PHE A 111 14.39 2.33 30.53
N HIS A 112 13.79 3.23 31.30
CA HIS A 112 13.21 2.90 32.59
C HIS A 112 11.69 2.99 32.53
N VAL A 113 11.06 1.89 32.89
CA VAL A 113 9.59 1.79 32.75
C VAL A 113 9.01 1.81 34.15
N ALA A 114 7.86 2.39 34.36
CA ALA A 114 7.40 2.37 35.75
C ALA A 114 5.95 1.93 35.80
N PHE A 115 5.55 1.40 36.95
CA PHE A 115 4.19 0.86 37.09
C PHE A 115 3.57 1.41 38.35
N GLN A 116 2.38 1.97 38.25
CA GLN A 116 1.64 2.56 39.37
C GLN A 116 2.58 3.38 40.25
N GLY A 117 3.31 4.29 39.61
CA GLY A 117 4.23 5.15 40.33
C GLY A 117 5.43 4.43 40.90
N LYS A 118 5.64 3.19 40.49
CA LYS A 118 6.78 2.40 40.95
C LYS A 118 7.43 1.74 39.75
N ASP A 119 8.69 2.01 39.51
CA ASP A 119 9.27 1.47 38.26
C ASP A 119 9.36 -0.03 38.34
N ILE A 120 9.27 -0.71 37.21
CA ILE A 120 9.35 -2.20 37.20
C ILE A 120 10.71 -2.62 36.67
N LEU A 121 10.91 -2.52 35.35
CA LEU A 121 12.17 -3.02 34.72
C LEU A 121 12.86 -1.96 33.89
N SER A 122 14.07 -2.28 33.43
CA SER A 122 14.88 -1.40 32.60
C SER A 122 15.36 -2.23 31.41
N PHE A 123 16.39 -1.74 30.72
CA PHE A 123 16.95 -2.45 29.57
C PHE A 123 18.46 -2.39 29.68
N GLN A 124 19.10 -3.52 29.95
CA GLN A 124 20.55 -3.59 30.11
C GLN A 124 21.17 -4.33 28.93
N GLY A 125 22.11 -3.67 28.29
CA GLY A 125 22.75 -4.36 27.17
C GLY A 125 21.69 -4.75 26.19
N THR A 126 21.60 -6.04 25.95
CA THR A 126 20.72 -6.57 24.90
C THR A 126 19.61 -7.44 25.47
N SER A 127 19.11 -7.15 26.67
CA SER A 127 18.05 -7.99 27.27
C SER A 127 17.35 -7.24 28.39
N TRP A 128 16.11 -7.57 28.67
CA TRP A 128 15.28 -6.89 29.68
C TRP A 128 15.65 -7.34 31.08
N GLU A 129 15.73 -6.36 32.01
CA GLU A 129 16.16 -6.62 33.38
C GLU A 129 15.26 -5.86 34.35
N PRO A 130 14.68 -6.54 35.33
CA PRO A 130 13.76 -5.88 36.27
C PRO A 130 14.49 -5.18 37.40
N THR A 131 13.71 -4.48 38.22
CA THR A 131 14.27 -3.80 39.37
C THR A 131 14.58 -4.81 40.47
N GLN A 132 15.68 -4.56 41.19
CA GLN A 132 16.01 -5.43 42.32
C GLN A 132 14.95 -5.39 43.40
N GLU A 133 14.09 -4.38 43.38
CA GLU A 133 12.96 -4.26 44.30
C GLU A 133 11.63 -4.42 43.56
N ALA A 134 11.60 -5.33 42.56
CA ALA A 134 10.41 -5.55 41.76
C ALA A 134 9.69 -6.83 42.21
N PRO A 135 8.37 -6.89 42.01
CA PRO A 135 7.61 -8.08 42.43
C PRO A 135 7.99 -9.31 41.61
N LEU A 136 7.56 -10.47 42.02
CA LEU A 136 7.98 -11.59 41.14
C LEU A 136 7.22 -11.56 39.81
N TRP A 137 5.92 -11.35 39.84
CA TRP A 137 5.25 -11.59 38.54
C TRP A 137 6.09 -10.93 37.48
N VAL A 138 6.78 -9.88 37.85
CA VAL A 138 7.62 -9.22 36.85
C VAL A 138 8.62 -10.20 36.25
N ASN A 139 9.09 -11.16 37.06
CA ASN A 139 10.10 -12.11 36.59
C ASN A 139 9.56 -12.94 35.42
N LEU A 140 8.37 -13.51 35.57
CA LEU A 140 7.77 -14.24 34.46
C LEU A 140 7.50 -13.33 33.29
N ALA A 141 7.21 -12.06 33.55
CA ALA A 141 7.05 -11.10 32.46
C ALA A 141 8.38 -10.83 31.77
N ILE A 142 9.47 -10.80 32.53
CA ILE A 142 10.78 -10.58 31.95
C ILE A 142 11.09 -11.66 30.91
N GLN A 143 10.75 -12.91 31.22
CA GLN A 143 10.97 -14.00 30.27
C GLN A 143 10.24 -13.72 28.96
N VAL A 144 8.96 -13.37 29.05
CA VAL A 144 8.11 -13.27 27.86
C VAL A 144 8.66 -12.24 26.88
N LEU A 145 9.06 -11.08 27.40
CA LEU A 145 9.50 -10.00 26.53
C LEU A 145 10.82 -10.32 25.84
N ASN A 146 11.77 -10.89 26.59
CA ASN A 146 13.04 -11.30 26.00
C ASN A 146 12.86 -12.27 24.85
N GLN A 147 11.65 -12.79 24.68
CA GLN A 147 11.50 -13.82 23.64
C GLN A 147 11.06 -13.22 22.33
N ASP A 148 10.95 -11.91 22.29
CA ASP A 148 10.68 -11.21 21.04
C ASP A 148 11.96 -10.43 20.69
N LYS A 149 12.82 -11.06 19.90
CA LYS A 149 14.15 -10.50 19.67
C LYS A 149 14.10 -9.27 18.79
N TRP A 150 13.35 -9.35 17.69
CA TRP A 150 13.26 -8.23 16.75
C TRP A 150 12.96 -6.92 17.45
N THR A 151 12.07 -6.98 18.45
CA THR A 151 11.85 -5.84 19.31
C THR A 151 13.12 -5.48 20.06
N ARG A 152 13.75 -6.48 20.65
CA ARG A 152 14.99 -6.26 21.44
C ARG A 152 16.02 -5.62 20.53
N GLU A 153 16.15 -6.12 19.32
CA GLU A 153 17.05 -5.50 18.35
C GLU A 153 16.57 -4.10 17.99
N THR A 154 15.28 -3.97 17.68
CA THR A 154 14.70 -2.68 17.31
C THR A 154 15.02 -1.61 18.34
N VAL A 155 15.16 -1.98 19.60
CA VAL A 155 15.37 -0.99 20.65
C VAL A 155 16.84 -0.59 20.72
N GLN A 156 17.75 -1.57 20.64
CA GLN A 156 19.18 -1.24 20.65
C GLN A 156 19.52 -0.33 19.47
N TRP A 157 19.03 -0.67 18.28
CA TRP A 157 19.14 0.23 17.14
C TRP A 157 18.64 1.60 17.57
N LEU A 158 17.75 1.70 18.53
CA LEU A 158 17.48 3.12 18.88
C LEU A 158 18.36 3.65 20.00
N LEU A 159 18.41 2.96 21.12
CA LEU A 159 19.31 3.55 22.11
C LEU A 159 20.74 3.56 21.61
N ASN A 160 21.17 2.43 21.09
CA ASN A 160 22.55 2.35 20.60
C ASN A 160 22.46 2.93 19.20
N GLY A 161 23.21 3.98 18.97
CA GLY A 161 23.28 4.56 17.63
C GLY A 161 22.26 5.64 17.35
N THR A 162 21.13 5.24 16.84
CA THR A 162 20.31 6.25 16.17
C THR A 162 19.93 7.37 17.12
N CYS A 163 19.82 7.06 18.41
CA CYS A 163 19.42 8.06 19.40
C CYS A 163 20.41 9.22 19.40
N PRO A 164 21.71 8.97 19.60
CA PRO A 164 22.63 10.11 19.77
C PRO A 164 22.82 10.92 18.50
N GLN A 165 22.86 10.28 17.33
CA GLN A 165 23.06 11.03 16.10
C GLN A 165 21.99 12.10 15.92
N PHE A 166 20.74 11.75 16.21
CA PHE A 166 19.67 12.72 16.11
C PHE A 166 19.91 13.90 17.03
N VAL A 167 20.40 13.64 18.23
CA VAL A 167 20.75 14.72 19.15
C VAL A 167 21.74 15.67 18.48
N SER A 168 22.80 15.11 17.92
CA SER A 168 23.75 15.93 17.18
C SER A 168 23.05 16.67 16.05
N GLY A 169 22.04 16.04 15.45
CA GLY A 169 21.25 16.67 14.42
C GLY A 169 20.32 17.76 14.91
N LEU A 170 20.26 17.96 16.23
CA LEU A 170 19.46 19.01 16.85
C LEU A 170 20.29 20.15 17.42
N LEU A 171 21.42 19.82 18.04
CA LEU A 171 22.24 20.86 18.66
C LEU A 171 22.71 21.87 17.63
N GLU A 172 23.18 21.39 16.47
CA GLU A 172 23.52 22.31 15.39
C GLU A 172 22.30 23.07 14.90
N SER A 173 21.11 22.50 15.05
CA SER A 173 19.89 23.16 14.61
C SER A 173 19.25 24.02 15.70
N GLY A 174 19.69 23.86 16.95
CA GLY A 174 19.04 24.56 18.04
C GLY A 174 19.97 25.33 18.96
N LYS A 175 21.24 25.45 18.56
CA LYS A 175 22.22 26.16 19.40
C LYS A 175 21.74 27.56 19.78
N SER A 176 21.15 28.28 18.82
CA SER A 176 20.67 29.63 19.07
C SER A 176 19.70 29.64 20.25
N GLU A 177 18.64 28.83 20.15
CA GLU A 177 17.72 28.67 21.26
C GLU A 177 18.45 28.11 22.48
N LEU A 178 19.39 27.21 22.26
CA LEU A 178 20.09 26.58 23.38
C LEU A 178 20.90 27.60 24.17
N LYS A 179 21.71 28.39 23.49
CA LYS A 179 22.56 29.37 24.15
C LYS A 179 21.79 30.61 24.61
N LYS A 180 20.47 30.63 24.46
CA LYS A 180 19.71 31.82 24.83
C LYS A 180 19.76 32.04 26.34
N GLN A 181 19.73 33.31 26.75
CA GLN A 181 19.73 33.69 28.14
C GLN A 181 18.70 34.80 28.36
N VAL A 182 18.09 34.82 29.54
CA VAL A 182 16.99 35.73 29.87
C VAL A 182 17.25 36.36 31.23
N LYS A 183 17.21 37.68 31.28
CA LYS A 183 17.49 38.41 32.52
C LYS A 183 16.31 38.36 33.48
N PRO A 184 16.50 37.90 34.71
CA PRO A 184 15.38 37.81 35.65
C PRO A 184 14.72 39.13 35.99
N LYS A 185 13.61 39.05 36.72
CA LYS A 185 12.92 40.22 37.26
C LYS A 185 12.71 39.93 38.73
N ALA A 186 13.38 40.70 39.59
CA ALA A 186 13.37 40.47 41.03
C ALA A 186 12.76 41.65 41.76
N TRP A 187 12.14 41.35 42.91
CA TRP A 187 11.54 42.37 43.76
C TRP A 187 11.40 41.77 45.15
N LEU A 188 10.85 42.56 46.07
CA LEU A 188 10.70 42.15 47.46
C LEU A 188 9.25 42.33 47.89
N SER A 189 8.89 41.64 48.97
CA SER A 189 7.57 41.79 49.55
C SER A 189 7.58 41.26 50.97
N ARG A 190 6.61 41.73 51.75
CA ARG A 190 6.48 41.31 53.14
C ARG A 190 5.67 40.03 53.23
N GLY A 191 6.12 39.11 54.07
CA GLY A 191 5.35 37.93 54.38
C GLY A 191 4.76 38.04 55.77
N PRO A 192 3.69 37.29 56.03
CA PRO A 192 3.12 37.28 57.39
C PRO A 192 4.15 36.79 58.40
N SER A 193 4.10 37.37 59.60
CA SER A 193 5.12 37.10 60.60
C SER A 193 5.05 35.63 61.03
N PRO A 194 6.17 34.92 61.06
CA PRO A 194 6.17 33.55 61.60
C PRO A 194 6.32 33.49 63.11
N GLY A 195 6.59 34.61 63.76
CA GLY A 195 6.68 34.66 65.20
C GLY A 195 6.51 36.09 65.68
N PRO A 196 6.58 36.29 67.00
CA PRO A 196 6.37 37.65 67.53
C PRO A 196 7.51 38.58 67.16
N GLY A 197 7.16 39.69 66.51
CA GLY A 197 8.17 40.64 66.09
C GLY A 197 8.97 40.14 64.91
N ARG A 198 9.53 38.93 65.04
CA ARG A 198 10.28 38.32 63.95
C ARG A 198 9.40 38.17 62.72
N LEU A 199 9.81 38.82 61.63
CA LEU A 199 9.07 38.87 60.38
C LEU A 199 9.68 37.91 59.36
N LEU A 200 8.92 37.68 58.28
CA LEU A 200 9.35 36.80 57.18
C LEU A 200 9.62 37.65 55.95
N LEU A 201 10.89 37.72 55.56
CA LEU A 201 11.33 38.53 54.43
C LEU A 201 11.41 37.66 53.18
N VAL A 202 10.70 38.08 52.14
CA VAL A 202 10.57 37.31 50.91
C VAL A 202 11.45 37.92 49.83
N CYS A 203 12.17 37.06 49.11
CA CYS A 203 12.97 37.46 47.96
C CYS A 203 12.37 36.81 46.72
N HIS A 204 11.95 37.64 45.76
CA HIS A 204 11.24 37.17 44.58
C HIS A 204 12.15 37.19 43.35
N VAL A 205 12.04 36.14 42.54
CA VAL A 205 12.75 36.04 41.26
C VAL A 205 11.80 35.41 40.26
N SER A 206 11.66 36.03 39.08
CA SER A 206 10.74 35.54 38.08
C SER A 206 11.22 35.94 36.69
N GLY A 207 10.82 35.14 35.70
CA GLY A 207 11.07 35.44 34.30
C GLY A 207 12.51 35.38 33.85
N PHE A 208 13.17 34.25 34.12
CA PHE A 208 14.59 34.05 33.75
C PHE A 208 14.72 32.79 32.91
N TYR A 209 15.92 32.54 32.44
CA TYR A 209 15.95 31.39 31.55
C TYR A 209 16.65 30.21 32.17
N PRO A 210 17.95 30.17 32.04
CA PRO A 210 18.60 28.93 32.35
C PRO A 210 18.32 28.56 33.80
N LYS A 211 17.53 27.51 33.91
CA LYS A 211 17.02 27.03 35.20
C LYS A 211 17.94 27.38 36.36
N PRO A 212 19.29 26.77 36.59
CA PRO A 212 20.28 26.85 37.65
C PRO A 212 20.61 28.27 38.07
N VAL A 213 20.44 28.49 39.36
CA VAL A 213 20.62 29.83 39.98
C VAL A 213 20.89 29.59 41.45
N TRP A 214 21.66 30.49 42.06
CA TRP A 214 21.96 30.45 43.51
C TRP A 214 21.54 31.79 44.06
N VAL A 215 20.69 31.76 45.07
CA VAL A 215 20.11 32.94 45.71
C VAL A 215 20.14 32.74 47.22
N LYS A 216 20.62 33.76 47.94
CA LYS A 216 20.68 33.72 49.39
C LYS A 216 20.41 35.09 49.99
N TRP A 217 19.75 35.11 51.14
CA TRP A 217 19.48 36.40 51.81
C TRP A 217 20.75 36.74 52.54
N MET A 218 21.29 37.95 52.39
CA MET A 218 22.58 38.31 53.05
C MET A 218 22.55 39.73 53.63
N ARG A 219 23.40 39.95 54.63
CA ARG A 219 23.58 41.24 55.31
C ARG A 219 24.85 41.84 54.72
N GLY A 220 24.72 42.40 53.52
CA GLY A 220 25.87 42.83 52.77
C GLY A 220 26.58 41.65 52.15
N GLU A 221 27.47 41.02 52.91
CA GLU A 221 28.21 39.86 52.42
C GLU A 221 28.04 38.64 53.31
N GLN A 222 27.20 38.71 54.33
CA GLN A 222 27.03 37.61 55.27
C GLN A 222 25.85 36.75 54.83
N GLU A 223 26.15 35.51 54.44
CA GLU A 223 25.10 34.57 54.09
C GLU A 223 24.29 34.22 55.33
N GLN A 224 22.97 34.32 55.23
CA GLN A 224 22.09 34.12 56.41
C GLN A 224 21.59 32.69 56.49
N GLN A 225 21.85 32.02 57.61
CA GLN A 225 21.45 30.59 57.69
C GLN A 225 19.96 30.40 57.43
N GLY A 226 19.18 31.20 58.13
CA GLY A 226 17.72 31.13 57.98
C GLY A 226 17.29 31.36 56.56
N THR A 227 18.22 31.68 55.66
CA THR A 227 17.68 31.88 54.30
C THR A 227 17.33 30.48 53.85
N GLN A 228 16.00 30.37 53.66
CA GLN A 228 15.17 29.24 53.18
C GLN A 228 14.53 29.68 51.88
N PRO A 229 14.56 28.80 50.89
CA PRO A 229 13.93 29.01 49.64
C PRO A 229 13.08 27.80 49.29
N GLY A 230 12.13 27.99 48.39
CA GLY A 230 11.33 26.83 47.96
C GLY A 230 11.78 26.01 46.77
N ASP A 231 10.86 25.56 45.92
CA ASP A 231 11.33 24.77 44.76
C ASP A 231 11.22 25.66 43.51
N ILE A 232 12.13 25.47 42.57
CA ILE A 232 12.09 26.23 41.31
C ILE A 232 10.78 25.84 40.63
N LEU A 233 10.09 26.81 40.04
CA LEU A 233 8.81 26.48 39.41
C LEU A 233 8.69 27.07 38.01
N PRO A 234 7.95 26.49 37.07
CA PRO A 234 7.99 26.97 35.71
C PRO A 234 7.09 28.17 35.47
N ASN A 235 6.90 28.45 34.19
CA ASN A 235 6.01 29.46 33.61
C ASN A 235 5.73 29.12 32.18
N ALA A 236 4.81 29.84 31.58
CA ALA A 236 4.38 29.63 30.20
C ALA A 236 5.39 29.82 29.09
N ASP A 237 6.38 30.68 29.26
CA ASP A 237 7.24 30.97 28.10
C ASP A 237 8.60 30.30 28.33
N GLU A 238 8.64 29.35 29.27
CA GLU A 238 9.80 28.52 29.69
C GLU A 238 10.72 29.28 30.63
N THR A 239 10.39 30.50 31.03
CA THR A 239 11.26 31.16 32.03
C THR A 239 10.64 30.91 33.38
N TRP A 240 11.46 30.54 34.35
CA TRP A 240 10.99 30.02 35.63
C TRP A 240 10.76 31.12 36.66
N TYR A 241 10.60 30.69 37.92
CA TYR A 241 10.28 31.55 39.06
C TYR A 241 10.83 30.89 40.32
N LEU A 242 11.11 31.71 41.33
CA LEU A 242 11.61 31.19 42.60
C LEU A 242 11.37 32.20 43.73
N ARG A 243 11.19 31.67 44.93
CA ARG A 243 10.99 32.52 46.12
C ARG A 243 11.90 32.00 47.22
N ALA A 244 12.64 32.89 47.81
CA ALA A 244 13.50 32.60 48.95
C ALA A 244 13.06 33.45 50.13
N THR A 245 12.97 32.85 51.30
CA THR A 245 12.44 33.53 52.47
C THR A 245 13.48 33.56 53.59
N LEU A 246 13.14 34.31 54.64
CA LEU A 246 13.97 34.41 55.84
C LEU A 246 13.19 34.98 57.03
N ASP A 247 13.30 34.34 58.19
CA ASP A 247 12.66 34.81 59.42
C ASP A 247 13.70 35.54 60.26
N VAL A 248 13.55 36.86 60.37
CA VAL A 248 14.41 37.68 61.22
C VAL A 248 13.55 38.75 61.88
N VAL A 249 14.13 39.43 62.87
CA VAL A 249 13.43 40.47 63.60
C VAL A 249 13.64 41.80 62.88
N ALA A 250 12.74 42.75 63.14
CA ALA A 250 12.74 44.01 62.41
C ALA A 250 14.04 44.79 62.62
N GLY A 251 14.51 44.88 63.86
CA GLY A 251 15.72 45.62 64.14
C GLY A 251 16.94 45.11 63.41
N GLU A 252 16.91 43.85 62.97
CA GLU A 252 18.00 43.26 62.22
C GLU A 252 17.87 43.45 60.72
N ALA A 253 16.85 44.17 60.26
CA ALA A 253 16.63 44.37 58.82
C ALA A 253 17.50 45.46 58.23
N ALA A 254 18.33 46.13 59.03
CA ALA A 254 19.19 47.18 58.53
C ALA A 254 20.38 46.59 57.78
N GLY A 255 20.60 47.05 56.55
CA GLY A 255 21.70 46.59 55.76
C GLY A 255 21.55 45.21 55.16
N LEU A 256 20.47 44.49 55.48
CA LEU A 256 20.24 43.19 54.87
C LEU A 256 20.04 43.35 53.37
N SER A 257 20.27 42.26 52.64
CA SER A 257 20.17 42.29 51.19
C SER A 257 19.99 40.87 50.68
N CYS A 258 19.26 40.74 49.58
CA CYS A 258 19.10 39.45 48.92
C CYS A 258 20.04 39.40 47.73
N ARG A 259 20.93 38.42 47.71
CA ARG A 259 21.90 38.26 46.63
C ARG A 259 21.38 37.26 45.61
N VAL A 260 21.53 37.61 44.33
CA VAL A 260 21.01 36.83 43.22
C VAL A 260 22.18 36.49 42.30
N LYS A 261 22.43 35.20 42.11
CA LYS A 261 23.53 34.73 41.27
C LYS A 261 22.98 33.79 40.21
N HIS A 262 23.07 34.21 38.95
CA HIS A 262 22.61 33.41 37.82
C HIS A 262 23.44 33.77 36.60
N SER A 263 23.45 32.88 35.61
CA SER A 263 24.22 33.07 34.39
C SER A 263 23.79 34.27 33.56
N SER A 264 22.52 34.70 33.65
CA SER A 264 22.04 35.76 32.76
C SER A 264 22.78 37.07 32.97
N LEU A 265 23.30 37.30 34.18
CA LEU A 265 24.20 38.41 34.45
C LEU A 265 25.54 37.85 34.86
N GLU A 266 26.62 38.53 34.54
CA GLU A 266 27.91 37.95 34.94
C GLU A 266 28.54 38.92 35.91
N GLY A 267 28.23 38.74 37.19
CA GLY A 267 28.78 39.56 38.28
C GLY A 267 27.99 40.83 38.53
N GLN A 268 27.09 41.22 37.63
CA GLN A 268 26.30 42.44 37.90
C GLN A 268 25.09 41.98 38.71
N ASP A 269 25.33 41.34 39.86
CA ASP A 269 24.22 40.69 40.64
C ASP A 269 23.12 41.64 40.99
N ILE A 270 21.93 41.11 41.27
CA ILE A 270 20.76 41.94 41.52
C ILE A 270 21.03 42.51 42.91
N VAL A 271 21.29 43.81 42.91
CA VAL A 271 21.56 44.49 44.19
C VAL A 271 20.21 44.90 44.73
N LEU A 272 19.77 44.20 45.76
CA LEU A 272 18.52 44.55 46.46
C LEU A 272 18.75 44.46 47.96
N TYR A 273 19.06 45.61 48.55
CA TYR A 273 19.05 45.79 49.98
C TYR A 273 17.62 46.01 50.43
N TRP A 274 17.40 45.94 51.75
CA TRP A 274 16.02 46.10 52.26
C TRP A 274 15.55 47.54 52.20
N GLY A 275 14.79 47.90 51.18
CA GLY A 275 14.28 49.26 51.06
C GLY A 275 13.79 49.50 49.65
N SER A 276 13.68 48.42 48.86
CA SER A 276 13.24 48.46 47.44
C SER A 276 12.29 47.28 47.15
N ILE B 2 2.08 3.55 48.52
CA ILE B 2 2.16 3.42 47.07
C ILE B 2 1.43 4.56 46.39
N GLN B 3 0.70 5.36 47.19
CA GLN B 3 -0.08 6.48 46.69
C GLN B 3 0.46 7.76 47.31
N ARG B 4 1.02 8.63 46.47
CA ARG B 4 1.45 9.95 46.90
C ARG B 4 0.36 10.95 46.59
N THR B 5 0.07 11.79 47.54
CA THR B 5 -0.90 12.87 47.35
C THR B 5 -0.14 14.08 46.83
N PRO B 6 -0.81 15.07 46.21
CA PRO B 6 0.00 16.12 45.57
C PRO B 6 0.35 17.31 46.45
N LYS B 7 1.16 18.22 45.89
CA LYS B 7 1.59 19.45 46.57
C LYS B 7 1.37 20.61 45.62
N ILE B 8 0.49 21.52 46.01
CA ILE B 8 0.06 22.63 45.16
C ILE B 8 0.82 23.89 45.51
N GLN B 9 1.14 24.69 44.49
CA GLN B 9 1.81 25.98 44.64
C GLN B 9 1.31 26.91 43.55
N VAL B 10 0.82 28.09 43.94
CA VAL B 10 0.26 29.06 43.02
C VAL B 10 1.09 30.35 43.06
N TYR B 11 1.33 30.93 41.89
CA TYR B 11 2.17 32.13 41.79
C TYR B 11 1.86 32.86 40.49
N SER B 12 2.26 34.13 40.47
CA SER B 12 2.08 35.03 39.35
C SER B 12 3.46 35.32 38.75
N ARG B 13 3.44 35.59 37.44
CA ARG B 13 4.62 35.93 36.59
C ARG B 13 5.13 37.36 36.77
N HIS B 14 4.22 38.31 37.02
CA HIS B 14 4.57 39.70 37.16
C HIS B 14 4.11 40.21 38.52
N PRO B 15 4.95 40.97 39.21
CA PRO B 15 4.47 41.65 40.43
C PRO B 15 3.58 42.81 40.04
N ALA B 16 2.28 42.59 40.15
CA ALA B 16 1.28 43.47 39.56
C ALA B 16 0.75 44.44 40.60
N GLU B 17 0.46 45.66 40.16
CA GLU B 17 -0.28 46.58 41.01
C GLU B 17 -1.76 46.24 40.88
N ASN B 18 -2.31 46.46 39.70
CA ASN B 18 -3.75 46.28 39.47
C ASN B 18 -4.11 46.41 38.00
N LYS B 20 -2.65 46.92 34.65
CA LYS B 20 -1.46 46.09 34.77
C LYS B 20 -1.76 44.63 34.40
N SER B 21 -1.97 44.38 33.12
CA SER B 21 -2.32 43.04 32.66
C SER B 21 -1.19 42.06 32.97
N ASN B 22 -1.54 40.94 33.60
CA ASN B 22 -0.60 39.91 33.98
C ASN B 22 -1.30 38.56 33.89
N PHE B 23 -0.51 37.48 33.82
CA PHE B 23 -1.09 36.15 33.91
C PHE B 23 -0.54 35.39 35.11
N LEU B 24 -1.21 34.29 35.43
CA LEU B 24 -1.03 33.56 36.68
C LEU B 24 -0.83 32.08 36.40
N ASN B 25 -0.06 31.41 37.27
CA ASN B 25 0.32 30.02 37.08
C ASN B 25 0.03 29.23 38.35
N CYS B 26 -0.52 28.03 38.18
CA CYS B 26 -0.75 27.08 39.27
C CYS B 26 0.06 25.81 38.98
N TYR B 27 0.96 25.46 39.89
CA TYR B 27 1.85 24.32 39.71
C TYR B 27 1.47 23.23 40.70
N VAL B 28 1.31 22.02 40.18
CA VAL B 28 0.97 20.84 40.97
C VAL B 28 1.94 19.72 40.62
N SER B 29 2.30 18.92 41.61
CA SER B 29 3.27 17.86 41.38
C SER B 29 3.03 16.73 42.37
N GLY B 30 3.78 15.65 42.19
CA GLY B 30 3.78 14.57 43.14
C GLY B 30 2.53 13.75 43.41
N PHE B 31 1.67 13.71 42.38
CA PHE B 31 0.41 12.93 42.42
C PHE B 31 0.64 11.57 41.81
N HIS B 32 0.41 10.48 42.54
CA HIS B 32 0.86 9.22 41.95
C HIS B 32 0.04 8.71 40.78
N PRO B 33 -1.32 8.80 40.77
CA PRO B 33 -2.06 8.53 39.52
C PRO B 33 -2.00 9.74 38.60
N SER B 34 -2.75 9.76 37.49
CA SER B 34 -2.54 10.79 36.49
C SER B 34 -3.76 11.58 36.06
N ASP B 35 -4.98 11.18 36.43
CA ASP B 35 -6.16 11.95 36.07
C ASP B 35 -6.66 12.72 37.28
N ILE B 36 -6.83 14.02 37.10
CA ILE B 36 -7.26 14.93 38.15
C ILE B 36 -8.16 15.98 37.51
N GLU B 37 -9.19 16.39 38.23
CA GLU B 37 -10.05 17.48 37.81
C GLU B 37 -9.50 18.77 38.41
N VAL B 38 -9.25 19.77 37.57
CA VAL B 38 -8.59 20.99 37.95
C VAL B 38 -9.39 22.18 37.44
N ASP B 39 -9.54 23.20 38.27
CA ASP B 39 -10.21 24.43 37.88
C ASP B 39 -9.60 25.62 38.63
N LEU B 40 -9.23 26.65 37.87
CA LEU B 40 -8.88 27.94 38.46
C LEU B 40 -10.14 28.77 38.61
N LEU B 41 -10.34 29.34 39.80
CA LEU B 41 -11.58 30.01 40.16
C LEU B 41 -11.31 31.47 40.51
N LYS B 42 -11.97 32.37 39.77
CA LYS B 42 -11.91 33.82 39.99
C LYS B 42 -12.80 34.15 41.17
N ASN B 43 -12.30 33.86 42.36
CA ASN B 43 -13.07 34.26 43.56
C ASN B 43 -14.49 33.74 43.40
N GLY B 44 -14.65 32.43 43.24
CA GLY B 44 -15.99 31.81 43.28
C GLY B 44 -16.50 31.28 41.95
N GLU B 45 -15.75 31.51 40.88
CA GLU B 45 -16.26 31.11 39.57
C GLU B 45 -15.09 30.68 38.70
N ARG B 46 -15.31 29.68 37.85
CA ARG B 46 -14.28 29.22 36.93
C ARG B 46 -14.08 30.05 35.67
N ILE B 47 -12.89 29.89 35.08
CA ILE B 47 -12.57 30.51 33.79
C ILE B 47 -12.46 29.57 32.59
N GLU B 48 -13.45 29.65 31.70
CA GLU B 48 -13.52 28.74 30.57
C GLU B 48 -12.30 28.98 29.69
N LYS B 49 -12.05 30.24 29.32
CA LYS B 49 -10.92 30.53 28.45
C LYS B 49 -9.64 30.37 29.26
N VAL B 50 -8.93 29.27 29.02
CA VAL B 50 -7.76 28.90 29.80
C VAL B 50 -6.83 28.13 28.88
N GLU B 51 -5.53 28.19 29.18
CA GLU B 51 -4.53 27.51 28.38
C GLU B 51 -3.59 26.75 29.31
N HIS B 52 -3.47 25.45 29.09
CA HIS B 52 -2.66 24.58 29.92
C HIS B 52 -1.51 24.01 29.09
N SER B 53 -0.64 23.24 29.75
CA SER B 53 0.53 22.66 29.10
C SER B 53 0.38 21.14 29.10
N ASP B 54 1.49 20.45 28.84
CA ASP B 54 1.50 19.00 28.71
C ASP B 54 2.04 18.36 29.98
N LEU B 55 1.28 17.42 30.54
CA LEU B 55 1.65 16.83 31.82
C LEU B 55 2.89 15.96 31.68
N SER B 56 3.72 15.99 32.72
CA SER B 56 4.95 15.19 32.78
C SER B 56 5.07 14.59 34.17
N PHE B 57 6.16 13.85 34.39
CA PHE B 57 6.48 13.32 35.69
C PHE B 57 7.98 13.51 35.95
N SER B 58 8.38 13.30 37.20
CA SER B 58 9.73 13.58 37.63
C SER B 58 10.50 12.28 37.74
N LYS B 59 11.75 12.39 38.21
CA LYS B 59 12.62 11.21 38.31
C LYS B 59 11.97 10.09 39.11
N ASP B 60 11.18 10.43 40.11
CA ASP B 60 10.44 9.44 40.87
C ASP B 60 9.14 9.04 40.19
N TRP B 61 8.96 9.38 38.92
CA TRP B 61 7.75 9.12 38.15
C TRP B 61 6.53 9.82 38.73
N SER B 62 6.72 10.77 39.64
CA SER B 62 5.60 11.52 40.18
C SER B 62 5.28 12.64 39.20
N PHE B 63 4.01 12.72 38.81
CA PHE B 63 3.63 13.63 37.75
C PHE B 63 3.76 15.08 38.20
N TYR B 64 3.62 16.00 37.24
CA TYR B 64 3.47 17.42 37.51
C TYR B 64 2.93 18.11 36.28
N LEU B 65 2.22 19.21 36.49
CA LEU B 65 1.63 19.97 35.40
C LEU B 65 1.44 21.42 35.80
N LEU B 66 1.26 22.28 34.80
CA LEU B 66 1.14 23.72 34.98
C LEU B 66 -0.06 24.24 34.20
N TYR B 67 -0.85 25.11 34.83
CA TYR B 67 -1.98 25.78 34.20
C TYR B 67 -1.77 27.30 34.27
N TYR B 68 -1.97 27.98 33.15
CA TYR B 68 -1.78 29.42 33.07
C TYR B 68 -2.98 30.08 32.40
N THR B 69 -3.14 31.38 32.65
CA THR B 69 -4.23 32.15 32.06
C THR B 69 -3.93 33.64 32.20
N GLU B 70 -4.21 34.41 31.14
CA GLU B 70 -4.01 35.85 31.16
C GLU B 70 -5.20 36.56 31.78
N PHE B 71 -4.92 37.63 32.52
CA PHE B 71 -5.94 38.39 33.21
C PHE B 71 -5.43 39.80 33.47
N THR B 72 -6.14 40.44 34.40
CA THR B 72 -5.93 41.81 34.94
C THR B 72 -6.37 41.83 36.41
N PRO B 73 -5.44 41.72 37.37
CA PRO B 73 -5.76 41.47 38.78
C PRO B 73 -6.41 42.62 39.53
N THR B 74 -7.06 42.34 40.67
CA THR B 74 -7.73 43.46 41.33
C THR B 74 -7.26 43.80 42.73
N GLU B 75 -7.76 44.91 43.25
CA GLU B 75 -7.50 45.24 44.66
C GLU B 75 -8.53 44.45 45.45
N LYS B 76 -9.62 44.05 44.79
CA LYS B 76 -10.72 43.38 45.50
C LYS B 76 -10.78 41.84 45.37
N ASP B 77 -10.82 41.26 44.18
CA ASP B 77 -11.05 39.79 44.01
C ASP B 77 -9.84 38.94 44.42
N GLU B 78 -10.08 37.65 44.68
CA GLU B 78 -9.08 36.65 45.17
C GLU B 78 -9.05 35.44 44.23
N TYR B 79 -7.91 34.73 44.06
CA TYR B 79 -7.92 33.61 43.12
C TYR B 79 -7.40 32.38 43.83
N ALA B 80 -7.75 31.20 43.30
CA ALA B 80 -7.39 29.94 43.91
C ALA B 80 -7.32 28.85 42.85
N CYS B 81 -6.86 27.68 43.29
CA CYS B 81 -6.64 26.52 42.43
C CYS B 81 -7.25 25.30 43.11
N ARG B 82 -8.23 24.69 42.44
CA ARG B 82 -8.99 23.57 43.00
C ARG B 82 -8.71 22.30 42.20
N VAL B 83 -8.69 21.17 42.90
CA VAL B 83 -8.34 19.89 42.30
C VAL B 83 -9.05 18.76 43.02
N ASN B 84 -9.63 17.83 42.27
CA ASN B 84 -10.19 16.60 42.81
C ASN B 84 -9.29 15.44 42.41
N HIS B 85 -8.76 14.73 43.42
CA HIS B 85 -7.87 13.59 43.23
C HIS B 85 -8.43 12.40 44.00
N VAL B 86 -7.91 11.22 43.72
CA VAL B 86 -8.30 10.04 44.49
C VAL B 86 -7.82 10.16 45.94
N THR B 87 -6.62 10.70 46.15
CA THR B 87 -6.09 10.85 47.50
C THR B 87 -6.84 11.87 48.34
N LEU B 88 -7.70 12.69 47.74
CA LEU B 88 -8.49 13.67 48.48
C LEU B 88 -9.97 13.31 48.37
N SER B 89 -10.63 13.17 49.51
CA SER B 89 -12.09 13.04 49.50
C SER B 89 -12.76 14.36 49.15
N GLN B 90 -12.21 15.47 49.64
CA GLN B 90 -12.70 16.81 49.38
C GLN B 90 -11.70 17.58 48.52
N PRO B 91 -12.16 18.25 47.45
CA PRO B 91 -11.23 18.97 46.58
C PRO B 91 -10.53 20.14 47.25
N LYS B 92 -9.22 20.01 47.45
CA LYS B 92 -8.44 21.02 48.16
C LYS B 92 -8.20 22.25 47.29
N ILE B 93 -8.32 23.42 47.90
CA ILE B 93 -8.12 24.70 47.23
C ILE B 93 -6.95 25.43 47.89
N VAL B 94 -6.22 26.19 47.08
CA VAL B 94 -5.07 26.97 47.53
C VAL B 94 -5.26 28.40 47.02
N LYS B 95 -5.58 29.32 47.92
CA LYS B 95 -5.81 30.70 47.53
C LYS B 95 -4.49 31.43 47.26
N TRP B 96 -4.52 32.31 46.26
CA TRP B 96 -3.34 33.07 45.86
C TRP B 96 -3.10 34.25 46.81
N ASP B 97 -1.86 34.38 47.27
CA ASP B 97 -1.45 35.57 48.03
C ASP B 97 -0.90 36.59 47.03
N ARG B 98 -1.53 37.75 47.01
CA ARG B 98 -1.08 38.83 46.10
C ARG B 98 0.26 39.33 46.58
N ASP B 99 0.77 38.80 47.68
CA ASP B 99 2.05 39.38 48.14
C ASP B 99 3.12 38.29 48.12
N MET B 100 2.98 37.28 48.97
CA MET B 100 3.96 36.18 49.05
C MET B 100 3.39 35.13 49.99
N ASN C 4 -9.94 -11.92 3.22
CA ASN C 4 -9.48 -12.02 4.61
C ASN C 4 -8.02 -11.59 4.71
N GLN C 5 -7.56 -11.37 5.95
CA GLN C 5 -6.21 -10.91 6.20
C GLN C 5 -5.15 -11.90 5.75
N VAL C 6 -5.54 -13.14 5.44
CA VAL C 6 -4.60 -14.11 4.89
C VAL C 6 -5.31 -14.98 3.87
N GLU C 7 -5.00 -14.80 2.59
CA GLU C 7 -5.58 -15.60 1.53
C GLU C 7 -4.57 -16.65 1.05
N GLN C 8 -5.05 -17.87 0.89
CA GLN C 8 -4.21 -18.98 0.48
C GLN C 8 -4.61 -19.45 -0.91
N SER C 9 -3.62 -19.88 -1.69
CA SER C 9 -3.84 -20.27 -3.08
C SER C 9 -2.85 -21.36 -3.46
N PRO C 10 -3.29 -22.38 -4.22
CA PRO C 10 -4.67 -22.54 -4.65
C PRO C 10 -5.48 -23.39 -3.68
N GLN C 11 -6.80 -23.40 -3.83
CA GLN C 11 -7.66 -24.17 -2.94
C GLN C 11 -7.33 -25.65 -3.03
N SER C 12 -7.59 -26.25 -4.19
CA SER C 12 -7.40 -27.66 -4.40
C SER C 12 -6.47 -27.88 -5.58
N LEU C 13 -5.57 -28.86 -5.45
CA LEU C 13 -4.62 -29.18 -6.51
C LEU C 13 -4.37 -30.68 -6.49
N ILE C 14 -4.13 -31.24 -7.67
CA ILE C 14 -3.89 -32.66 -7.86
C ILE C 14 -2.61 -32.80 -8.69
N ILE C 15 -1.67 -33.61 -8.22
CA ILE C 15 -0.41 -33.83 -8.91
C ILE C 15 -0.07 -35.31 -8.85
N LEU C 16 0.96 -35.68 -9.62
CA LEU C 16 1.36 -37.08 -9.75
C LEU C 16 2.46 -37.41 -8.75
N GLU C 17 2.65 -38.71 -8.53
CA GLU C 17 3.73 -39.17 -7.69
C GLU C 17 5.08 -38.88 -8.34
N GLY C 18 6.03 -38.39 -7.53
CA GLY C 18 7.36 -38.09 -8.01
C GLY C 18 7.53 -36.70 -8.59
N LYS C 19 6.44 -35.95 -8.78
CA LYS C 19 6.55 -34.61 -9.31
C LYS C 19 6.85 -33.61 -8.21
N ASN C 20 7.20 -32.39 -8.62
CA ASN C 20 7.42 -31.30 -7.68
C ASN C 20 6.45 -30.17 -8.00
N CYS C 21 5.88 -29.57 -6.96
CA CYS C 21 4.94 -28.47 -7.12
C CYS C 21 5.14 -27.48 -5.98
N THR C 22 4.31 -26.44 -5.97
CA THR C 22 4.48 -25.33 -5.04
C THR C 22 3.13 -24.91 -4.45
N LEU C 23 3.18 -24.40 -3.22
CA LEU C 23 1.99 -23.89 -2.54
C LEU C 23 2.25 -22.45 -2.10
N GLN C 24 1.31 -21.57 -2.40
CA GLN C 24 1.47 -20.15 -2.16
C GLN C 24 0.56 -19.68 -1.03
N CYS C 25 0.90 -18.52 -0.48
CA CYS C 25 0.12 -17.93 0.61
C CYS C 25 0.33 -16.42 0.58
N ASN C 26 -0.76 -15.67 0.63
CA ASN C 26 -0.70 -14.21 0.60
C ASN C 26 -1.43 -13.66 1.81
N TYR C 27 -0.80 -12.71 2.50
CA TYR C 27 -1.33 -12.16 3.74
C TYR C 27 -1.36 -10.64 3.67
N THR C 28 -2.33 -10.05 4.36
CA THR C 28 -2.44 -8.60 4.45
C THR C 28 -2.30 -8.10 5.88
N VAL C 29 -1.94 -8.98 6.82
CA VAL C 29 -1.97 -8.63 8.24
C VAL C 29 -0.91 -7.58 8.54
N SER C 30 -1.32 -6.52 9.24
CA SER C 30 -0.41 -5.57 9.84
C SER C 30 -0.67 -5.60 11.34
N PRO C 31 0.32 -5.92 12.19
CA PRO C 31 1.74 -6.13 11.85
C PRO C 31 2.07 -7.53 11.32
N PHE C 32 3.31 -7.95 11.57
CA PHE C 32 3.82 -9.24 11.13
C PHE C 32 5.03 -9.58 11.98
N SER C 33 5.21 -10.87 12.28
CA SER C 33 6.37 -11.30 13.04
C SER C 33 6.99 -12.55 12.43
N ASN C 34 6.16 -13.54 12.20
CA ASN C 34 6.65 -14.82 11.63
C ASN C 34 5.59 -15.51 10.79
N LEU C 35 6.02 -16.49 10.01
CA LEU C 35 5.13 -17.22 9.12
C LEU C 35 5.33 -18.71 9.37
N ARG C 36 4.21 -19.43 9.39
CA ARG C 36 4.25 -20.87 9.69
C ARG C 36 3.42 -21.63 8.67
N TRP C 37 4.03 -22.60 8.00
CA TRP C 37 3.32 -23.56 7.17
C TRP C 37 3.08 -24.83 7.99
N TYR C 38 1.83 -25.29 8.05
CA TYR C 38 1.48 -26.49 8.78
C TYR C 38 0.89 -27.54 7.84
N LYS C 39 0.90 -28.79 8.30
CA LYS C 39 0.43 -29.93 7.52
C LYS C 39 -0.49 -30.78 8.39
N GLN C 40 -1.76 -30.87 8.01
CA GLN C 40 -2.75 -31.62 8.78
C GLN C 40 -2.99 -32.96 8.11
N ASP C 41 -2.59 -34.03 8.80
CA ASP C 41 -2.99 -35.36 8.38
C ASP C 41 -4.52 -35.47 8.44
N THR C 42 -5.10 -36.07 7.41
CA THR C 42 -6.55 -36.19 7.32
C THR C 42 -7.09 -36.95 8.53
N GLY C 43 -7.86 -36.25 9.37
CA GLY C 43 -8.39 -36.86 10.56
C GLY C 43 -7.44 -36.88 11.74
N ARG C 44 -6.35 -36.11 11.66
CA ARG C 44 -5.38 -36.06 12.73
C ARG C 44 -4.95 -34.61 12.93
N GLY C 45 -4.32 -34.35 14.08
CA GLY C 45 -3.85 -33.04 14.40
C GLY C 45 -2.78 -32.58 13.43
N PRO C 46 -2.87 -31.32 13.00
CA PRO C 46 -1.84 -30.77 12.11
C PRO C 46 -0.50 -30.64 12.83
N VAL C 47 0.56 -30.54 12.03
CA VAL C 47 1.92 -30.59 12.53
C VAL C 47 2.65 -29.31 12.12
N SER C 48 3.57 -28.88 12.98
CA SER C 48 4.36 -27.69 12.71
C SER C 48 5.54 -28.06 11.82
N LEU C 49 5.78 -27.23 10.80
CA LEU C 49 6.81 -27.53 9.81
C LEU C 49 7.86 -26.44 9.73
N THR C 50 7.52 -25.33 9.08
CA THR C 50 8.42 -24.20 8.89
C THR C 50 8.00 -23.05 9.79
N ILE C 51 8.97 -22.49 10.50
CA ILE C 51 8.75 -21.37 11.41
C ILE C 51 9.77 -20.29 11.06
N MET C 52 9.40 -19.44 10.11
CA MET C 52 10.31 -18.43 9.57
C MET C 52 9.94 -17.05 10.10
N THR C 53 10.89 -16.40 10.77
CA THR C 53 10.77 -14.98 11.05
C THR C 53 10.91 -14.21 9.73
N PHE C 54 10.75 -12.90 9.79
CA PHE C 54 10.78 -12.17 8.52
C PHE C 54 12.19 -11.99 7.98
N SER C 55 13.23 -12.16 8.81
CA SER C 55 14.57 -12.27 8.25
C SER C 55 14.74 -13.59 7.54
N GLU C 56 14.41 -14.69 8.21
CA GLU C 56 14.47 -16.01 7.62
C GLU C 56 13.58 -16.05 6.40
N ASN C 57 14.19 -15.93 5.23
CA ASN C 57 13.45 -15.90 3.97
C ASN C 57 13.06 -17.31 3.55
N THR C 58 14.02 -18.23 3.59
CA THR C 58 13.82 -19.61 3.19
C THR C 58 14.18 -20.53 4.34
N LYS C 59 13.59 -21.72 4.32
CA LYS C 59 13.85 -22.75 5.32
C LYS C 59 13.32 -24.05 4.77
N SER C 60 13.97 -25.15 5.17
CA SER C 60 13.61 -26.46 4.66
C SER C 60 13.65 -27.48 5.78
N ASN C 61 12.69 -28.40 5.76
CA ASN C 61 12.67 -29.58 6.64
C ASN C 61 12.50 -30.80 5.73
N GLY C 62 13.61 -31.43 5.36
CA GLY C 62 13.51 -32.59 4.49
C GLY C 62 13.16 -32.18 3.07
N ARG C 63 12.30 -32.98 2.43
CA ARG C 63 11.91 -32.76 1.03
C ARG C 63 11.00 -31.55 0.85
N TYR C 64 10.79 -30.76 1.90
CA TYR C 64 9.97 -29.56 1.86
C TYR C 64 10.87 -28.33 1.94
N THR C 65 10.54 -27.31 1.16
CA THR C 65 11.34 -26.08 1.14
C THR C 65 10.40 -24.92 0.88
N ALA C 66 10.15 -24.12 1.90
CA ALA C 66 9.27 -22.95 1.78
C ALA C 66 10.09 -21.70 1.53
N THR C 67 9.45 -20.71 0.91
CA THR C 67 10.07 -19.43 0.63
C THR C 67 9.19 -18.31 1.17
N LEU C 68 9.73 -17.09 1.15
CA LEU C 68 9.04 -15.96 1.75
C LEU C 68 9.62 -14.66 1.20
N ASP C 69 8.73 -13.76 0.76
CA ASP C 69 9.09 -12.39 0.38
C ASP C 69 8.16 -11.45 1.14
N ALA C 70 8.65 -10.90 2.24
CA ALA C 70 7.81 -10.03 3.07
C ALA C 70 7.52 -8.71 2.37
N ASP C 71 8.49 -8.21 1.57
CA ASP C 71 8.29 -6.94 0.89
C ASP C 71 7.02 -6.95 0.05
N THR C 72 6.74 -8.07 -0.61
CA THR C 72 5.49 -8.24 -1.33
C THR C 72 4.46 -9.00 -0.52
N LYS C 73 4.77 -9.32 0.74
CA LYS C 73 3.84 -9.98 1.66
C LYS C 73 3.29 -11.26 1.05
N GLN C 74 4.20 -12.17 0.70
CA GLN C 74 3.84 -13.34 -0.07
C GLN C 74 4.73 -14.50 0.32
N SER C 75 4.11 -15.65 0.63
CA SER C 75 4.82 -16.86 0.99
C SER C 75 4.55 -17.95 -0.04
N SER C 76 5.52 -18.82 -0.25
CA SER C 76 5.35 -19.98 -1.11
C SER C 76 5.88 -21.22 -0.39
N LEU C 77 5.68 -22.38 -1.01
CA LEU C 77 6.04 -23.65 -0.37
C LEU C 77 6.37 -24.68 -1.45
N HIS C 78 7.64 -25.06 -1.55
CA HIS C 78 8.13 -25.95 -2.60
C HIS C 78 8.46 -27.32 -2.02
N ILE C 79 7.90 -28.36 -2.64
CA ILE C 79 8.23 -29.74 -2.32
C ILE C 79 8.65 -30.41 -3.62
N THR C 80 9.47 -31.45 -3.47
CA THR C 80 10.06 -32.06 -4.67
C THR C 80 9.79 -33.55 -4.63
N ALA C 81 9.71 -34.19 -5.80
CA ALA C 81 9.58 -35.67 -5.89
C ALA C 81 8.43 -36.11 -5.01
N SER C 82 7.23 -35.66 -5.34
CA SER C 82 6.10 -35.97 -4.46
C SER C 82 5.91 -37.46 -4.25
N GLN C 83 6.04 -37.89 -3.01
CA GLN C 83 5.68 -39.19 -2.47
C GLN C 83 4.17 -39.27 -2.29
N LEU C 84 3.69 -40.48 -2.02
CA LEU C 84 2.26 -40.66 -1.76
C LEU C 84 1.88 -40.11 -0.39
N SER C 85 2.76 -40.26 0.61
CA SER C 85 2.45 -39.84 1.96
C SER C 85 2.27 -38.33 2.09
N ASP C 86 2.66 -37.56 1.08
CA ASP C 86 2.53 -36.11 1.14
C ASP C 86 1.08 -35.64 1.08
N SER C 87 0.14 -36.52 0.77
CA SER C 87 -1.25 -36.12 0.52
C SER C 87 -1.94 -35.80 1.85
N ALA C 88 -2.30 -34.52 2.02
CA ALA C 88 -3.02 -34.04 3.19
C ALA C 88 -3.56 -32.65 2.91
N SER C 89 -3.94 -31.92 3.96
CA SER C 89 -4.35 -30.52 3.83
C SER C 89 -3.26 -29.63 4.42
N TYR C 90 -3.02 -28.49 3.77
CA TYR C 90 -1.92 -27.63 4.15
C TYR C 90 -2.43 -26.23 4.51
N ILE C 91 -1.80 -25.63 5.52
CA ILE C 91 -2.27 -24.39 6.11
C ILE C 91 -1.12 -23.38 6.14
N CYS C 92 -1.49 -22.10 6.22
CA CYS C 92 -0.55 -20.99 6.29
C CYS C 92 -0.91 -20.12 7.48
N VAL C 93 -0.02 -20.04 8.47
CA VAL C 93 -0.29 -19.41 9.74
C VAL C 93 0.71 -18.28 9.97
N VAL C 94 0.21 -17.14 10.43
CA VAL C 94 1.01 -15.96 10.72
C VAL C 94 0.72 -15.52 12.15
N SER C 95 1.77 -15.11 12.86
CA SER C 95 1.63 -14.54 14.19
C SER C 95 2.02 -13.07 14.16
N ASP C 96 1.14 -12.21 14.66
CA ASP C 96 1.38 -10.77 14.63
C ASP C 96 2.20 -10.28 15.82
N ARG C 97 2.78 -11.20 16.60
CA ARG C 97 3.80 -10.87 17.58
C ARG C 97 4.86 -11.96 17.59
N GLY C 98 6.01 -11.67 18.18
CA GLY C 98 7.07 -12.64 18.29
C GLY C 98 7.10 -13.33 19.64
N SER C 99 6.70 -12.61 20.68
CA SER C 99 6.57 -13.20 22.01
C SER C 99 5.22 -13.90 22.10
N THR C 100 4.83 -14.30 23.31
CA THR C 100 3.63 -15.12 23.50
C THR C 100 2.37 -14.26 23.60
N LEU C 101 2.19 -13.36 22.64
CA LEU C 101 1.01 -12.51 22.63
C LEU C 101 0.36 -12.38 21.26
N GLY C 102 0.94 -12.96 20.21
CA GLY C 102 0.46 -12.72 18.86
C GLY C 102 -0.82 -13.46 18.56
N ARG C 103 -1.77 -12.76 17.93
CA ARG C 103 -2.93 -13.44 17.39
C ARG C 103 -2.53 -14.24 16.15
N LEU C 104 -3.21 -15.37 15.96
CA LEU C 104 -2.89 -16.29 14.88
C LEU C 104 -3.91 -16.13 13.76
N TYR C 105 -3.40 -15.98 12.53
CA TYR C 105 -4.23 -15.69 11.35
C TYR C 105 -4.09 -16.85 10.38
N PHE C 106 -4.97 -17.84 10.49
CA PHE C 106 -4.89 -19.01 9.64
C PHE C 106 -5.43 -18.69 8.25
N GLY C 107 -4.79 -19.27 7.23
CA GLY C 107 -5.35 -19.23 5.91
C GLY C 107 -6.52 -20.19 5.78
N ARG C 108 -7.34 -19.95 4.76
CA ARG C 108 -8.49 -20.82 4.53
C ARG C 108 -8.11 -22.28 4.37
N GLY C 109 -6.86 -22.56 4.03
CA GLY C 109 -6.41 -23.95 3.95
C GLY C 109 -6.47 -24.51 2.55
N THR C 110 -5.39 -25.13 2.11
CA THR C 110 -5.36 -25.83 0.84
C THR C 110 -5.23 -27.32 1.07
N GLN C 111 -5.62 -28.09 0.07
CA GLN C 111 -5.51 -29.54 0.14
C GLN C 111 -5.06 -30.06 -1.22
N LEU C 112 -4.16 -31.04 -1.20
CA LEU C 112 -3.58 -31.60 -2.41
C LEU C 112 -3.79 -33.10 -2.46
N THR C 113 -3.55 -33.67 -3.64
CA THR C 113 -3.61 -35.11 -3.85
C THR C 113 -2.49 -35.52 -4.79
N VAL C 114 -1.63 -36.42 -4.35
CA VAL C 114 -0.53 -36.93 -5.14
C VAL C 114 -0.93 -38.31 -5.64
N TRP C 115 -1.23 -38.41 -6.92
CA TRP C 115 -1.63 -39.68 -7.51
C TRP C 115 -0.43 -40.44 -8.06
N PRO C 116 -0.51 -41.76 -8.12
CA PRO C 116 0.61 -42.54 -8.62
C PRO C 116 0.65 -42.56 -10.14
N ASP C 117 1.85 -42.43 -10.68
CA ASP C 117 2.06 -42.54 -12.12
C ASP C 117 2.40 -43.99 -12.42
N ILE C 118 1.43 -44.72 -12.95
CA ILE C 118 1.59 -46.15 -13.21
C ILE C 118 1.92 -46.33 -14.69
N GLN C 119 3.03 -47.02 -14.97
CA GLN C 119 3.52 -47.11 -16.34
C GLN C 119 2.85 -48.24 -17.12
N ASN C 120 2.47 -49.33 -16.45
CA ASN C 120 1.90 -50.52 -17.07
C ASN C 120 0.48 -50.72 -16.56
N PRO C 121 -0.52 -50.16 -17.25
CA PRO C 121 -1.91 -50.31 -16.79
C PRO C 121 -2.67 -51.45 -17.45
N ASP C 122 -3.31 -52.30 -16.65
CA ASP C 122 -4.13 -53.41 -17.13
C ASP C 122 -5.48 -53.36 -16.42
N PRO C 123 -6.40 -52.52 -16.89
CA PRO C 123 -7.68 -52.39 -16.19
C PRO C 123 -8.54 -53.62 -16.35
N ALA C 124 -9.22 -54.00 -15.27
CA ALA C 124 -10.00 -55.22 -15.24
C ALA C 124 -11.02 -55.16 -14.11
N VAL C 125 -12.06 -55.99 -14.24
CA VAL C 125 -13.14 -56.07 -13.26
C VAL C 125 -13.31 -57.54 -12.87
N TYR C 126 -13.30 -57.81 -11.56
CA TYR C 126 -13.45 -59.16 -11.05
C TYR C 126 -14.62 -59.23 -10.07
N GLN C 127 -15.05 -60.45 -9.79
CA GLN C 127 -16.06 -60.75 -8.80
C GLN C 127 -15.53 -61.83 -7.87
N LEU C 128 -15.81 -61.68 -6.58
CA LEU C 128 -15.23 -62.58 -5.59
C LEU C 128 -16.27 -62.98 -4.56
N ARG C 129 -15.95 -64.03 -3.82
CA ARG C 129 -16.90 -64.66 -2.91
C ARG C 129 -17.10 -63.84 -1.65
N ASP C 130 -18.34 -63.81 -1.17
CA ASP C 130 -18.70 -63.02 0.01
C ASP C 130 -18.88 -63.89 1.25
N SER C 131 -18.40 -65.12 1.22
CA SER C 131 -18.38 -66.02 2.38
C SER C 131 -19.72 -66.08 3.10
N LYS C 132 -20.81 -65.99 2.36
CA LYS C 132 -22.16 -66.01 2.92
C LYS C 132 -22.34 -65.00 4.04
N SER C 137 -20.63 -61.02 -3.47
CA SER C 137 -21.81 -60.26 -3.86
C SER C 137 -21.42 -58.93 -4.50
N VAL C 138 -20.14 -58.57 -4.37
CA VAL C 138 -19.64 -57.28 -4.79
C VAL C 138 -18.57 -57.48 -5.87
N CYS C 139 -18.63 -56.67 -6.91
CA CYS C 139 -17.61 -56.65 -7.94
C CYS C 139 -16.64 -55.50 -7.68
N LEU C 140 -15.42 -55.65 -8.18
CA LEU C 140 -14.38 -54.66 -7.99
C LEU C 140 -13.76 -54.29 -9.34
N PHE C 141 -13.25 -53.06 -9.42
CA PHE C 141 -12.45 -52.63 -10.55
C PHE C 141 -11.15 -52.04 -10.03
N THR C 142 -10.04 -52.41 -10.66
CA THR C 142 -8.72 -52.03 -10.18
C THR C 142 -7.81 -51.72 -11.36
N ASP C 143 -6.60 -51.27 -11.03
CA ASP C 143 -5.53 -51.00 -12.00
C ASP C 143 -6.01 -50.08 -13.11
N PHE C 144 -6.40 -48.87 -12.70
CA PHE C 144 -6.95 -47.88 -13.60
C PHE C 144 -5.95 -46.75 -13.81
N ASP C 145 -5.93 -46.21 -15.03
CA ASP C 145 -5.24 -44.96 -15.29
C ASP C 145 -5.75 -43.91 -14.32
N SER C 146 -4.86 -43.41 -13.46
CA SER C 146 -5.29 -42.49 -12.41
C SER C 146 -6.01 -41.27 -12.96
N GLN C 147 -5.72 -40.90 -14.21
CA GLN C 147 -6.44 -39.80 -14.83
C GLN C 147 -7.87 -40.17 -15.22
N THR C 148 -8.16 -41.47 -15.38
CA THR C 148 -9.53 -41.88 -15.70
C THR C 148 -10.43 -41.65 -14.49
N ASN C 149 -11.68 -41.31 -14.77
CA ASN C 149 -12.58 -40.74 -13.77
C ASN C 149 -13.80 -41.63 -13.55
N VAL C 150 -14.51 -41.35 -12.46
CA VAL C 150 -15.59 -42.18 -11.96
C VAL C 150 -16.79 -41.31 -11.59
N SER C 151 -17.98 -41.90 -11.69
CA SER C 151 -19.21 -41.31 -11.15
C SER C 151 -19.83 -42.29 -10.16
N GLN C 152 -20.89 -41.84 -9.50
CA GLN C 152 -21.58 -42.65 -8.49
C GLN C 152 -22.96 -43.06 -9.00
N SER C 153 -23.64 -43.86 -8.18
CA SER C 153 -24.90 -44.57 -8.54
C SER C 153 -26.07 -43.67 -8.91
N LYS C 154 -26.84 -44.13 -9.88
CA LYS C 154 -28.08 -43.48 -10.34
C LYS C 154 -29.18 -43.65 -9.28
N ASP C 155 -29.27 -44.84 -8.68
CA ASP C 155 -30.38 -45.13 -7.73
C ASP C 155 -29.84 -45.59 -6.39
N SER C 156 -30.58 -45.25 -5.34
CA SER C 156 -30.05 -45.49 -4.00
C SER C 156 -29.83 -46.98 -3.71
N ASP C 157 -30.44 -47.88 -4.50
CA ASP C 157 -30.20 -49.30 -4.29
C ASP C 157 -28.75 -49.67 -4.58
N VAL C 158 -28.10 -48.95 -5.48
CA VAL C 158 -26.74 -49.25 -5.91
C VAL C 158 -25.77 -48.33 -5.17
N TYR C 159 -24.63 -48.89 -4.78
CA TYR C 159 -23.60 -48.18 -4.05
C TYR C 159 -22.31 -48.20 -4.85
N ILE C 160 -21.60 -47.08 -4.85
CA ILE C 160 -20.36 -46.93 -5.63
C ILE C 160 -19.40 -46.04 -4.85
N THR C 161 -18.17 -46.52 -4.64
CA THR C 161 -17.15 -45.75 -3.95
C THR C 161 -16.36 -44.92 -4.97
N ASP C 162 -15.31 -44.27 -4.50
CA ASP C 162 -14.41 -43.53 -5.37
C ASP C 162 -13.02 -44.15 -5.32
N LYS C 163 -12.10 -43.50 -6.00
CA LYS C 163 -10.77 -44.05 -6.16
C LYS C 163 -10.04 -43.79 -4.83
N CYS C 164 -9.02 -44.64 -4.63
CA CYS C 164 -7.98 -44.68 -3.54
C CYS C 164 -6.83 -45.60 -3.97
N VAL C 165 -5.53 -45.29 -3.80
CA VAL C 165 -4.49 -46.18 -4.26
C VAL C 165 -3.87 -46.95 -3.10
N LEU C 166 -2.99 -47.89 -3.43
CA LEU C 166 -2.35 -48.73 -2.44
C LEU C 166 -0.90 -48.92 -2.81
N ASP C 167 -0.06 -49.13 -1.80
CA ASP C 167 1.38 -49.30 -1.99
C ASP C 167 1.84 -50.59 -1.33
N MET C 168 2.53 -51.42 -2.11
CA MET C 168 3.17 -52.64 -1.62
C MET C 168 4.69 -52.40 -1.67
N ARG C 169 5.20 -51.76 -0.62
CA ARG C 169 6.60 -51.35 -0.59
C ARG C 169 7.55 -52.53 -0.75
N SER C 170 7.09 -53.74 -0.43
CA SER C 170 7.96 -54.91 -0.56
C SER C 170 8.37 -55.16 -2.00
N MET C 171 7.51 -54.81 -2.97
CA MET C 171 7.81 -55.09 -4.37
C MET C 171 7.58 -53.88 -5.25
N ASP C 172 7.57 -52.68 -4.67
CA ASP C 172 7.53 -51.42 -5.43
C ASP C 172 6.31 -51.37 -6.37
N PHE C 173 5.16 -51.82 -5.86
CA PHE C 173 3.93 -51.83 -6.63
C PHE C 173 2.94 -50.83 -6.06
N LYS C 174 2.38 -50.00 -6.93
CA LYS C 174 1.41 -48.98 -6.54
C LYS C 174 0.29 -49.00 -7.57
N SER C 175 -0.92 -49.36 -7.15
CA SER C 175 -2.03 -49.56 -8.08
C SER C 175 -3.31 -48.95 -7.52
N ASN C 176 -4.17 -48.50 -8.44
CA ASN C 176 -5.46 -47.94 -8.06
C ASN C 176 -6.38 -49.06 -7.58
N SER C 177 -7.62 -48.70 -7.28
CA SER C 177 -8.67 -49.64 -6.87
C SER C 177 -9.99 -48.89 -6.80
N ALA C 178 -11.09 -49.64 -6.92
CA ALA C 178 -12.43 -49.09 -6.83
C ALA C 178 -13.42 -50.23 -6.65
N VAL C 179 -14.50 -49.95 -5.92
CA VAL C 179 -15.46 -50.97 -5.52
C VAL C 179 -16.89 -50.44 -5.70
N ALA C 180 -17.81 -51.34 -6.06
CA ALA C 180 -19.22 -50.96 -6.15
C ALA C 180 -20.07 -52.22 -5.99
N TRP C 181 -21.26 -52.04 -5.41
CA TRP C 181 -22.14 -53.18 -5.19
C TRP C 181 -23.56 -52.70 -4.89
N SER C 182 -24.46 -53.68 -4.82
CA SER C 182 -25.82 -53.47 -4.36
C SER C 182 -26.31 -54.79 -3.78
N ASN C 183 -27.55 -54.80 -3.29
CA ASN C 183 -28.11 -56.01 -2.70
C ASN C 183 -29.01 -56.78 -3.64
N LYS C 184 -29.86 -56.10 -4.40
CA LYS C 184 -30.81 -56.78 -5.26
C LYS C 184 -30.10 -57.66 -6.29
N SER C 185 -30.77 -58.74 -6.68
CA SER C 185 -30.17 -59.71 -7.60
C SER C 185 -29.88 -59.11 -8.96
N ASP C 186 -30.53 -58.01 -9.33
CA ASP C 186 -30.25 -57.31 -10.57
C ASP C 186 -28.81 -56.77 -10.64
N PHE C 187 -28.01 -56.90 -9.58
CA PHE C 187 -26.66 -56.33 -9.59
C PHE C 187 -25.79 -57.05 -10.63
N ALA C 188 -25.66 -56.42 -11.81
CA ALA C 188 -24.77 -56.90 -12.86
C ALA C 188 -23.54 -56.00 -12.91
N CYS C 189 -22.36 -56.63 -12.85
CA CYS C 189 -21.13 -55.85 -12.82
C CYS C 189 -20.84 -55.18 -14.15
N ALA C 190 -21.40 -55.68 -15.24
CA ALA C 190 -21.13 -55.11 -16.55
C ALA C 190 -21.62 -53.68 -16.64
N ASN C 191 -22.75 -53.38 -16.02
CA ASN C 191 -23.34 -52.05 -16.12
C ASN C 191 -23.26 -51.25 -14.84
N ALA C 192 -22.66 -51.79 -13.78
CA ALA C 192 -22.58 -51.08 -12.51
C ALA C 192 -21.73 -49.83 -12.57
N PHE C 193 -20.99 -49.61 -13.67
CA PHE C 193 -20.08 -48.48 -13.77
C PHE C 193 -20.40 -47.58 -14.95
N ASN C 194 -21.55 -47.78 -15.61
CA ASN C 194 -21.84 -47.06 -16.84
C ASN C 194 -21.86 -45.55 -16.62
N ASN C 195 -22.30 -45.11 -15.44
CA ASN C 195 -22.28 -43.68 -15.13
C ASN C 195 -20.86 -43.12 -15.16
N SER C 196 -19.85 -43.98 -15.07
CA SER C 196 -18.45 -43.58 -15.14
C SER C 196 -17.88 -43.98 -16.49
N ILE C 197 -17.19 -43.05 -17.14
CA ILE C 197 -16.56 -43.35 -18.41
C ILE C 197 -15.28 -44.13 -18.16
N ILE C 198 -15.17 -45.30 -18.78
CA ILE C 198 -14.04 -46.20 -18.57
C ILE C 198 -13.47 -46.62 -19.92
N PRO C 199 -12.19 -46.99 -19.99
CA PRO C 199 -11.61 -47.35 -21.30
C PRO C 199 -12.12 -48.68 -21.79
N GLU C 200 -12.00 -48.88 -23.10
CA GLU C 200 -12.50 -50.09 -23.73
C GLU C 200 -11.53 -51.25 -23.61
N ASP C 201 -10.26 -50.98 -23.33
CA ASP C 201 -9.29 -52.06 -23.12
C ASP C 201 -9.49 -52.78 -21.79
N THR C 202 -10.49 -52.38 -21.00
CA THR C 202 -10.80 -53.08 -19.77
C THR C 202 -11.35 -54.47 -20.09
N PHE C 203 -10.68 -55.50 -19.61
CA PHE C 203 -11.15 -56.87 -19.77
C PHE C 203 -11.78 -57.34 -18.47
N PHE C 204 -12.99 -57.89 -18.56
CA PHE C 204 -13.67 -58.37 -17.37
C PHE C 204 -14.29 -59.74 -17.62
N PRO C 205 -13.95 -60.75 -16.82
CA PRO C 205 -14.48 -62.12 -16.98
C PRO C 205 -16.00 -62.19 -16.93
N ASP D 1 4.49 -36.03 26.08
CA ASP D 1 3.81 -35.45 24.93
C ASP D 1 2.56 -34.71 25.38
N ILE D 2 1.57 -34.63 24.51
CA ILE D 2 0.31 -33.94 24.78
C ILE D 2 -0.84 -34.88 24.48
N TYR D 3 -1.75 -35.03 25.44
CA TYR D 3 -2.81 -36.03 25.38
C TYR D 3 -4.16 -35.38 25.62
N GLN D 4 -5.16 -35.79 24.84
CA GLN D 4 -6.54 -35.38 25.09
C GLN D 4 -7.48 -36.54 24.75
N THR D 5 -8.39 -36.82 25.68
CA THR D 5 -9.34 -37.91 25.55
C THR D 5 -10.77 -37.36 25.51
N PRO D 6 -11.69 -38.04 24.81
CA PRO D 6 -11.45 -39.20 23.97
C PRO D 6 -11.54 -38.88 22.49
N ARG D 7 -10.90 -39.69 21.65
CA ARG D 7 -10.90 -39.45 20.20
C ARG D 7 -12.33 -39.31 19.68
N TYR D 8 -13.21 -40.22 20.06
CA TYR D 8 -14.59 -40.18 19.62
C TYR D 8 -15.51 -40.21 20.82
N LEU D 9 -16.71 -39.65 20.64
CA LEU D 9 -17.70 -39.59 21.70
C LEU D 9 -19.04 -39.24 21.08
N VAL D 10 -20.11 -39.70 21.73
CA VAL D 10 -21.48 -39.40 21.31
C VAL D 10 -22.36 -39.35 22.55
N ILE D 11 -23.31 -38.40 22.57
CA ILE D 11 -24.16 -38.17 23.73
C ILE D 11 -25.47 -37.56 23.24
N GLY D 12 -26.44 -37.46 24.17
CA GLY D 12 -27.74 -36.91 23.84
C GLY D 12 -27.83 -35.41 24.04
N THR D 13 -28.72 -34.79 23.27
CA THR D 13 -28.86 -33.34 23.30
C THR D 13 -29.33 -32.87 24.67
N GLY D 14 -28.80 -31.71 25.10
CA GLY D 14 -29.16 -31.13 26.37
C GLY D 14 -28.40 -31.67 27.57
N LYS D 15 -27.51 -32.63 27.36
CA LYS D 15 -26.76 -33.22 28.45
C LYS D 15 -25.41 -32.52 28.62
N LYS D 16 -24.69 -32.90 29.68
CA LYS D 16 -23.42 -32.29 30.00
C LYS D 16 -22.27 -33.04 29.34
N ILE D 17 -21.26 -32.25 28.95
CA ILE D 17 -20.13 -32.66 28.05
C ILE D 17 -18.81 -33.07 28.72
N THR D 18 -18.36 -34.28 28.44
CA THR D 18 -17.03 -34.62 28.98
C THR D 18 -15.88 -34.35 28.02
N LEU D 19 -15.12 -33.28 28.22
CA LEU D 19 -13.96 -33.03 27.32
C LEU D 19 -12.69 -32.82 28.12
N GLU D 20 -11.68 -33.64 27.86
CA GLU D 20 -10.44 -33.67 28.63
C GLU D 20 -9.26 -33.30 27.73
N CYS D 21 -8.14 -33.02 28.39
CA CYS D 21 -6.88 -32.70 27.74
C CYS D 21 -5.77 -32.79 28.78
N SER D 22 -4.59 -33.22 28.34
CA SER D 22 -3.46 -33.38 29.24
C SER D 22 -2.18 -33.02 28.50
N GLN D 23 -1.14 -32.72 29.26
CA GLN D 23 0.11 -32.23 28.68
C GLN D 23 1.25 -32.61 29.60
N THR D 24 2.32 -33.17 29.04
CA THR D 24 3.45 -33.65 29.82
C THR D 24 4.73 -32.88 29.52
N MET D 25 4.62 -31.70 28.92
CA MET D 25 5.78 -30.86 28.64
C MET D 25 5.82 -29.63 29.53
N GLY D 26 4.94 -29.53 30.52
CA GLY D 26 4.98 -28.44 31.47
C GLY D 26 4.76 -27.07 30.88
N HIS D 27 4.13 -26.97 29.72
CA HIS D 27 3.90 -25.66 29.11
C HIS D 27 2.81 -24.90 29.86
N ASP D 28 3.00 -23.58 29.98
CA ASP D 28 2.06 -22.76 30.73
C ASP D 28 0.82 -22.43 29.90
N LYS D 29 0.98 -22.18 28.60
CA LYS D 29 -0.12 -21.79 27.74
C LYS D 29 -0.68 -23.00 27.01
N MET D 30 -2.01 -23.04 26.90
CA MET D 30 -2.71 -24.09 26.17
C MET D 30 -3.83 -23.45 25.35
N TYR D 31 -4.44 -24.26 24.48
CA TYR D 31 -5.44 -23.76 23.53
C TYR D 31 -6.67 -24.68 23.50
N TRP D 32 -7.61 -24.30 22.65
CA TRP D 32 -8.72 -25.15 22.21
C TRP D 32 -9.19 -24.60 20.88
N TYR D 33 -9.49 -25.48 19.93
CA TYR D 33 -9.94 -25.04 18.62
C TYR D 33 -11.20 -25.76 18.23
N GLN D 34 -11.89 -25.21 17.24
CA GLN D 34 -13.08 -25.82 16.66
C GLN D 34 -12.92 -25.82 15.16
N GLN D 35 -12.92 -27.01 14.55
CA GLN D 35 -12.85 -27.14 13.10
C GLN D 35 -13.99 -28.01 12.62
N ASP D 36 -14.85 -27.45 11.80
CA ASP D 36 -15.83 -28.28 11.12
C ASP D 36 -15.18 -28.93 9.90
N PRO D 37 -15.50 -30.19 9.62
CA PRO D 37 -14.80 -30.91 8.55
C PRO D 37 -14.90 -30.19 7.21
N GLY D 38 -13.81 -30.21 6.46
CA GLY D 38 -13.72 -29.54 5.19
C GLY D 38 -13.55 -28.04 5.27
N MET D 39 -13.63 -27.45 6.47
CA MET D 39 -13.51 -26.02 6.66
C MET D 39 -12.22 -25.71 7.40
N GLU D 40 -11.97 -24.41 7.61
CA GLU D 40 -10.75 -23.93 8.22
C GLU D 40 -10.77 -24.10 9.73
N LEU D 41 -9.90 -23.38 10.44
CA LEU D 41 -9.78 -23.46 11.88
C LEU D 41 -10.47 -22.29 12.56
N HIS D 42 -10.82 -22.49 13.83
CA HIS D 42 -11.47 -21.46 14.64
C HIS D 42 -11.03 -21.59 16.08
N LEU D 43 -10.55 -20.48 16.65
CA LEU D 43 -10.16 -20.41 18.05
C LEU D 43 -11.34 -19.98 18.90
N ILE D 44 -11.40 -20.50 20.12
CA ILE D 44 -12.58 -20.29 20.95
C ILE D 44 -12.19 -19.90 22.38
N HIS D 45 -11.08 -20.45 22.88
CA HIS D 45 -10.64 -20.16 24.24
C HIS D 45 -9.13 -20.39 24.35
N TYR D 46 -8.58 -19.98 25.49
CA TYR D 46 -7.15 -20.08 25.75
C TYR D 46 -6.90 -19.74 27.22
N SER D 47 -5.75 -20.21 27.72
CA SER D 47 -5.30 -19.92 29.07
C SER D 47 -3.82 -19.58 29.04
N TYR D 48 -3.49 -18.33 29.39
CA TYR D 48 -2.09 -17.94 29.49
C TYR D 48 -1.41 -18.50 30.72
N GLY D 49 -2.16 -18.84 31.75
CA GLY D 49 -1.58 -19.39 32.96
C GLY D 49 -2.42 -20.48 33.59
N VAL D 50 -2.10 -20.84 34.83
CA VAL D 50 -2.85 -21.89 35.51
C VAL D 50 -4.25 -21.41 35.85
N ASN D 51 -4.36 -20.20 36.39
CA ASN D 51 -5.64 -19.65 36.81
C ASN D 51 -6.30 -18.80 35.73
N SER D 52 -5.82 -18.87 34.48
CA SER D 52 -6.52 -18.06 33.45
C SER D 52 -7.39 -18.94 32.58
N THR D 53 -8.49 -18.39 32.08
CA THR D 53 -9.44 -19.13 31.20
C THR D 53 -10.13 -18.04 30.40
N GLU D 54 -9.87 -17.88 29.10
CA GLU D 54 -10.45 -16.67 28.46
C GLU D 54 -11.30 -17.00 27.25
N LYS D 55 -12.15 -16.08 26.80
CA LYS D 55 -12.98 -16.42 25.65
C LYS D 55 -12.34 -15.94 24.36
N GLY D 56 -12.69 -16.60 23.25
CA GLY D 56 -12.12 -16.28 21.96
C GLY D 56 -13.06 -15.45 21.09
N ASP D 57 -12.63 -15.24 19.85
CA ASP D 57 -13.41 -14.45 18.90
C ASP D 57 -14.79 -15.04 18.69
N LEU D 58 -14.91 -16.36 18.75
CA LEU D 58 -16.21 -17.00 18.61
C LEU D 58 -16.90 -17.03 19.96
N SER D 59 -18.01 -16.32 20.08
CA SER D 59 -18.84 -16.42 21.28
C SER D 59 -19.56 -17.76 21.27
N SER D 60 -19.29 -18.59 22.27
CA SER D 60 -19.90 -19.90 22.37
C SER D 60 -20.26 -20.16 23.84
N GLU D 61 -21.01 -21.24 23.99
CA GLU D 61 -21.49 -21.67 25.31
C GLU D 61 -20.50 -22.69 25.87
N SER D 62 -19.22 -22.61 25.52
CA SER D 62 -18.31 -23.60 26.14
C SER D 62 -17.92 -23.17 27.56
N THR D 63 -17.33 -24.11 28.32
CA THR D 63 -16.96 -23.89 29.74
C THR D 63 -15.49 -24.23 29.92
N VAL D 64 -14.65 -23.37 29.38
CA VAL D 64 -13.20 -23.58 29.42
C VAL D 64 -12.76 -23.43 30.87
N SER D 65 -12.32 -24.49 31.53
CA SER D 65 -11.74 -24.41 32.86
C SER D 65 -10.29 -24.83 32.81
N ARG D 66 -9.49 -24.22 33.68
CA ARG D 66 -8.12 -24.66 33.93
C ARG D 66 -7.79 -24.37 35.38
N ILE D 67 -7.71 -25.41 36.19
CA ILE D 67 -7.15 -25.29 37.52
C ILE D 67 -5.77 -25.91 37.62
N ARG D 68 -5.43 -26.82 36.71
CA ARG D 68 -4.13 -27.48 36.69
C ARG D 68 -3.37 -27.08 35.42
N THR D 69 -2.05 -27.14 35.52
CA THR D 69 -1.22 -26.81 34.36
C THR D 69 -1.33 -27.89 33.29
N GLU D 70 -1.38 -29.15 33.72
CA GLU D 70 -1.47 -30.26 32.76
C GLU D 70 -2.86 -30.35 32.15
N HIS D 71 -3.86 -30.65 32.98
CA HIS D 71 -5.23 -30.75 32.50
C HIS D 71 -5.73 -29.38 32.05
N PHE D 72 -6.15 -29.27 30.81
CA PHE D 72 -6.88 -28.06 30.36
C PHE D 72 -8.12 -28.63 29.70
N PRO D 73 -9.04 -29.19 30.47
CA PRO D 73 -10.27 -29.75 29.92
C PRO D 73 -11.33 -28.69 29.70
N LEU D 74 -12.01 -28.79 28.57
CA LEU D 74 -13.16 -27.94 28.27
C LEU D 74 -14.43 -28.67 28.68
N THR D 75 -15.42 -27.91 29.12
CA THR D 75 -16.72 -28.46 29.48
C THR D 75 -17.81 -27.69 28.76
N LEU D 76 -18.98 -28.33 28.66
CA LEU D 76 -20.14 -27.72 28.03
C LEU D 76 -21.38 -28.17 28.77
N GLU D 77 -22.25 -27.22 29.12
CA GLU D 77 -23.39 -27.52 29.98
C GLU D 77 -24.46 -28.30 29.23
N SER D 78 -25.08 -27.66 28.23
CA SER D 78 -26.18 -28.27 27.49
C SER D 78 -25.75 -28.57 26.06
N ALA D 79 -26.12 -29.75 25.57
CA ALA D 79 -25.74 -30.19 24.24
C ALA D 79 -26.73 -29.69 23.18
N ARG D 80 -26.25 -29.62 21.93
CA ARG D 80 -27.03 -29.11 20.81
C ARG D 80 -26.39 -29.57 19.52
N PRO D 81 -27.17 -29.92 18.50
CA PRO D 81 -26.57 -30.48 17.27
C PRO D 81 -25.63 -29.54 16.53
N SER D 82 -25.84 -28.23 16.61
CA SER D 82 -24.96 -27.30 15.89
C SER D 82 -23.52 -27.34 16.40
N HIS D 83 -23.27 -28.06 17.49
CA HIS D 83 -21.93 -28.16 18.06
C HIS D 83 -21.06 -29.21 17.38
N THR D 84 -21.63 -30.04 16.50
CA THR D 84 -20.89 -31.15 15.90
C THR D 84 -19.69 -30.69 15.09
N SER D 85 -18.48 -30.99 15.57
CA SER D 85 -17.25 -30.63 14.86
C SER D 85 -16.08 -31.42 15.43
N GLN D 86 -14.87 -30.88 15.29
CA GLN D 86 -13.66 -31.46 15.85
C GLN D 86 -12.97 -30.41 16.71
N TYR D 87 -12.30 -30.87 17.77
CA TYR D 87 -11.76 -29.96 18.77
C TYR D 87 -10.35 -30.40 19.15
N LEU D 88 -9.44 -29.42 19.17
CA LEU D 88 -8.00 -29.71 19.16
C LEU D 88 -7.31 -28.92 20.27
N CYS D 89 -7.04 -29.57 21.40
CA CYS D 89 -6.19 -28.98 22.42
C CYS D 89 -4.81 -28.72 21.83
N ALA D 90 -4.17 -27.64 22.25
CA ALA D 90 -2.87 -27.27 21.71
C ALA D 90 -1.98 -26.71 22.82
N SER D 91 -0.69 -26.60 22.54
CA SER D 91 0.28 -26.18 23.56
C SER D 91 1.50 -25.60 22.88
N THR D 92 2.20 -24.72 23.60
CA THR D 92 3.43 -24.10 23.13
C THR D 92 4.41 -23.98 24.28
N SER D 93 5.69 -23.97 23.93
CA SER D 93 6.79 -23.87 24.92
C SER D 93 6.95 -22.43 25.37
N ARG D 94 7.36 -22.27 26.62
CA ARG D 94 7.57 -20.95 27.22
C ARG D 94 8.76 -20.24 26.58
N ARG D 95 9.58 -20.95 25.78
CA ARG D 95 10.80 -20.31 25.22
C ARG D 95 11.31 -20.90 23.89
N GLY D 96 11.17 -20.17 22.80
CA GLY D 96 11.85 -20.50 21.54
C GLY D 96 11.20 -21.57 20.71
N SER D 97 11.31 -21.47 19.38
CA SER D 97 10.73 -22.46 18.45
C SER D 97 9.30 -22.64 18.88
N TYR D 98 8.52 -21.59 18.78
CA TYR D 98 7.15 -21.69 19.31
C TYR D 98 6.35 -22.65 18.43
N GLU D 99 6.90 -23.85 18.30
CA GLU D 99 6.18 -24.86 17.53
C GLU D 99 4.90 -25.12 18.26
N GLN D 100 3.87 -24.45 17.81
CA GLN D 100 2.58 -24.80 18.38
C GLN D 100 2.38 -26.31 18.26
N TYR D 101 2.30 -26.98 19.40
CA TYR D 101 2.10 -28.42 19.46
C TYR D 101 0.63 -28.73 19.67
N PHE D 102 0.12 -29.69 18.91
CA PHE D 102 -1.30 -30.03 18.92
C PHE D 102 -1.51 -31.41 19.53
N GLY D 103 -2.67 -31.61 20.13
CA GLY D 103 -3.09 -32.91 20.57
C GLY D 103 -3.64 -33.72 19.43
N PRO D 104 -3.98 -34.98 19.73
CA PRO D 104 -4.53 -35.85 18.68
C PRO D 104 -5.84 -35.36 18.11
N GLY D 105 -6.69 -34.78 18.94
CA GLY D 105 -7.99 -34.30 18.52
C GLY D 105 -9.11 -35.24 18.94
N THR D 106 -10.30 -34.66 19.06
CA THR D 106 -11.49 -35.39 19.46
C THR D 106 -12.62 -35.11 18.48
N ARG D 107 -13.35 -36.16 18.08
CA ARG D 107 -14.48 -36.04 17.18
C ARG D 107 -15.78 -36.03 17.96
N LEU D 108 -16.65 -35.08 17.66
CA LEU D 108 -17.86 -34.84 18.43
C LEU D 108 -19.10 -35.07 17.57
N THR D 109 -20.05 -35.82 18.12
CA THR D 109 -21.35 -36.06 17.49
C THR D 109 -22.42 -36.11 18.57
N VAL D 110 -23.54 -35.44 18.33
CA VAL D 110 -24.64 -35.43 19.30
C VAL D 110 -25.98 -35.70 18.61
N GLU D 112 -30.13 -36.71 18.54
CA GLU D 112 -31.55 -36.52 18.79
C GLU D 112 -32.14 -37.72 19.54
N ASP D 113 -31.75 -38.92 19.15
CA ASP D 113 -32.26 -40.13 19.78
C ASP D 113 -31.21 -41.22 19.72
N LEU D 114 -31.24 -42.11 20.73
CA LEU D 114 -30.26 -43.19 20.81
C LEU D 114 -30.66 -44.41 20.00
N LYS D 115 -31.93 -44.51 19.60
CA LYS D 115 -32.39 -45.63 18.79
C LYS D 115 -31.89 -45.57 17.36
N ASN D 116 -31.06 -44.58 17.01
CA ASN D 116 -30.49 -44.45 15.68
C ASN D 116 -29.07 -45.00 15.59
N VAL D 117 -28.55 -45.58 16.67
CA VAL D 117 -27.18 -46.07 16.73
C VAL D 117 -27.13 -47.51 16.27
N PHE D 118 -26.15 -47.82 15.41
CA PHE D 118 -25.92 -49.23 14.95
C PHE D 118 -24.40 -49.49 14.95
N PRO D 119 -23.89 -50.74 15.44
CA PRO D 119 -22.45 -51.63 15.41
C PRO D 119 -22.44 -52.03 13.93
N PRO D 120 -21.28 -52.24 13.28
CA PRO D 120 -21.23 -52.47 11.84
C PRO D 120 -21.12 -53.93 11.44
N GLU D 121 -21.15 -54.21 10.15
CA GLU D 121 -21.16 -55.62 9.73
C GLU D 121 -19.76 -56.21 9.55
N VAL D 122 -19.60 -57.45 9.98
CA VAL D 122 -18.29 -58.19 10.07
C VAL D 122 -17.46 -58.18 8.78
N ALA D 123 -17.97 -58.71 7.66
CA ALA D 123 -17.51 -58.53 6.25
C ALA D 123 -16.11 -58.87 5.68
N VAL D 124 -15.64 -60.13 5.47
CA VAL D 124 -14.44 -60.22 4.65
C VAL D 124 -14.77 -61.02 3.39
N PHE D 125 -13.97 -60.78 2.36
CA PHE D 125 -14.24 -61.27 1.01
C PHE D 125 -12.98 -61.90 0.44
N GLU D 126 -13.05 -63.19 0.12
CA GLU D 126 -11.89 -63.87 -0.45
C GLU D 126 -11.65 -63.39 -1.87
N PRO D 127 -10.40 -63.43 -2.35
CA PRO D 127 -10.06 -62.84 -3.66
C PRO D 127 -10.69 -63.54 -4.86
N SER D 128 -10.32 -63.08 -6.04
CA SER D 128 -10.75 -63.69 -7.29
C SER D 128 -9.57 -64.40 -7.95
N GLU D 129 -9.85 -65.57 -8.51
CA GLU D 129 -8.81 -66.31 -9.23
C GLU D 129 -8.39 -65.57 -10.49
N ALA D 130 -9.34 -64.90 -11.17
CA ALA D 130 -9.03 -64.15 -12.38
C ALA D 130 -7.95 -63.11 -12.11
N GLU D 131 -7.98 -62.49 -10.94
CA GLU D 131 -6.93 -61.55 -10.56
C GLU D 131 -5.63 -62.29 -10.26
N ILE D 132 -5.71 -63.37 -9.49
CA ILE D 132 -4.53 -64.15 -9.17
C ILE D 132 -3.86 -64.65 -10.45
N SER D 133 -4.66 -65.06 -11.44
CA SER D 133 -4.10 -65.59 -12.66
C SER D 133 -3.48 -64.49 -13.51
N HIS D 134 -4.14 -63.35 -13.61
CA HIS D 134 -3.67 -62.31 -14.52
C HIS D 134 -2.63 -61.41 -13.89
N THR D 135 -2.65 -61.28 -12.56
CA THR D 135 -1.78 -60.32 -11.88
C THR D 135 -0.67 -60.97 -11.06
N GLN D 136 -0.76 -62.26 -10.78
CA GLN D 136 0.13 -62.94 -9.84
C GLN D 136 0.04 -62.37 -8.43
N LYS D 137 -1.06 -61.67 -8.13
CA LYS D 137 -1.31 -61.11 -6.81
C LYS D 137 -2.79 -61.25 -6.48
N ALA D 138 -3.10 -61.28 -5.19
CA ALA D 138 -4.45 -61.53 -4.71
C ALA D 138 -4.93 -60.32 -3.91
N THR D 139 -6.16 -59.87 -4.20
CA THR D 139 -6.76 -58.72 -3.53
C THR D 139 -7.86 -59.18 -2.59
N LEU D 140 -7.77 -58.79 -1.32
CA LEU D 140 -8.85 -58.97 -0.37
C LEU D 140 -9.56 -57.65 -0.14
N VAL D 141 -10.76 -57.72 0.39
CA VAL D 141 -11.54 -56.53 0.71
C VAL D 141 -12.42 -56.81 1.92
N CYS D 142 -12.52 -55.84 2.81
CA CYS D 142 -13.35 -55.93 4.00
C CYS D 142 -14.46 -54.91 3.93
N LEU D 143 -15.62 -55.26 4.48
CA LEU D 143 -16.78 -54.40 4.43
C LEU D 143 -17.53 -54.43 5.75
N ALA D 144 -17.88 -53.21 6.11
CA ALA D 144 -18.63 -52.84 7.31
C ALA D 144 -19.77 -51.96 6.83
N THR D 145 -20.97 -52.36 7.17
CA THR D 145 -22.19 -51.58 6.82
C THR D 145 -23.14 -51.62 8.00
N GLY D 146 -24.34 -51.08 7.80
CA GLY D 146 -25.37 -51.08 8.85
C GLY D 146 -24.81 -50.52 10.14
N PHE D 147 -24.36 -49.29 10.15
CA PHE D 147 -23.89 -48.83 11.47
C PHE D 147 -24.14 -47.34 11.55
N TYR D 148 -24.14 -46.89 12.79
CA TYR D 148 -24.27 -45.47 13.12
C TYR D 148 -23.82 -45.24 14.55
N PRO D 149 -23.02 -44.20 14.84
CA PRO D 149 -22.46 -43.25 13.87
C PRO D 149 -21.21 -43.81 13.19
N ASP D 150 -20.38 -42.93 12.63
CA ASP D 150 -19.21 -43.33 11.85
C ASP D 150 -17.93 -43.30 12.68
N HIS D 151 -18.02 -43.47 13.99
CA HIS D 151 -16.85 -43.56 14.87
C HIS D 151 -16.30 -44.97 14.76
N VAL D 152 -15.33 -45.15 13.86
CA VAL D 152 -14.86 -46.48 13.46
C VAL D 152 -13.33 -46.45 13.31
N GLU D 153 -12.69 -47.56 13.70
CA GLU D 153 -11.25 -47.77 13.53
C GLU D 153 -11.03 -49.13 12.89
N LEU D 154 -10.89 -49.16 11.57
CA LEU D 154 -10.67 -50.41 10.86
C LEU D 154 -9.19 -50.76 10.88
N SER D 155 -8.89 -52.06 10.98
CA SER D 155 -7.50 -52.51 11.02
C SER D 155 -7.41 -53.93 10.49
N TRP D 156 -6.52 -54.14 9.54
CA TRP D 156 -6.24 -55.49 9.07
C TRP D 156 -5.19 -56.15 9.97
N TRP D 157 -5.27 -57.47 10.08
CA TRP D 157 -4.39 -58.21 10.96
C TRP D 157 -3.97 -59.51 10.29
N VAL D 158 -2.66 -59.68 10.11
CA VAL D 158 -2.09 -60.83 9.41
C VAL D 158 -1.29 -61.65 10.40
N ASN D 159 -1.75 -62.88 10.67
CA ASN D 159 -1.01 -63.86 11.47
C ASN D 159 -0.64 -63.31 12.85
N GLY D 160 -1.57 -62.58 13.45
CA GLY D 160 -1.38 -62.04 14.77
C GLY D 160 -0.83 -60.63 14.82
N LYS D 161 -0.27 -60.14 13.72
CA LYS D 161 0.31 -58.80 13.66
C LYS D 161 -0.55 -57.90 12.77
N GLU D 162 -0.56 -56.61 13.10
CA GLU D 162 -1.22 -55.63 12.26
C GLU D 162 -0.31 -55.29 11.08
N VAL D 163 -0.92 -54.83 9.99
CA VAL D 163 -0.20 -54.51 8.77
C VAL D 163 -0.70 -53.18 8.22
N HIS D 164 0.23 -52.41 7.65
CA HIS D 164 -0.09 -51.18 6.94
C HIS D 164 0.46 -51.18 5.53
N SER D 165 1.17 -52.23 5.13
CA SER D 165 1.81 -52.30 3.81
C SER D 165 0.88 -53.03 2.85
N GLY D 166 0.32 -52.30 1.89
CA GLY D 166 -0.58 -52.87 0.92
C GLY D 166 -2.05 -52.70 1.20
N VAL D 167 -2.42 -51.85 2.15
CA VAL D 167 -3.82 -51.66 2.49
C VAL D 167 -4.33 -50.40 1.82
N CYS D 168 -5.64 -50.19 1.89
CA CYS D 168 -6.20 -48.89 1.43
C CYS D 168 -7.61 -48.63 1.96
N THR D 169 -7.82 -48.43 3.28
CA THR D 169 -9.14 -48.05 3.78
C THR D 169 -9.60 -46.77 3.10
N ASP D 170 -10.88 -46.71 2.77
CA ASP D 170 -11.43 -45.51 2.17
C ASP D 170 -11.26 -44.34 3.14
N PRO D 171 -11.12 -43.11 2.63
CA PRO D 171 -10.89 -41.99 3.55
C PRO D 171 -12.05 -41.73 4.50
N GLN D 172 -13.27 -41.58 3.98
CA GLN D 172 -14.43 -41.24 4.79
C GLN D 172 -15.62 -42.10 4.40
N PRO D 173 -16.53 -42.37 5.34
CA PRO D 173 -17.66 -43.27 5.05
C PRO D 173 -18.68 -42.65 4.10
N LEU D 174 -19.70 -43.43 3.74
CA LEU D 174 -20.79 -42.99 2.88
C LEU D 174 -22.12 -43.39 3.49
N LYS D 175 -23.07 -42.47 3.46
CA LYS D 175 -24.34 -42.68 4.15
C LYS D 175 -25.12 -43.82 3.50
N GLU D 176 -25.81 -44.61 4.34
CA GLU D 176 -26.68 -45.66 3.82
C GLU D 176 -27.86 -45.05 3.06
N GLN D 177 -28.32 -43.87 3.47
CA GLN D 177 -29.39 -43.16 2.77
C GLN D 177 -28.86 -41.80 2.34
N PRO D 178 -28.91 -41.45 1.06
CA PRO D 178 -28.33 -40.17 0.63
C PRO D 178 -29.06 -38.95 1.16
N ALA D 179 -30.28 -39.13 1.68
CA ALA D 179 -31.09 -38.01 2.14
C ALA D 179 -31.18 -37.91 3.66
N LEU D 180 -31.28 -39.04 4.36
CA LEU D 180 -31.56 -39.04 5.78
C LEU D 180 -30.42 -38.44 6.58
N ASN D 181 -30.77 -37.67 7.62
CA ASN D 181 -29.78 -37.16 8.56
C ASN D 181 -29.37 -38.20 9.58
N ASP D 182 -30.27 -39.13 9.93
CA ASP D 182 -29.96 -40.27 10.77
C ASP D 182 -29.41 -41.45 9.97
N SER D 183 -29.04 -41.23 8.72
CA SER D 183 -28.65 -42.34 7.85
C SER D 183 -27.40 -43.03 8.38
N ARG D 184 -27.49 -44.35 8.53
CA ARG D 184 -26.31 -45.14 8.81
C ARG D 184 -25.29 -44.97 7.68
N TYR D 185 -24.11 -45.51 7.88
CA TYR D 185 -23.03 -45.31 6.93
C TYR D 185 -22.53 -46.66 6.42
N ALA D 186 -21.52 -46.59 5.55
CA ALA D 186 -20.91 -47.75 4.94
C ALA D 186 -19.58 -47.33 4.32
N LEU D 187 -18.55 -48.17 4.51
CA LEU D 187 -17.21 -47.88 3.99
C LEU D 187 -16.63 -49.13 3.36
N SER D 188 -15.54 -48.95 2.61
CA SER D 188 -14.82 -50.05 1.99
C SER D 188 -13.34 -49.98 2.35
N SER D 189 -12.73 -51.16 2.51
CA SER D 189 -11.31 -51.28 2.82
C SER D 189 -10.76 -52.45 2.04
N ARG D 190 -9.70 -52.21 1.27
CA ARG D 190 -9.12 -53.20 0.38
C ARG D 190 -7.76 -53.63 0.92
N LEU D 191 -7.25 -54.71 0.37
CA LEU D 191 -5.88 -55.15 0.66
C LEU D 191 -5.48 -56.08 -0.45
N ARG D 192 -4.25 -55.98 -0.95
CA ARG D 192 -3.72 -56.83 -2.00
C ARG D 192 -2.32 -57.30 -1.62
N VAL D 193 -2.11 -58.62 -1.72
CA VAL D 193 -0.81 -59.24 -1.50
C VAL D 193 -0.47 -60.09 -2.70
N SER D 194 0.79 -60.52 -2.77
CA SER D 194 1.21 -61.44 -3.80
C SER D 194 0.41 -62.73 -3.69
N ALA D 195 0.20 -63.38 -4.83
CA ALA D 195 -0.55 -64.64 -4.83
C ALA D 195 0.09 -65.64 -3.87
N THR D 196 1.38 -65.87 -4.03
CA THR D 196 2.01 -67.00 -3.32
C THR D 196 1.68 -66.95 -1.85
N PHE D 197 1.47 -65.76 -1.35
CA PHE D 197 1.11 -65.63 0.06
C PHE D 197 -0.32 -66.10 0.31
N TRP D 198 -1.26 -65.69 -0.56
CA TRP D 198 -2.66 -66.08 -0.37
C TRP D 198 -2.83 -67.59 -0.42
N GLN D 199 -2.04 -68.27 -1.25
CA GLN D 199 -2.12 -69.72 -1.32
C GLN D 199 -1.77 -70.36 0.01
N ASN D 200 -0.64 -69.98 0.59
CA ASN D 200 -0.12 -70.55 1.83
C ASN D 200 -1.18 -70.55 2.91
N PRO D 201 -1.66 -71.71 3.34
CA PRO D 201 -2.70 -71.75 4.38
C PRO D 201 -2.22 -71.30 5.73
N ARG D 202 -0.92 -71.36 5.99
CA ARG D 202 -0.38 -70.97 7.29
C ARG D 202 -0.57 -69.49 7.59
N ASN D 203 -1.05 -68.70 6.62
CA ASN D 203 -1.29 -67.28 6.82
C ASN D 203 -2.69 -67.05 7.36
N HIS D 204 -2.78 -66.26 8.43
CA HIS D 204 -4.06 -65.84 8.99
C HIS D 204 -4.30 -64.38 8.62
N PHE D 205 -5.56 -64.06 8.31
CA PHE D 205 -5.97 -62.71 7.93
C PHE D 205 -7.17 -62.31 8.75
N ARG D 206 -7.11 -61.12 9.36
CA ARG D 206 -8.19 -60.62 10.20
C ARG D 206 -8.47 -59.17 9.85
N CYS D 207 -9.70 -58.89 9.44
CA CYS D 207 -10.16 -57.51 9.31
C CYS D 207 -10.91 -57.15 10.59
N GLN D 208 -10.33 -56.24 11.36
CA GLN D 208 -10.88 -55.82 12.64
C GLN D 208 -11.46 -54.42 12.52
N VAL D 209 -12.57 -54.19 13.21
CA VAL D 209 -13.21 -52.88 13.26
C VAL D 209 -13.53 -52.56 14.70
N GLN D 210 -13.09 -51.39 15.16
CA GLN D 210 -13.31 -50.92 16.52
C GLN D 210 -14.38 -49.82 16.49
N PHE D 211 -15.45 -50.02 17.24
CA PHE D 211 -16.60 -49.12 17.26
C PHE D 211 -16.68 -48.43 18.60
N TYR D 212 -16.71 -47.10 18.59
CA TYR D 212 -16.80 -46.30 19.81
C TYR D 212 -18.27 -45.91 20.00
N GLY D 213 -18.95 -46.81 20.72
CA GLY D 213 -20.40 -46.72 20.90
C GLY D 213 -20.78 -46.02 22.17
N LEU D 214 -21.73 -46.62 22.88
CA LEU D 214 -22.33 -46.04 24.07
C LEU D 214 -21.41 -46.21 25.28
N SER D 215 -21.78 -45.53 26.37
CA SER D 215 -21.07 -45.67 27.63
C SER D 215 -21.50 -46.96 28.33
N GLU D 216 -21.15 -47.09 29.60
CA GLU D 216 -21.57 -48.22 30.39
C GLU D 216 -22.82 -47.93 31.22
N ASN D 217 -23.09 -46.66 31.51
CA ASN D 217 -24.24 -46.27 32.32
C ASN D 217 -25.46 -45.88 31.50
N ASP D 218 -25.27 -45.55 30.22
CA ASP D 218 -26.35 -45.03 29.41
C ASP D 218 -27.51 -46.02 29.33
N GLU D 219 -28.70 -45.53 29.65
CA GLU D 219 -29.89 -46.36 29.66
C GLU D 219 -30.20 -46.86 28.25
N TRP D 220 -30.23 -48.18 28.09
CA TRP D 220 -30.65 -48.80 26.84
C TRP D 220 -31.85 -49.68 27.13
N THR D 221 -32.88 -49.57 26.28
CA THR D 221 -34.13 -50.27 26.50
C THR D 221 -34.68 -50.97 25.26
N GLN D 222 -34.11 -50.75 24.08
CA GLN D 222 -34.76 -51.15 22.85
C GLN D 222 -34.80 -52.63 22.47
N ASP D 223 -35.45 -52.92 21.35
CA ASP D 223 -35.62 -54.33 20.89
C ASP D 223 -34.14 -54.84 20.87
N ARG D 224 -33.24 -54.04 20.27
CA ARG D 224 -31.80 -54.36 20.01
C ARG D 224 -30.94 -54.47 21.30
N ALA D 225 -29.64 -54.78 21.18
CA ALA D 225 -28.78 -55.05 22.36
C ALA D 225 -28.15 -53.66 22.41
N LYS D 226 -27.47 -53.34 23.51
CA LYS D 226 -26.87 -52.02 23.61
C LYS D 226 -25.70 -51.91 22.64
N PRO D 227 -25.76 -51.03 21.63
CA PRO D 227 -24.63 -50.91 20.69
C PRO D 227 -23.42 -50.29 21.34
N VAL D 228 -22.85 -50.99 22.33
CA VAL D 228 -21.78 -50.45 23.16
C VAL D 228 -20.50 -50.31 22.34
N THR D 229 -19.49 -49.70 22.95
CA THR D 229 -18.17 -49.58 22.35
C THR D 229 -17.51 -50.97 22.36
N GLN D 230 -17.55 -51.64 21.21
CA GLN D 230 -17.04 -53.00 21.10
C GLN D 230 -16.23 -53.13 19.82
N ILE D 231 -15.72 -54.33 19.58
CA ILE D 231 -14.86 -54.62 18.44
C ILE D 231 -15.56 -55.63 17.55
N VAL D 232 -15.82 -55.24 16.31
CA VAL D 232 -16.50 -56.08 15.29
C VAL D 232 -15.45 -56.57 14.30
N SER D 233 -14.89 -57.75 14.54
CA SER D 233 -13.82 -58.29 13.70
C SER D 233 -14.31 -59.49 12.92
N ALA D 234 -13.96 -59.54 11.64
CA ALA D 234 -14.19 -60.70 10.80
C ALA D 234 -12.86 -61.16 10.23
N GLU D 235 -12.58 -62.45 10.32
CA GLU D 235 -11.28 -63.01 9.98
C GLU D 235 -11.38 -63.84 8.71
N ALA D 236 -10.27 -64.49 8.37
CA ALA D 236 -10.17 -65.34 7.18
C ALA D 236 -8.87 -66.13 7.27
N TRP D 237 -8.75 -67.14 6.41
CA TRP D 237 -7.57 -68.00 6.36
C TRP D 237 -6.99 -68.00 4.95
N GLY D 238 -5.68 -68.19 4.87
CA GLY D 238 -5.03 -68.31 3.57
C GLY D 238 -5.50 -69.56 2.85
N ARG D 239 -5.63 -69.46 1.53
CA ARG D 239 -6.25 -70.54 0.77
C ARG D 239 -5.59 -70.64 -0.60
N ALA D 240 -5.02 -71.80 -0.89
CA ALA D 240 -4.57 -72.14 -2.24
C ALA D 240 -5.71 -72.59 -3.13
N ASP D 241 -6.83 -71.87 -3.10
CA ASP D 241 -8.09 -72.24 -3.74
C ASP D 241 -8.66 -73.55 -3.16
N GLN E 1 15.37 10.85 1.01
CA GLN E 1 16.44 11.35 0.15
C GLN E 1 17.76 10.61 0.39
N VAL E 2 18.18 9.82 -0.59
CA VAL E 2 19.36 8.96 -0.47
C VAL E 2 20.09 8.94 -1.82
N GLN E 3 21.24 8.28 -1.85
CA GLN E 3 22.08 8.20 -3.02
C GLN E 3 22.16 6.76 -3.51
N LEU E 4 22.09 6.57 -4.82
CA LEU E 4 21.99 5.26 -5.45
C LEU E 4 23.13 5.10 -6.45
N VAL E 5 24.18 4.38 -6.06
CA VAL E 5 25.26 4.04 -6.97
C VAL E 5 25.46 2.54 -6.83
N GLU E 6 25.27 1.85 -7.95
CA GLU E 6 25.52 0.39 -8.05
C GLU E 6 26.52 0.27 -9.18
N SER E 7 27.63 -0.42 -8.97
CA SER E 7 28.59 -0.54 -10.08
C SER E 7 29.30 -1.86 -9.89
N GLY E 8 29.71 -2.52 -10.99
CA GLY E 8 30.48 -3.76 -10.95
C GLY E 8 29.87 -4.91 -11.73
N GLY E 9 28.91 -4.65 -12.60
CA GLY E 9 28.22 -5.72 -13.37
C GLY E 9 28.99 -6.25 -14.56
N GLY E 10 28.52 -7.32 -15.19
CA GLY E 10 29.16 -7.82 -16.38
C GLY E 10 28.83 -9.28 -16.65
N LEU E 11 29.42 -9.78 -17.74
CA LEU E 11 29.28 -11.17 -18.15
C LEU E 11 30.56 -11.92 -17.81
N VAL E 12 30.42 -13.17 -17.42
CA VAL E 12 31.54 -14.03 -17.06
C VAL E 12 31.21 -15.45 -17.50
N GLN E 13 32.21 -16.31 -17.44
CA GLN E 13 32.03 -17.73 -17.66
C GLN E 13 32.03 -18.46 -16.32
N ALA E 14 31.75 -19.77 -16.37
CA ALA E 14 31.65 -20.57 -15.16
C ALA E 14 32.95 -20.48 -14.35
N GLY E 15 32.81 -20.51 -13.03
CA GLY E 15 33.94 -20.46 -12.13
C GLY E 15 34.62 -19.11 -12.02
N GLY E 16 34.06 -18.05 -12.60
CA GLY E 16 34.70 -16.76 -12.57
C GLY E 16 34.68 -16.14 -11.18
N SER E 17 34.99 -14.84 -11.15
CA SER E 17 35.03 -14.09 -9.90
C SER E 17 34.87 -12.61 -10.20
N LEU E 18 34.05 -11.93 -9.41
CA LEU E 18 33.73 -10.52 -9.63
C LEU E 18 33.76 -9.77 -8.32
N ARG E 19 33.61 -8.45 -8.40
CA ARG E 19 33.58 -7.57 -7.24
C ARG E 19 32.57 -6.47 -7.52
N LEU E 20 31.70 -6.19 -6.55
CA LEU E 20 30.60 -5.22 -6.72
C LEU E 20 30.77 -4.00 -5.83
N SER E 21 30.20 -2.89 -6.27
CA SER E 21 30.31 -1.59 -5.59
C SER E 21 28.91 -1.14 -5.18
N CYS E 22 28.79 -0.35 -4.10
CA CYS E 22 27.54 0.30 -3.66
C CYS E 22 27.84 1.34 -2.58
N ALA E 23 27.25 2.54 -2.70
CA ALA E 23 27.40 3.58 -1.70
C ALA E 23 26.09 4.36 -1.61
N ALA E 24 25.99 5.18 -0.57
CA ALA E 24 24.84 6.04 -0.37
C ALA E 24 25.29 7.31 0.34
N SER E 25 24.48 8.34 0.24
CA SER E 25 24.82 9.65 0.77
C SER E 25 23.57 10.50 0.75
N GLY E 26 23.74 11.70 1.28
CA GLY E 26 22.61 12.62 1.53
C GLY E 26 21.94 12.26 2.85
N SER E 27 20.63 12.20 2.84
CA SER E 27 19.88 12.10 4.10
C SER E 27 19.99 10.68 4.63
N MET E 28 21.17 10.35 5.14
CA MET E 28 21.56 8.99 5.61
C MET E 28 21.14 8.78 7.05
N PHE E 29 21.58 7.70 7.70
CA PHE E 29 20.97 7.43 9.01
C PHE E 29 21.83 6.58 9.94
N SER E 30 23.03 7.04 10.20
CA SER E 30 23.95 6.37 11.16
C SER E 30 23.98 4.86 10.98
N ASP E 31 23.68 4.13 12.06
CA ASP E 31 23.74 2.65 11.93
C ASP E 31 22.68 2.25 10.93
N ASN E 32 23.02 1.35 9.99
CA ASN E 32 22.13 0.93 8.93
C ASN E 32 22.59 -0.43 8.45
N VAL E 33 22.01 -0.87 7.35
CA VAL E 33 22.43 -2.08 6.67
C VAL E 33 22.32 -1.82 5.17
N MET E 34 23.29 -2.32 4.42
CA MET E 34 23.23 -2.33 2.97
C MET E 34 23.32 -3.79 2.52
N GLY E 35 23.54 -3.98 1.23
CA GLY E 35 23.69 -5.30 0.68
C GLY E 35 22.97 -5.45 -0.63
N TRP E 36 22.89 -6.69 -1.09
CA TRP E 36 22.39 -6.99 -2.42
C TRP E 36 21.29 -8.03 -2.35
N TYR E 37 20.47 -8.04 -3.39
CA TYR E 37 19.45 -9.04 -3.60
C TYR E 37 19.50 -9.39 -5.07
N ARG E 38 19.62 -10.68 -5.32
CA ARG E 38 19.65 -11.20 -6.69
C ARG E 38 18.23 -11.64 -7.03
N GLN E 39 17.82 -11.42 -8.26
CA GLN E 39 16.48 -11.82 -8.69
C GLN E 39 16.62 -12.69 -9.94
N ALA E 40 16.66 -14.00 -9.73
CA ALA E 40 16.60 -14.92 -10.86
C ALA E 40 15.29 -14.69 -11.59
N PRO E 41 15.30 -14.56 -12.93
CA PRO E 41 14.07 -14.24 -13.66
C PRO E 41 12.93 -15.21 -13.38
N GLY E 42 11.87 -14.70 -12.76
CA GLY E 42 10.71 -15.51 -12.45
C GLY E 42 9.45 -14.68 -12.28
N GLN E 44 11.21 -12.18 -6.88
CA GLN E 44 12.01 -13.34 -6.55
C GLN E 44 13.39 -12.91 -6.06
N ARG E 45 13.41 -11.85 -5.25
CA ARG E 45 14.66 -11.31 -4.74
C ARG E 45 15.10 -12.08 -3.51
N GLU E 46 16.31 -12.63 -3.56
CA GLU E 46 16.86 -13.42 -2.46
C GLU E 46 17.97 -12.64 -1.77
N LEU E 47 17.99 -12.71 -0.44
CA LEU E 47 19.11 -12.17 0.31
C LEU E 47 20.39 -12.87 -0.11
N VAL E 48 21.50 -12.12 -0.10
CA VAL E 48 22.79 -12.73 -0.38
C VAL E 48 23.81 -12.28 0.66
N ALA E 49 23.74 -11.01 1.06
CA ALA E 49 24.81 -10.40 1.83
C ALA E 49 24.21 -9.45 2.85
N THR E 50 24.35 -9.80 4.13
CA THR E 50 24.04 -8.88 5.21
C THR E 50 25.27 -8.02 5.47
N ILE E 51 25.06 -6.70 5.58
CA ILE E 51 26.14 -5.76 5.76
C ILE E 51 26.26 -5.33 7.21
N ARG E 52 25.14 -5.03 7.87
CA ARG E 52 25.11 -4.66 9.28
C ARG E 52 26.26 -3.76 9.68
N THR E 53 26.13 -2.53 9.22
CA THR E 53 27.26 -1.58 9.30
C THR E 53 27.80 -1.77 10.69
N GLY E 54 29.09 -2.07 10.79
CA GLY E 54 29.74 -2.37 12.08
C GLY E 54 29.49 -3.80 12.57
N GLY E 55 28.22 -4.18 12.72
CA GLY E 55 27.74 -5.47 13.26
C GLY E 55 28.03 -6.67 12.41
N SER E 56 28.42 -7.74 13.10
CA SER E 56 28.72 -8.99 12.40
C SER E 56 27.57 -9.38 11.48
N THR E 57 27.89 -10.25 10.52
CA THR E 57 27.03 -10.46 9.36
C THR E 57 26.87 -11.95 9.09
N ASN E 58 26.03 -12.25 8.10
CA ASN E 58 25.63 -13.61 7.74
C ASN E 58 25.35 -13.65 6.26
N TYR E 59 26.00 -14.56 5.54
CA TYR E 59 25.82 -14.65 4.11
C TYR E 59 24.71 -15.65 3.78
N ALA E 60 24.57 -16.00 2.51
CA ALA E 60 23.64 -17.04 2.11
C ALA E 60 24.38 -18.37 1.99
N ASP E 61 23.65 -19.45 2.27
CA ASP E 61 24.25 -20.78 2.26
C ASP E 61 24.70 -21.19 0.87
N SER E 62 23.91 -20.86 -0.16
CA SER E 62 24.31 -21.14 -1.53
C SER E 62 25.63 -20.47 -1.89
N VAL E 63 26.03 -19.45 -1.12
CA VAL E 63 27.28 -18.74 -1.38
C VAL E 63 28.12 -18.74 -0.11
N LYS E 64 27.86 -19.71 0.77
CA LYS E 64 28.56 -19.82 2.04
C LYS E 64 30.06 -19.87 1.84
N GLY E 65 30.76 -18.80 2.16
CA GLY E 65 32.21 -18.80 2.05
C GLY E 65 32.63 -18.47 0.64
N ARG E 66 31.73 -18.74 -0.31
CA ARG E 66 31.99 -18.45 -1.71
C ARG E 66 32.16 -16.94 -1.92
N PHE E 67 31.26 -16.15 -1.35
CA PHE E 67 31.24 -14.70 -1.52
C PHE E 67 31.50 -14.04 -0.17
N THR E 68 32.11 -12.85 -0.22
CA THR E 68 32.54 -12.15 0.99
C THR E 68 32.41 -10.65 0.78
N ILE E 69 31.93 -9.94 1.80
CA ILE E 69 31.68 -8.51 1.68
C ILE E 69 32.76 -7.68 2.38
N SER E 70 32.62 -6.37 2.31
CA SER E 70 33.53 -5.40 2.92
C SER E 70 32.81 -4.07 3.03
N ARG E 71 33.21 -3.31 4.04
CA ARG E 71 32.55 -2.03 4.37
C ARG E 71 33.48 -0.86 4.12
N ASP E 72 32.94 0.19 3.50
CA ASP E 72 33.80 1.36 3.21
C ASP E 72 34.32 1.99 4.49
N ASN E 73 33.51 2.04 5.54
CA ASN E 73 34.07 2.49 6.83
C ASN E 73 34.52 3.97 6.78
N ALA E 74 33.82 4.79 5.98
CA ALA E 74 34.08 6.24 5.86
C ALA E 74 33.00 6.86 4.99
N LYS E 75 33.12 6.55 3.71
CA LYS E 75 32.24 6.98 2.60
C LYS E 75 31.01 6.09 2.72
N ASN E 76 30.93 5.42 3.85
CA ASN E 76 29.81 4.48 4.00
C ASN E 76 29.53 3.75 2.69
N THR E 77 30.57 3.18 2.10
CA THR E 77 30.42 2.37 0.92
C THR E 77 30.70 0.91 1.25
N VAL E 78 30.19 0.03 0.40
CA VAL E 78 30.28 -1.41 0.60
C VAL E 78 30.80 -2.07 -0.67
N TYR E 79 31.74 -3.01 -0.50
CA TYR E 79 32.26 -3.81 -1.60
C TYR E 79 32.01 -5.30 -1.30
N LEU E 80 31.64 -6.05 -2.33
CA LEU E 80 31.41 -7.48 -2.23
C LEU E 80 32.32 -8.22 -3.21
N GLN E 81 33.02 -9.23 -2.72
CA GLN E 81 33.93 -10.02 -3.55
C GLN E 81 33.20 -11.29 -3.98
N MET E 82 32.85 -11.37 -5.25
CA MET E 82 32.23 -12.56 -5.81
C MET E 82 33.32 -13.47 -6.36
N ASN E 83 33.38 -14.70 -5.86
CA ASN E 83 34.40 -15.66 -6.26
C ASN E 83 33.77 -17.01 -6.55
N SER E 84 34.43 -17.76 -7.44
CA SER E 84 34.02 -19.12 -7.79
C SER E 84 32.57 -19.15 -8.30
N LEU E 85 32.27 -18.23 -9.21
CA LEU E 85 30.91 -18.06 -9.69
C LEU E 85 30.39 -19.32 -10.36
N LYS E 86 29.08 -19.55 -10.23
CA LYS E 86 28.48 -20.70 -10.87
C LYS E 86 27.58 -20.26 -12.02
N PRO E 87 27.40 -21.11 -13.03
CA PRO E 87 26.57 -20.70 -14.19
C PRO E 87 25.15 -20.36 -13.80
N GLU E 88 24.52 -21.18 -12.95
CA GLU E 88 23.15 -20.97 -12.55
C GLU E 88 22.96 -19.73 -11.70
N ASP E 89 24.05 -19.11 -11.23
CA ASP E 89 23.97 -17.93 -10.39
C ASP E 89 23.70 -16.64 -11.17
N THR E 90 23.18 -16.73 -12.39
CA THR E 90 22.85 -15.53 -13.15
C THR E 90 21.49 -15.02 -12.72
N ALA E 91 21.39 -13.70 -12.51
CA ALA E 91 20.18 -13.07 -12.00
C ALA E 91 20.38 -11.56 -12.05
N VAL E 92 19.31 -10.83 -11.71
CA VAL E 92 19.38 -9.39 -11.55
C VAL E 92 19.78 -9.09 -10.11
N TYR E 93 20.86 -8.34 -9.94
CA TYR E 93 21.44 -8.08 -8.63
C TYR E 93 21.20 -6.63 -8.26
N TYR E 94 20.35 -6.41 -7.25
CA TYR E 94 19.97 -5.08 -6.78
C TYR E 94 20.70 -4.75 -5.48
N CYS E 95 21.16 -3.52 -5.36
CA CYS E 95 21.68 -3.02 -4.09
C CYS E 95 20.55 -2.39 -3.30
N ARG E 96 20.58 -2.60 -1.99
CA ARG E 96 19.54 -2.12 -1.09
C ARG E 96 20.17 -1.42 0.10
N HIS E 97 19.70 -0.22 0.44
CA HIS E 97 20.14 0.32 1.75
C HIS E 97 18.85 0.67 2.47
N THR E 98 18.80 0.08 3.66
CA THR E 98 17.72 0.18 4.65
C THR E 98 18.29 -0.18 6.03
N ILE E 99 17.50 0.10 7.07
CA ILE E 99 17.85 -0.15 8.49
C ILE E 99 17.25 -1.49 8.91
N PRO E 100 17.69 -2.11 10.02
CA PRO E 100 17.27 -3.44 10.39
C PRO E 100 15.93 -3.48 11.13
N VAL E 101 15.03 -2.59 10.71
CA VAL E 101 13.61 -2.55 11.18
C VAL E 101 12.70 -2.64 9.96
N PRO E 102 11.66 -3.48 9.96
CA PRO E 102 10.95 -3.77 8.70
C PRO E 102 9.97 -2.65 8.31
N SER E 103 9.50 -2.75 7.06
CA SER E 103 8.35 -1.99 6.54
C SER E 103 8.51 -0.48 6.71
N THR E 104 9.72 0.01 6.85
CA THR E 104 9.85 1.46 6.91
C THR E 104 9.93 2.04 5.51
N PRO E 105 9.53 3.31 5.34
CA PRO E 105 9.77 3.99 4.06
C PRO E 105 11.26 4.16 3.73
N TYR E 106 12.16 3.79 4.64
CA TYR E 106 13.61 3.91 4.44
C TYR E 106 14.18 2.80 3.58
N ASP E 107 13.34 1.92 3.04
CA ASP E 107 13.81 0.80 2.24
C ASP E 107 14.07 1.29 0.82
N TYR E 108 15.31 1.68 0.56
CA TYR E 108 15.71 2.20 -0.74
C TYR E 108 16.38 1.11 -1.56
N TRP E 109 16.13 1.13 -2.86
CA TRP E 109 16.65 0.13 -3.78
C TRP E 109 17.40 0.81 -4.91
N GLY E 110 18.57 0.27 -5.25
CA GLY E 110 19.36 0.81 -6.34
C GLY E 110 18.70 0.64 -7.69
N GLN E 111 19.38 1.09 -8.75
CA GLN E 111 18.79 0.98 -10.11
C GLN E 111 18.75 -0.49 -10.53
N GLY E 112 19.74 -1.26 -10.09
CA GLY E 112 19.82 -2.68 -10.46
C GLY E 112 21.03 -3.02 -11.32
N THR E 113 21.67 -4.15 -11.03
CA THR E 113 22.88 -4.55 -11.77
C THR E 113 22.67 -5.96 -12.26
N GLN E 114 23.22 -6.26 -13.44
CA GLN E 114 23.05 -7.58 -14.04
C GLN E 114 24.32 -8.40 -13.93
N VAL E 115 24.17 -9.70 -13.69
CA VAL E 115 25.28 -10.65 -13.60
C VAL E 115 24.93 -11.86 -14.44
N THR E 116 25.82 -12.24 -15.36
CA THR E 116 25.61 -13.36 -16.25
C THR E 116 26.85 -14.24 -16.26
N VAL E 117 26.67 -15.54 -16.03
CA VAL E 117 27.77 -16.50 -15.98
C VAL E 117 27.63 -17.46 -17.14
N SER E 118 28.70 -17.64 -17.90
CA SER E 118 28.70 -18.53 -19.05
C SER E 118 29.44 -19.82 -18.75
N LEU F 4 -41.25 11.06 -10.09
CA LEU F 4 -40.90 12.46 -9.90
C LEU F 4 -39.89 12.63 -8.75
N PHE F 5 -38.87 11.78 -8.74
CA PHE F 5 -37.80 11.84 -7.74
C PHE F 5 -36.46 11.89 -8.45
N PRO F 6 -36.10 13.04 -9.01
CA PRO F 6 -34.82 13.14 -9.72
C PRO F 6 -33.65 13.29 -8.76
N LEU F 7 -32.56 12.61 -9.10
CA LEU F 7 -31.28 12.78 -8.40
C LEU F 7 -30.44 13.77 -9.18
N ARG F 8 -29.93 14.79 -8.49
CA ARG F 8 -29.09 15.82 -9.09
C ARG F 8 -27.74 15.81 -8.40
N CYS F 9 -26.68 15.57 -9.16
CA CYS F 9 -25.31 15.56 -8.67
C CYS F 9 -24.60 16.78 -9.24
N LEU F 10 -24.28 17.73 -8.37
CA LEU F 10 -23.78 19.03 -8.77
C LEU F 10 -22.33 19.20 -8.35
N GLN F 11 -21.57 19.91 -9.17
CA GLN F 11 -20.17 20.20 -8.91
C GLN F 11 -19.88 21.65 -9.26
N ILE F 12 -19.13 22.32 -8.40
CA ILE F 12 -18.76 23.72 -8.58
C ILE F 12 -17.26 23.84 -8.39
N SER F 13 -16.59 24.38 -9.42
CA SER F 13 -15.15 24.61 -9.36
C SER F 13 -14.96 25.97 -10.01
N SER F 14 -14.16 26.81 -9.37
CA SER F 14 -13.81 28.08 -10.02
C SER F 14 -12.31 28.25 -9.85
N PHE F 15 -11.69 28.96 -10.76
CA PHE F 15 -10.24 29.14 -10.84
C PHE F 15 -9.99 30.65 -10.93
N ALA F 16 -9.42 31.09 -9.81
CA ALA F 16 -9.09 32.46 -9.44
C ALA F 16 -8.23 33.10 -10.50
N ASN F 17 -6.93 33.01 -10.28
CA ASN F 17 -5.95 33.52 -11.25
C ASN F 17 -5.47 32.26 -11.96
N SER F 18 -4.89 31.39 -11.15
CA SER F 18 -4.33 30.10 -11.59
C SER F 18 -3.87 29.38 -10.36
N SER F 19 -3.25 30.19 -9.53
CA SER F 19 -2.68 29.70 -8.25
C SER F 19 -3.79 29.37 -7.27
N TRP F 20 -4.93 30.04 -7.43
CA TRP F 20 -6.03 29.80 -6.48
C TRP F 20 -7.20 29.12 -7.16
N THR F 21 -7.66 28.05 -6.52
CA THR F 21 -8.84 27.29 -6.98
C THR F 21 -9.28 26.43 -5.81
N ARG F 22 -10.53 25.98 -5.85
CA ARG F 22 -11.10 25.11 -4.84
C ARG F 22 -12.32 24.53 -5.49
N THR F 23 -12.68 23.30 -5.17
CA THR F 23 -13.90 22.74 -5.80
C THR F 23 -14.74 22.19 -4.67
N ASP F 24 -16.06 22.36 -4.73
CA ASP F 24 -16.92 21.93 -3.61
C ASP F 24 -18.08 21.12 -4.21
N GLY F 25 -18.48 20.01 -3.57
CA GLY F 25 -19.54 19.26 -4.21
C GLY F 25 -20.68 18.96 -3.26
N LEU F 26 -21.83 18.64 -3.87
CA LEU F 26 -23.05 18.30 -3.14
C LEU F 26 -23.98 17.55 -4.07
N ALA F 27 -25.05 16.99 -3.51
CA ALA F 27 -26.00 16.18 -4.27
C ALA F 27 -27.42 16.52 -3.87
N TRP F 28 -28.33 16.54 -4.84
CA TRP F 28 -29.75 16.78 -4.60
C TRP F 28 -30.49 15.55 -5.12
N LEU F 29 -31.47 15.21 -4.30
CA LEU F 29 -32.51 14.23 -4.59
C LEU F 29 -33.80 15.04 -4.60
N GLY F 30 -34.30 15.26 -5.80
CA GLY F 30 -35.55 16.02 -6.02
C GLY F 30 -35.84 17.10 -4.99
N GLU F 31 -34.77 17.73 -4.50
CA GLU F 31 -34.60 18.86 -3.53
C GLU F 31 -33.98 18.51 -2.17
N LEU F 32 -33.89 17.27 -1.73
CA LEU F 32 -33.20 17.09 -0.42
C LEU F 32 -31.73 16.79 -0.68
N GLN F 33 -30.82 17.62 -0.15
CA GLN F 33 -29.38 17.53 -0.36
C GLN F 33 -28.80 16.43 0.52
N THR F 34 -28.31 15.36 -0.11
CA THR F 34 -27.99 14.10 0.55
C THR F 34 -26.53 13.95 0.95
N HIS F 35 -25.61 14.51 0.17
CA HIS F 35 -24.19 14.42 0.48
C HIS F 35 -23.54 15.75 0.15
N SER F 36 -22.61 16.23 0.98
CA SER F 36 -21.89 17.46 0.56
C SER F 36 -20.45 16.99 0.47
N TRP F 37 -19.67 17.58 -0.46
CA TRP F 37 -18.24 17.34 -0.79
C TRP F 37 -17.50 18.66 -0.68
N SER F 38 -16.36 18.71 0.02
CA SER F 38 -15.54 19.90 0.38
C SER F 38 -14.09 19.88 -0.12
N ASN F 39 -13.61 21.01 -0.65
CA ASN F 39 -12.27 21.14 -1.29
C ASN F 39 -11.27 20.83 -0.18
N ASP F 40 -11.81 20.75 1.04
CA ASP F 40 -11.06 20.49 2.28
C ASP F 40 -11.14 19.02 2.73
N SER F 41 -12.33 18.46 2.59
CA SER F 41 -12.57 17.01 2.86
C SER F 41 -12.40 15.99 1.71
N ASP F 42 -11.44 15.08 1.88
CA ASP F 42 -11.12 14.00 0.96
C ASP F 42 -12.29 13.07 0.75
N THR F 43 -13.38 13.25 1.47
CA THR F 43 -14.50 12.31 1.50
C THR F 43 -15.79 13.05 1.24
N VAL F 44 -16.61 12.49 0.36
CA VAL F 44 -17.97 12.99 0.20
C VAL F 44 -18.73 12.69 1.49
N ARG F 45 -19.38 13.72 2.03
CA ARG F 45 -19.94 13.66 3.38
C ARG F 45 -21.37 13.18 3.33
N SER F 46 -21.59 11.94 3.77
CA SER F 46 -22.93 11.37 3.87
C SER F 46 -23.70 12.09 4.96
N LEU F 47 -24.74 12.82 4.57
CA LEU F 47 -25.49 13.63 5.53
C LEU F 47 -26.44 12.78 6.37
N LYS F 48 -27.09 11.80 5.76
CA LYS F 48 -27.97 10.94 6.54
C LYS F 48 -27.32 9.59 6.80
N PRO F 49 -27.72 8.87 7.85
CA PRO F 49 -27.20 7.51 8.02
C PRO F 49 -27.63 6.58 6.90
N TRP F 50 -28.77 6.92 6.31
CA TRP F 50 -29.35 6.14 5.18
C TRP F 50 -28.88 6.77 3.88
N SER F 51 -28.08 7.83 3.94
CA SER F 51 -27.57 8.45 2.70
C SER F 51 -26.65 7.45 1.96
N GLN F 52 -25.89 6.63 2.69
CA GLN F 52 -25.14 5.54 2.03
C GLN F 52 -26.20 4.59 1.44
N GLY F 53 -27.24 4.30 2.23
CA GLY F 53 -28.35 3.41 1.84
C GLY F 53 -27.92 1.97 1.70
N THR F 54 -28.19 1.36 0.55
CA THR F 54 -27.92 -0.08 0.37
C THR F 54 -26.42 -0.38 0.17
N PHE F 55 -25.58 0.63 0.03
CA PHE F 55 -24.18 0.35 -0.24
C PHE F 55 -23.39 0.26 1.06
N SER F 56 -22.53 -0.75 1.16
CA SER F 56 -21.79 -1.01 2.38
C SER F 56 -20.59 -0.06 2.50
N ASP F 57 -19.77 -0.29 3.51
CA ASP F 57 -18.61 0.58 3.74
C ASP F 57 -17.66 0.55 2.55
N GLN F 58 -17.33 -0.64 2.05
CA GLN F 58 -16.36 -0.78 0.98
C GLN F 58 -16.97 -0.62 -0.41
N GLN F 59 -18.29 -0.70 -0.53
CA GLN F 59 -18.98 -0.31 -1.75
C GLN F 59 -18.97 1.20 -1.94
N TRP F 60 -18.61 1.93 -0.90
CA TRP F 60 -18.75 3.39 -0.85
C TRP F 60 -17.43 4.12 -0.98
N GLU F 61 -16.37 3.63 -0.32
CA GLU F 61 -15.05 4.20 -0.50
C GLU F 61 -14.72 4.35 -1.98
N THR F 62 -15.05 3.33 -2.78
CA THR F 62 -14.91 3.36 -4.24
C THR F 62 -15.42 4.69 -4.81
N LEU F 63 -16.73 4.93 -4.69
CA LEU F 63 -17.33 6.20 -5.08
C LEU F 63 -16.64 7.36 -4.36
N GLN F 64 -16.64 7.33 -3.01
CA GLN F 64 -15.82 8.24 -2.21
C GLN F 64 -14.44 8.44 -2.83
N HIS F 65 -13.73 7.36 -3.12
CA HIS F 65 -12.49 7.39 -3.88
C HIS F 65 -12.67 8.08 -5.24
N ILE F 66 -13.36 7.44 -6.17
CA ILE F 66 -13.27 7.86 -7.60
C ILE F 66 -13.34 9.37 -7.74
N PHE F 67 -14.07 10.02 -6.89
CA PHE F 67 -14.10 11.48 -6.89
C PHE F 67 -12.74 12.00 -6.40
N ARG F 68 -12.12 11.30 -5.45
CA ARG F 68 -10.83 11.70 -4.90
C ARG F 68 -9.80 11.92 -6.00
N VAL F 69 -9.76 11.03 -6.99
CA VAL F 69 -8.86 11.21 -8.12
C VAL F 69 -9.49 12.11 -9.18
N TYR F 70 -10.82 12.10 -9.30
CA TYR F 70 -11.49 12.96 -10.27
C TYR F 70 -11.28 14.43 -9.93
N ARG F 71 -11.42 14.79 -8.65
CA ARG F 71 -11.20 16.16 -8.21
C ARG F 71 -9.79 16.63 -8.57
N SER F 72 -8.78 15.86 -8.14
CA SER F 72 -7.40 16.21 -8.41
C SER F 72 -7.16 16.38 -9.91
N SER F 73 -7.55 15.38 -10.69
CA SER F 73 -7.27 15.40 -12.12
C SER F 73 -7.99 16.55 -12.80
N PHE F 74 -9.27 16.77 -12.44
CA PHE F 74 -10.08 17.82 -13.07
C PHE F 74 -9.37 19.16 -13.06
N THR F 75 -8.83 19.54 -11.89
CA THR F 75 -8.07 20.79 -11.80
C THR F 75 -6.94 20.81 -12.82
N ARG F 76 -6.10 19.77 -12.83
CA ARG F 76 -4.96 19.72 -13.74
C ARG F 76 -5.40 19.85 -15.19
N ASP F 77 -6.35 19.01 -15.60
CA ASP F 77 -6.85 19.08 -16.97
C ASP F 77 -7.35 20.49 -17.30
N VAL F 78 -8.02 21.12 -16.34
CA VAL F 78 -8.54 22.46 -16.57
C VAL F 78 -7.38 23.44 -16.75
N LYS F 79 -6.32 23.30 -15.96
CA LYS F 79 -5.15 24.16 -16.09
C LYS F 79 -4.66 24.21 -17.53
N GLU F 80 -4.36 23.04 -18.08
CA GLU F 80 -3.76 22.96 -19.41
C GLU F 80 -4.59 23.48 -20.56
N PHE F 81 -5.90 23.30 -20.44
CA PHE F 81 -6.74 23.74 -21.56
C PHE F 81 -6.73 25.25 -21.61
N ALA F 82 -7.02 25.87 -20.48
CA ALA F 82 -7.11 27.34 -20.62
C ALA F 82 -5.74 27.73 -21.17
N LYS F 83 -4.71 27.20 -20.52
CA LYS F 83 -3.30 27.39 -20.89
C LYS F 83 -3.13 27.20 -22.39
N MET F 84 -4.02 26.43 -23.02
CA MET F 84 -3.91 26.16 -24.45
C MET F 84 -5.00 26.83 -25.26
N LEU F 85 -6.13 27.18 -24.66
CA LEU F 85 -7.23 27.82 -25.36
C LEU F 85 -7.20 29.33 -25.27
N ARG F 86 -6.19 29.89 -24.59
CA ARG F 86 -6.04 31.34 -24.44
C ARG F 86 -7.29 31.97 -23.82
N LEU F 87 -7.90 31.24 -22.89
CA LEU F 87 -9.16 31.68 -22.29
C LEU F 87 -8.86 32.72 -21.20
N SER F 88 -9.52 33.88 -21.31
CA SER F 88 -9.24 34.98 -20.39
C SER F 88 -9.81 34.67 -19.02
N TYR F 89 -8.94 34.69 -18.01
CA TYR F 89 -9.36 34.43 -16.64
C TYR F 89 -10.27 35.55 -16.15
N PRO F 90 -10.98 35.35 -15.04
CA PRO F 90 -11.10 34.14 -14.22
C PRO F 90 -12.06 33.15 -14.84
N LEU F 91 -12.10 31.93 -14.32
CA LEU F 91 -12.93 30.88 -14.89
C LEU F 91 -13.70 30.17 -13.80
N GLU F 92 -14.96 29.84 -14.10
CA GLU F 92 -15.81 29.09 -13.18
C GLU F 92 -16.65 28.13 -14.01
N LEU F 93 -16.77 26.88 -13.55
CA LEU F 93 -17.42 25.83 -14.31
C LEU F 93 -18.54 25.19 -13.50
N GLN F 94 -19.57 24.75 -14.19
CA GLN F 94 -20.72 24.13 -13.52
C GLN F 94 -21.05 22.87 -14.31
N VAL F 95 -21.30 21.80 -13.58
CA VAL F 95 -21.53 20.47 -14.12
C VAL F 95 -22.85 19.94 -13.57
N SER F 96 -23.78 19.65 -14.46
CA SER F 96 -25.06 19.06 -14.11
C SER F 96 -25.06 17.62 -14.60
N ALA F 97 -25.24 16.68 -13.68
CA ALA F 97 -25.28 15.26 -14.00
C ALA F 97 -26.11 14.56 -12.94
N GLY F 98 -26.82 13.51 -13.35
CA GLY F 98 -27.62 12.79 -12.40
C GLY F 98 -28.47 11.73 -13.05
N CYS F 99 -29.51 11.32 -12.32
CA CYS F 99 -30.29 10.14 -12.67
C CYS F 99 -31.70 10.28 -12.11
N GLU F 100 -32.68 9.96 -12.94
CA GLU F 100 -34.06 9.90 -12.51
C GLU F 100 -34.72 8.74 -13.22
N VAL F 101 -35.65 8.07 -12.52
CA VAL F 101 -36.17 6.79 -12.95
C VAL F 101 -37.67 6.73 -12.69
N HIS F 102 -38.42 6.21 -13.65
CA HIS F 102 -39.81 5.84 -13.41
C HIS F 102 -39.85 4.58 -12.55
N PRO F 103 -40.71 4.43 -11.53
CA PRO F 103 -40.60 3.29 -10.63
C PRO F 103 -40.65 2.02 -11.50
N GLY F 104 -40.06 0.91 -11.02
CA GLY F 104 -39.97 -0.18 -12.00
C GLY F 104 -38.77 0.03 -12.89
N ASN F 105 -38.68 -0.70 -14.01
CA ASN F 105 -37.53 -0.59 -14.94
C ASN F 105 -37.79 0.47 -16.02
N ALA F 106 -37.61 1.76 -15.70
CA ALA F 106 -37.73 2.88 -16.65
C ALA F 106 -36.79 4.00 -16.18
N SER F 107 -35.66 4.24 -16.88
CA SER F 107 -34.81 5.33 -16.41
C SER F 107 -34.11 5.97 -17.59
N ASN F 108 -33.73 7.23 -17.40
CA ASN F 108 -32.91 7.98 -18.33
C ASN F 108 -31.90 8.76 -17.50
N ASN F 109 -30.99 9.46 -18.18
CA ASN F 109 -29.91 10.16 -17.51
C ASN F 109 -29.65 11.48 -18.25
N PHE F 110 -28.58 12.17 -17.85
CA PHE F 110 -28.18 13.45 -18.42
C PHE F 110 -26.82 13.88 -17.88
N PHE F 111 -26.12 14.74 -18.61
CA PHE F 111 -24.81 15.22 -18.16
C PHE F 111 -24.53 16.53 -18.89
N HIS F 112 -24.94 17.63 -18.28
CA HIS F 112 -24.84 18.94 -18.90
C HIS F 112 -23.81 19.78 -18.17
N VAL F 113 -23.09 20.61 -18.93
CA VAL F 113 -21.96 21.38 -18.43
C VAL F 113 -22.07 22.80 -18.95
N ALA F 114 -21.88 23.77 -18.07
CA ALA F 114 -21.95 25.18 -18.46
C ALA F 114 -20.62 25.88 -18.17
N PHE F 115 -20.33 26.90 -18.97
CA PHE F 115 -19.10 27.67 -18.86
C PHE F 115 -19.43 29.15 -18.78
N GLN F 116 -18.88 29.83 -17.77
CA GLN F 116 -19.15 31.25 -17.52
C GLN F 116 -20.65 31.53 -17.51
N GLY F 117 -21.42 30.55 -17.05
CA GLY F 117 -22.86 30.67 -17.04
C GLY F 117 -23.52 30.40 -18.36
N LYS F 118 -22.82 29.75 -19.28
CA LYS F 118 -23.38 29.40 -20.58
C LYS F 118 -23.07 27.94 -20.85
N ASP F 119 -24.11 27.14 -20.99
CA ASP F 119 -23.92 25.74 -21.35
C ASP F 119 -23.17 25.66 -22.67
N ILE F 120 -22.33 24.64 -22.79
CA ILE F 120 -21.38 24.54 -23.89
C ILE F 120 -21.50 23.18 -24.55
N LEU F 121 -21.82 22.16 -23.76
CA LEU F 121 -21.83 20.78 -24.24
C LEU F 121 -22.57 19.91 -23.22
N SER F 122 -22.56 18.62 -23.48
CA SER F 122 -23.20 17.63 -22.59
C SER F 122 -22.61 16.27 -22.91
N PHE F 123 -23.25 15.24 -22.41
CA PHE F 123 -22.77 13.91 -22.82
C PHE F 123 -23.92 13.19 -23.50
N GLN F 124 -23.68 12.70 -24.71
CA GLN F 124 -24.75 11.92 -25.37
C GLN F 124 -24.34 10.51 -25.74
N GLY F 125 -25.09 9.51 -25.30
CA GLY F 125 -24.65 8.16 -25.65
C GLY F 125 -23.28 7.93 -25.06
N THR F 126 -22.26 7.81 -25.93
CA THR F 126 -20.87 7.54 -25.52
C THR F 126 -19.97 8.67 -26.01
N SER F 127 -20.51 9.85 -26.19
CA SER F 127 -19.63 10.91 -26.69
C SER F 127 -20.17 12.26 -26.23
N TRP F 128 -19.30 13.26 -26.33
CA TRP F 128 -19.64 14.61 -25.90
C TRP F 128 -20.19 15.40 -27.08
N GLU F 129 -21.26 16.15 -26.82
CA GLU F 129 -21.96 16.89 -27.86
C GLU F 129 -22.05 18.35 -27.44
N PRO F 130 -21.62 19.29 -28.27
CA PRO F 130 -21.69 20.70 -27.90
C PRO F 130 -23.09 21.28 -28.07
N THR F 131 -23.28 22.46 -27.49
CA THR F 131 -24.55 23.16 -27.63
C THR F 131 -24.75 23.60 -29.07
N GLN F 132 -26.02 23.66 -29.48
CA GLN F 132 -26.32 24.25 -30.79
C GLN F 132 -25.79 25.67 -30.86
N GLU F 133 -25.93 26.44 -29.77
CA GLU F 133 -25.34 27.76 -29.64
C GLU F 133 -24.19 27.64 -28.64
N ALA F 134 -22.99 27.53 -29.21
CA ALA F 134 -21.73 27.39 -28.46
C ALA F 134 -20.66 28.24 -29.12
N PRO F 135 -19.39 28.10 -28.69
CA PRO F 135 -18.27 28.84 -29.23
C PRO F 135 -17.34 27.81 -29.89
N LEU F 136 -16.66 28.18 -30.96
CA LEU F 136 -15.87 27.13 -31.63
C LEU F 136 -14.84 26.56 -30.67
N TRP F 137 -14.11 27.42 -30.01
CA TRP F 137 -13.05 26.75 -29.21
C TRP F 137 -13.52 25.47 -28.55
N VAL F 138 -14.76 25.41 -28.11
CA VAL F 138 -15.21 24.15 -27.51
C VAL F 138 -15.04 23.02 -28.50
N ASN F 139 -15.48 23.22 -29.76
CA ASN F 139 -15.41 22.14 -30.73
C ASN F 139 -14.04 21.49 -30.75
N LEU F 140 -12.99 22.29 -30.55
CA LEU F 140 -11.65 21.72 -30.42
C LEU F 140 -11.44 21.10 -29.05
N ALA F 141 -12.11 21.61 -28.02
CA ALA F 141 -12.09 20.94 -26.73
C ALA F 141 -13.02 19.73 -26.72
N ILE F 142 -14.08 19.77 -27.53
CA ILE F 142 -14.88 18.57 -27.77
C ILE F 142 -14.01 17.45 -28.32
N GLN F 143 -13.15 17.80 -29.29
CA GLN F 143 -12.27 16.81 -29.90
C GLN F 143 -11.41 16.10 -28.86
N VAL F 144 -10.79 16.89 -27.97
CA VAL F 144 -9.80 16.34 -27.04
C VAL F 144 -10.41 15.24 -26.18
N LEU F 145 -11.70 15.38 -25.85
CA LEU F 145 -12.30 14.54 -24.83
C LEU F 145 -12.59 13.13 -25.36
N ASN F 146 -13.31 13.05 -26.48
CA ASN F 146 -13.71 11.78 -27.06
C ASN F 146 -12.51 10.89 -27.33
N GLN F 147 -11.30 11.44 -27.21
CA GLN F 147 -10.09 10.66 -27.32
C GLN F 147 -9.83 9.85 -26.06
N ASP F 148 -10.36 10.31 -24.93
CA ASP F 148 -10.18 9.62 -23.66
C ASP F 148 -11.21 8.50 -23.59
N LYS F 149 -10.87 7.39 -24.23
CA LYS F 149 -11.82 6.30 -24.39
C LYS F 149 -12.17 5.68 -23.05
N TRP F 150 -11.21 5.60 -22.13
CA TRP F 150 -11.46 4.94 -20.86
C TRP F 150 -12.39 5.76 -19.99
N THR F 151 -12.21 7.08 -19.97
CA THR F 151 -13.11 7.93 -19.21
C THR F 151 -14.53 7.87 -19.77
N ARG F 152 -14.65 7.86 -21.10
CA ARG F 152 -15.97 7.81 -21.73
C ARG F 152 -16.77 6.61 -21.26
N GLU F 153 -16.09 5.48 -21.05
CA GLU F 153 -16.76 4.31 -20.52
C GLU F 153 -16.90 4.37 -19.00
N THR F 154 -15.99 5.08 -18.33
CA THR F 154 -16.16 5.32 -16.90
C THR F 154 -17.41 6.12 -16.62
N VAL F 155 -17.56 7.18 -17.41
CA VAL F 155 -18.72 8.08 -17.25
C VAL F 155 -19.92 7.28 -17.65
N GLN F 156 -19.76 6.52 -18.71
CA GLN F 156 -20.91 5.78 -19.27
C GLN F 156 -21.44 4.79 -18.25
N TRP F 157 -20.57 4.37 -17.35
CA TRP F 157 -20.88 3.35 -16.33
C TRP F 157 -21.43 4.02 -15.10
N LEU F 158 -21.19 5.31 -14.97
CA LEU F 158 -21.79 5.91 -13.77
C LEU F 158 -23.25 5.93 -14.17
N LEU F 159 -23.51 6.40 -15.36
CA LEU F 159 -24.89 6.33 -15.90
C LEU F 159 -25.30 4.98 -16.44
N ASN F 160 -26.58 4.80 -16.74
CA ASN F 160 -26.99 3.53 -17.38
C ASN F 160 -26.44 2.40 -16.51
N GLY F 161 -26.64 2.46 -15.20
CA GLY F 161 -26.10 1.35 -14.41
C GLY F 161 -25.99 1.59 -12.93
N THR F 162 -25.11 2.47 -12.49
CA THR F 162 -25.00 2.58 -11.04
C THR F 162 -25.50 3.94 -10.62
N CYS F 163 -26.49 4.47 -11.32
CA CYS F 163 -27.13 5.67 -10.77
C CYS F 163 -28.37 5.23 -10.01
N PRO F 164 -29.36 4.64 -10.71
CA PRO F 164 -30.58 4.29 -10.05
C PRO F 164 -30.33 3.17 -9.04
N GLN F 165 -29.30 2.41 -9.33
CA GLN F 165 -28.90 1.26 -8.49
C GLN F 165 -28.61 1.78 -7.09
N PHE F 166 -28.55 3.10 -6.93
CA PHE F 166 -28.40 3.81 -5.65
C PHE F 166 -29.68 4.64 -5.45
N VAL F 167 -30.31 5.19 -6.51
CA VAL F 167 -31.56 5.96 -6.30
C VAL F 167 -32.57 5.10 -5.54
N SER F 168 -32.78 3.86 -5.99
CA SER F 168 -33.69 2.94 -5.29
C SER F 168 -33.08 2.60 -3.93
N GLY F 169 -31.75 2.43 -3.93
CA GLY F 169 -30.89 2.05 -2.80
C GLY F 169 -30.89 3.07 -1.68
N LEU F 170 -31.41 4.27 -1.93
CA LEU F 170 -31.57 5.14 -0.75
C LEU F 170 -33.05 5.54 -0.65
N LEU F 171 -33.81 5.43 -1.75
CA LEU F 171 -35.26 5.69 -1.55
C LEU F 171 -35.78 4.69 -0.53
N GLU F 172 -35.40 3.42 -0.62
CA GLU F 172 -35.86 2.41 0.37
C GLU F 172 -35.32 2.82 1.73
N SER F 173 -34.07 3.27 1.79
CA SER F 173 -33.52 3.73 3.07
C SER F 173 -34.35 4.92 3.57
N GLY F 174 -34.74 5.87 2.72
CA GLY F 174 -35.45 7.01 3.30
C GLY F 174 -36.83 7.29 2.76
N LYS F 175 -37.61 6.25 2.52
CA LYS F 175 -39.02 6.55 2.18
C LYS F 175 -39.61 7.37 3.32
N SER F 176 -39.26 7.00 4.55
CA SER F 176 -39.86 7.70 5.68
C SER F 176 -39.80 9.21 5.46
N GLU F 177 -38.60 9.78 5.45
CA GLU F 177 -38.46 11.21 5.20
C GLU F 177 -38.89 11.60 3.80
N LEU F 178 -38.98 10.63 2.88
CA LEU F 178 -39.48 10.93 1.54
C LEU F 178 -40.97 11.19 1.57
N LYS F 179 -41.75 10.26 2.11
CA LYS F 179 -43.18 10.46 2.26
C LYS F 179 -43.52 11.47 3.34
N LYS F 180 -42.52 12.12 3.95
CA LYS F 180 -42.80 13.11 5.02
C LYS F 180 -43.74 14.24 4.57
N GLN F 181 -44.66 14.62 5.46
CA GLN F 181 -45.64 15.70 5.26
C GLN F 181 -45.76 16.71 6.37
N VAL F 182 -46.16 17.92 6.01
CA VAL F 182 -46.19 19.06 6.94
C VAL F 182 -47.47 19.86 6.62
N LYS F 183 -47.86 20.69 7.58
CA LYS F 183 -49.03 21.58 7.43
C LYS F 183 -48.49 23.01 7.47
N PRO F 184 -48.91 23.92 6.57
CA PRO F 184 -48.40 25.29 6.52
C PRO F 184 -49.11 26.40 7.30
N LYS F 185 -48.33 27.21 8.04
CA LYS F 185 -48.84 28.29 8.86
C LYS F 185 -49.07 29.51 7.98
N ALA F 186 -50.26 30.09 8.07
CA ALA F 186 -50.68 31.18 7.20
C ALA F 186 -51.29 32.32 7.99
N TRP F 187 -51.24 33.51 7.41
CA TRP F 187 -51.88 34.69 8.00
C TRP F 187 -52.01 35.77 6.93
N LEU F 188 -52.56 36.91 7.33
CA LEU F 188 -52.83 38.01 6.42
C LEU F 188 -52.32 39.31 7.02
N SER F 189 -51.96 40.25 6.15
CA SER F 189 -51.49 41.56 6.57
C SER F 189 -51.77 42.57 5.47
N ARG F 190 -51.43 43.83 5.74
CA ARG F 190 -51.71 44.93 4.84
C ARG F 190 -50.47 45.30 4.03
N GLY F 191 -50.69 45.68 2.78
CA GLY F 191 -49.64 46.25 1.97
C GLY F 191 -49.83 47.74 1.83
N PRO F 192 -48.73 48.47 1.67
CA PRO F 192 -48.82 49.93 1.52
C PRO F 192 -49.66 50.30 0.31
N SER F 193 -50.42 51.38 0.46
CA SER F 193 -51.34 51.82 -0.59
C SER F 193 -50.59 52.33 -1.80
N PRO F 194 -50.76 51.73 -2.99
CA PRO F 194 -50.18 52.28 -4.22
C PRO F 194 -50.92 53.52 -4.71
N ARG F 198 -55.67 52.80 -4.29
CA ARG F 198 -55.30 51.39 -4.37
C ARG F 198 -54.71 50.91 -3.07
N LEU F 199 -54.75 49.59 -2.85
CA LEU F 199 -54.18 48.97 -1.66
C LEU F 199 -53.73 47.57 -2.01
N LEU F 200 -52.82 47.04 -1.19
CA LEU F 200 -52.26 45.71 -1.40
C LEU F 200 -52.64 44.82 -0.22
N LEU F 201 -53.22 43.66 -0.53
CA LEU F 201 -53.55 42.65 0.46
C LEU F 201 -52.59 41.48 0.31
N VAL F 202 -52.18 40.92 1.45
CA VAL F 202 -51.13 39.90 1.48
C VAL F 202 -51.71 38.61 2.06
N CYS F 203 -51.44 37.50 1.39
CA CYS F 203 -51.80 36.16 1.88
C CYS F 203 -50.49 35.43 2.17
N HIS F 204 -50.21 35.20 3.46
CA HIS F 204 -48.95 34.62 3.87
C HIS F 204 -49.04 33.10 3.98
N VAL F 205 -47.91 32.44 3.73
CA VAL F 205 -47.75 31.00 3.95
C VAL F 205 -46.31 30.75 4.41
N SER F 206 -46.21 29.95 5.46
CA SER F 206 -44.92 29.53 6.07
C SER F 206 -45.03 28.06 6.50
N GLY F 207 -44.02 27.53 7.18
CA GLY F 207 -44.09 26.15 7.69
C GLY F 207 -44.51 25.05 6.72
N PHE F 208 -43.81 24.77 5.62
CA PHE F 208 -44.25 23.60 4.82
C PHE F 208 -43.21 22.56 4.39
N TYR F 209 -43.59 21.28 4.34
CA TYR F 209 -42.76 20.23 3.68
C TYR F 209 -43.18 18.85 3.05
N PRO F 210 -43.98 18.86 1.97
CA PRO F 210 -43.48 19.05 0.64
C PRO F 210 -43.59 20.49 0.15
N LYS F 211 -43.25 20.71 -1.10
CA LYS F 211 -43.33 22.10 -1.55
C LYS F 211 -44.36 22.28 -2.67
N PRO F 212 -44.86 21.18 -3.53
CA PRO F 212 -45.75 21.15 -4.70
C PRO F 212 -47.09 21.71 -4.19
N VAL F 213 -47.29 23.01 -4.40
CA VAL F 213 -48.39 23.77 -3.80
C VAL F 213 -49.09 24.58 -4.89
N TRP F 214 -50.29 25.04 -4.57
CA TRP F 214 -51.09 25.87 -5.47
C TRP F 214 -51.96 26.79 -4.63
N VAL F 215 -51.79 28.10 -4.79
CA VAL F 215 -52.49 29.10 -4.00
C VAL F 215 -52.98 30.21 -4.93
N LYS F 216 -54.19 30.70 -4.70
CA LYS F 216 -54.74 31.79 -5.48
C LYS F 216 -55.83 32.51 -4.69
N TRP F 217 -55.95 33.81 -4.93
CA TRP F 217 -57.01 34.61 -4.34
C TRP F 217 -58.31 34.39 -5.13
N MET F 218 -59.38 34.09 -4.41
CA MET F 218 -60.69 33.89 -5.02
C MET F 218 -61.72 34.78 -4.34
N ARG F 219 -62.90 34.96 -4.89
CA ARG F 219 -63.97 35.77 -4.26
C ARG F 219 -65.12 34.79 -4.29
N GLY F 220 -65.38 34.08 -3.19
CA GLY F 220 -66.39 33.01 -3.32
C GLY F 220 -65.88 32.03 -4.35
N GLU F 221 -66.65 31.81 -5.42
CA GLU F 221 -66.21 30.90 -6.50
C GLU F 221 -65.75 31.74 -7.67
N GLN F 222 -65.25 32.94 -7.40
CA GLN F 222 -64.74 33.78 -8.48
C GLN F 222 -63.23 33.97 -8.28
N GLU F 223 -62.44 33.34 -9.15
CA GLU F 223 -60.99 33.46 -9.07
C GLU F 223 -60.55 34.85 -9.52
N GLN F 224 -59.65 35.46 -8.75
CA GLN F 224 -59.17 36.80 -9.04
C GLN F 224 -57.88 36.71 -9.87
N GLN F 225 -57.90 37.33 -11.05
CA GLN F 225 -56.78 37.24 -11.97
C GLN F 225 -55.59 38.09 -11.55
N GLY F 226 -55.84 39.18 -10.82
CA GLY F 226 -54.76 40.05 -10.38
C GLY F 226 -53.83 39.46 -9.35
N THR F 227 -54.05 38.21 -8.93
CA THR F 227 -53.16 37.53 -8.00
C THR F 227 -51.72 37.62 -8.46
N GLN F 228 -50.87 38.18 -7.61
CA GLN F 228 -49.43 38.31 -7.87
C GLN F 228 -48.71 37.54 -6.76
N PRO F 229 -48.39 36.27 -6.99
CA PRO F 229 -47.65 35.49 -5.99
C PRO F 229 -46.15 35.71 -6.14
N GLY F 230 -45.44 35.40 -5.06
CA GLY F 230 -44.00 35.45 -5.05
C GLY F 230 -43.41 34.10 -5.40
N ASP F 231 -42.12 33.97 -5.14
CA ASP F 231 -41.41 32.73 -5.35
C ASP F 231 -41.49 31.87 -4.09
N ILE F 232 -41.33 30.56 -4.27
CA ILE F 232 -41.54 29.60 -3.16
C ILE F 232 -40.31 29.56 -2.29
N LEU F 233 -40.20 30.40 -1.27
CA LEU F 233 -38.93 30.43 -0.48
C LEU F 233 -38.56 29.20 0.36
N PRO F 234 -37.40 29.14 1.02
CA PRO F 234 -36.97 27.93 1.69
C PRO F 234 -36.83 28.09 3.20
N ASN F 235 -36.32 27.05 3.87
CA ASN F 235 -36.16 27.15 5.34
C ASN F 235 -35.24 26.09 5.90
N ALA F 236 -34.31 26.55 6.73
CA ALA F 236 -33.23 25.74 7.33
C ALA F 236 -33.84 24.59 8.10
N ASP F 237 -34.93 24.77 8.84
CA ASP F 237 -35.50 23.60 9.57
C ASP F 237 -36.45 22.82 8.65
N GLU F 238 -35.97 22.57 7.43
CA GLU F 238 -36.69 21.81 6.39
C GLU F 238 -38.09 22.41 6.31
N THR F 239 -38.18 23.67 5.94
CA THR F 239 -39.45 24.37 5.68
C THR F 239 -39.46 25.30 4.50
N TRP F 240 -40.58 25.91 4.18
CA TRP F 240 -40.56 26.80 2.99
C TRP F 240 -41.35 28.06 3.34
N TYR F 241 -41.15 29.12 2.58
CA TYR F 241 -42.08 30.28 2.73
C TYR F 241 -42.63 30.80 1.37
N LEU F 242 -43.81 31.43 1.30
CA LEU F 242 -44.40 31.94 0.06
C LEU F 242 -45.28 33.14 0.37
N ARG F 243 -45.48 33.99 -0.64
CA ARG F 243 -46.24 35.22 -0.49
C ARG F 243 -46.99 35.52 -1.79
N ALA F 244 -48.29 35.77 -1.66
CA ALA F 244 -49.15 36.09 -2.80
C ALA F 244 -49.82 37.43 -2.56
N THR F 245 -49.78 38.31 -3.55
CA THR F 245 -50.30 39.65 -3.42
C THR F 245 -51.45 39.88 -4.41
N LEU F 246 -52.10 41.04 -4.23
CA LEU F 246 -53.18 41.53 -5.12
C LEU F 246 -53.40 43.03 -4.89
N ASP F 247 -53.60 43.79 -5.96
CA ASP F 247 -53.87 45.22 -5.85
C ASP F 247 -55.33 45.49 -6.15
N VAL F 248 -56.06 46.02 -5.18
CA VAL F 248 -57.47 46.36 -5.32
C VAL F 248 -57.74 47.69 -4.62
N VAL F 249 -58.94 48.22 -4.84
CA VAL F 249 -59.38 49.43 -4.17
C VAL F 249 -59.87 49.07 -2.78
N ALA F 250 -59.72 50.02 -1.84
CA ALA F 250 -60.17 49.78 -0.47
C ALA F 250 -61.65 49.47 -0.42
N GLY F 251 -62.45 50.03 -1.33
CA GLY F 251 -63.87 49.76 -1.38
C GLY F 251 -64.20 48.61 -2.31
N GLU F 252 -63.42 47.53 -2.24
CA GLU F 252 -63.69 46.38 -3.11
C GLU F 252 -63.36 45.04 -2.46
N ALA F 253 -63.06 44.99 -1.16
CA ALA F 253 -62.68 43.75 -0.49
C ALA F 253 -63.92 43.03 0.03
N ALA F 254 -64.73 42.56 -0.92
CA ALA F 254 -66.02 41.97 -0.62
C ALA F 254 -65.82 40.51 -0.20
N GLY F 255 -65.44 40.34 1.06
CA GLY F 255 -65.29 39.03 1.65
C GLY F 255 -64.43 38.09 0.84
N LEU F 256 -63.24 38.55 0.43
CA LEU F 256 -62.39 37.81 -0.47
C LEU F 256 -61.88 36.53 0.21
N SER F 257 -61.28 35.66 -0.60
CA SER F 257 -60.87 34.34 -0.12
C SER F 257 -59.58 33.91 -0.82
N CYS F 258 -58.63 33.38 -0.04
CA CYS F 258 -57.32 32.95 -0.54
C CYS F 258 -57.33 31.42 -0.61
N ARG F 259 -57.52 30.88 -1.80
CA ARG F 259 -57.66 29.44 -2.01
C ARG F 259 -56.30 28.78 -2.13
N VAL F 260 -56.16 27.60 -1.52
CA VAL F 260 -54.87 26.93 -1.39
C VAL F 260 -55.05 25.44 -1.73
N LYS F 261 -54.06 24.86 -2.39
CA LYS F 261 -54.04 23.44 -2.71
C LYS F 261 -52.66 22.87 -2.43
N HIS F 262 -52.62 21.66 -1.86
CA HIS F 262 -51.36 20.99 -1.56
C HIS F 262 -51.66 19.52 -1.29
N SER F 263 -50.59 18.72 -1.22
CA SER F 263 -50.75 17.34 -0.74
C SER F 263 -50.89 17.27 0.77
N SER F 264 -50.68 18.43 1.38
CA SER F 264 -50.66 18.49 2.85
C SER F 264 -52.04 18.45 3.44
N LEU F 265 -52.98 19.16 2.83
CA LEU F 265 -54.35 19.23 3.29
C LEU F 265 -54.99 17.85 3.29
N GLU F 266 -55.85 17.60 4.27
CA GLU F 266 -56.40 16.26 4.50
C GLU F 266 -57.51 16.00 3.48
N GLY F 267 -57.09 15.65 2.26
CA GLY F 267 -58.00 15.24 1.20
C GLY F 267 -59.03 16.28 0.80
N GLN F 268 -58.89 17.50 1.31
CA GLN F 268 -59.88 18.54 1.04
C GLN F 268 -59.22 19.90 1.20
N ASP F 269 -59.76 20.88 0.47
CA ASP F 269 -59.15 22.19 0.32
C ASP F 269 -59.31 23.02 1.60
N ILE F 270 -58.55 24.12 1.66
CA ILE F 270 -58.56 25.05 2.78
C ILE F 270 -58.42 26.46 2.26
N VAL F 271 -59.30 27.36 2.71
CA VAL F 271 -59.33 28.75 2.24
C VAL F 271 -59.55 29.67 3.44
N LEU F 272 -58.92 30.84 3.40
CA LEU F 272 -59.15 31.89 4.38
C LEU F 272 -60.04 32.97 3.77
N TYR F 273 -60.76 33.68 4.63
CA TYR F 273 -61.66 34.74 4.19
C TYR F 273 -61.15 36.10 4.66
N TRP F 274 -61.39 37.05 3.73
CA TRP F 274 -60.96 38.44 3.92
C TRP F 274 -61.63 38.97 5.16
N GLY F 275 -60.97 38.69 6.25
CA GLY F 275 -61.30 39.19 7.59
C GLY F 275 -60.14 38.99 8.53
N SER F 276 -60.41 38.59 9.77
CA SER F 276 -59.35 38.39 10.79
C SER F 276 -58.79 36.97 10.68
N GLN G 3 -21.36 39.41 -15.44
CA GLN G 3 -22.43 39.71 -16.37
C GLN G 3 -23.77 39.91 -15.67
N ARG G 4 -24.17 38.95 -14.83
CA ARG G 4 -25.51 38.96 -14.24
C ARG G 4 -25.49 39.35 -12.77
N THR G 5 -26.44 40.21 -12.40
CA THR G 5 -26.67 40.77 -11.08
C THR G 5 -27.59 39.84 -10.28
N PRO G 6 -27.62 39.96 -8.91
CA PRO G 6 -28.43 39.00 -8.13
C PRO G 6 -29.87 39.43 -7.88
N LYS G 7 -30.61 38.58 -7.19
CA LYS G 7 -31.98 38.86 -6.76
C LYS G 7 -32.07 38.52 -5.28
N ILE G 8 -32.22 39.55 -4.44
CA ILE G 8 -32.23 39.39 -2.99
C ILE G 8 -33.67 39.47 -2.49
N GLN G 9 -34.06 38.64 -1.54
CA GLN G 9 -35.49 38.75 -1.14
C GLN G 9 -35.60 38.50 0.36
N TYR G 11 -37.32 38.12 4.36
CA TYR G 11 -38.67 37.63 4.75
C TYR G 11 -38.62 36.92 6.11
N SER G 12 -39.74 37.03 6.83
CA SER G 12 -39.96 36.58 8.22
C SER G 12 -40.45 35.13 8.17
N ARG G 13 -39.72 34.23 8.81
CA ARG G 13 -40.06 32.79 8.82
C ARG G 13 -41.45 32.57 9.47
N HIS G 14 -41.78 33.31 10.54
CA HIS G 14 -43.12 33.25 11.18
C HIS G 14 -43.42 34.62 11.82
N PRO G 15 -44.80 35.18 12.00
CA PRO G 15 -45.35 36.52 12.29
C PRO G 15 -45.16 36.79 13.77
N ALA G 16 -44.13 37.54 14.13
CA ALA G 16 -43.69 37.58 15.52
C ALA G 16 -44.22 38.82 16.21
N GLU G 17 -44.70 38.62 17.44
CA GLU G 17 -44.93 39.73 18.35
C GLU G 17 -43.63 39.98 19.10
N ASN G 18 -43.16 41.22 19.07
CA ASN G 18 -41.86 41.58 19.61
C ASN G 18 -41.71 41.10 21.05
N GLY G 19 -40.72 40.25 21.28
CA GLY G 19 -40.56 39.54 22.53
C GLY G 19 -40.73 38.04 22.43
N LYS G 20 -40.78 37.48 21.21
CA LYS G 20 -40.91 36.05 20.99
C LYS G 20 -39.80 35.60 20.05
N SER G 21 -39.02 34.60 20.47
CA SER G 21 -37.89 34.11 19.70
C SER G 21 -38.33 33.61 18.33
N ASN G 22 -37.61 34.04 17.29
CA ASN G 22 -37.93 33.71 15.91
C ASN G 22 -36.63 33.51 15.13
N PHE G 23 -36.73 32.94 13.93
CA PHE G 23 -35.60 32.80 13.03
C PHE G 23 -35.82 33.63 11.78
N LEU G 24 -34.71 33.92 11.09
CA LEU G 24 -34.72 34.81 9.93
C LEU G 24 -33.86 34.21 8.83
N ASN G 25 -34.26 34.45 7.58
CA ASN G 25 -33.53 33.87 6.43
C ASN G 25 -33.38 34.88 5.29
N CYS G 26 -32.13 35.11 4.83
CA CYS G 26 -31.85 36.02 3.72
C CYS G 26 -31.43 35.19 2.51
N TYR G 27 -32.19 35.29 1.43
CA TYR G 27 -32.01 34.50 0.23
C TYR G 27 -31.54 35.34 -0.94
N VAL G 28 -30.42 34.88 -1.47
CA VAL G 28 -29.73 35.55 -2.60
C VAL G 28 -29.75 34.60 -3.78
N SER G 29 -30.25 35.09 -4.89
CA SER G 29 -30.30 34.30 -6.14
C SER G 29 -30.47 35.25 -7.33
N GLY G 30 -30.22 34.71 -8.53
CA GLY G 30 -30.28 35.50 -9.78
C GLY G 30 -28.89 36.01 -10.12
N PHE G 31 -27.84 35.40 -9.59
CA PHE G 31 -26.52 35.98 -9.95
C PHE G 31 -25.60 34.86 -10.42
N HIS G 32 -24.43 35.29 -10.86
CA HIS G 32 -23.21 34.55 -11.24
C HIS G 32 -22.14 35.62 -11.28
N PRO G 33 -20.87 35.47 -10.85
CA PRO G 33 -20.14 34.36 -10.21
C PRO G 33 -20.00 34.10 -8.69
N SER G 34 -19.68 32.83 -8.46
CA SER G 34 -19.82 32.00 -7.23
C SER G 34 -18.94 32.41 -6.00
N ASP G 35 -18.34 33.59 -6.07
CA ASP G 35 -17.49 34.11 -5.01
C ASP G 35 -18.24 35.37 -4.61
N ILE G 36 -18.73 35.39 -3.38
CA ILE G 36 -19.54 36.51 -2.92
C ILE G 36 -19.30 36.72 -1.43
N GLU G 37 -19.21 37.97 -1.01
CA GLU G 37 -19.18 38.33 0.40
C GLU G 37 -20.58 38.77 0.83
N VAL G 38 -21.10 38.14 1.89
CA VAL G 38 -22.45 38.41 2.37
C VAL G 38 -22.43 38.54 3.88
N ASP G 39 -23.11 39.56 4.39
CA ASP G 39 -23.27 39.72 5.83
C ASP G 39 -24.56 40.46 6.16
N LYS G 42 -30.59 43.92 14.14
CA LYS G 42 -29.51 44.30 13.25
C LYS G 42 -29.19 45.78 13.39
N ASN G 43 -30.07 46.61 12.83
CA ASN G 43 -29.99 48.07 12.95
C ASN G 43 -28.67 48.63 12.45
N GLY G 44 -28.14 48.08 11.36
CA GLY G 44 -26.95 48.64 10.76
C GLY G 44 -25.64 48.06 11.22
N GLU G 45 -25.65 46.84 11.73
CA GLU G 45 -24.42 46.21 12.20
C GLU G 45 -24.37 44.76 11.75
N ARG G 46 -23.15 44.26 11.61
CA ARG G 46 -22.97 42.86 11.27
C ARG G 46 -23.21 42.00 12.50
N ILE G 47 -23.45 40.71 12.26
CA ILE G 47 -23.73 39.75 13.31
C ILE G 47 -22.62 38.71 13.27
N GLU G 48 -21.85 38.60 14.36
CA GLU G 48 -20.74 37.66 14.37
C GLU G 48 -21.22 36.24 14.19
N LYS G 49 -22.22 35.85 14.97
CA LYS G 49 -22.78 34.50 14.91
C LYS G 49 -23.66 34.37 13.67
N VAL G 50 -23.19 33.63 12.68
CA VAL G 50 -23.94 33.43 11.43
C VAL G 50 -23.67 32.00 10.99
N GLU G 51 -24.66 31.42 10.32
CA GLU G 51 -24.59 30.05 9.84
C GLU G 51 -25.07 30.03 8.40
N HIS G 52 -24.26 29.50 7.50
CA HIS G 52 -24.57 29.47 6.10
C HIS G 52 -24.74 28.02 5.64
N SER G 53 -25.11 27.87 4.38
CA SER G 53 -25.34 26.55 3.80
C SER G 53 -24.35 26.29 2.67
N ASP G 54 -24.67 25.31 1.84
CA ASP G 54 -23.82 24.88 0.74
C ASP G 54 -24.36 25.48 -0.56
N LEU G 55 -23.48 26.11 -1.34
CA LEU G 55 -23.93 26.83 -2.53
C LEU G 55 -24.53 25.88 -3.55
N SER G 56 -25.57 26.28 -4.24
CA SER G 56 -26.08 25.29 -5.20
C SER G 56 -26.63 25.98 -6.42
N PHE G 57 -27.19 25.20 -7.32
CA PHE G 57 -27.58 26.01 -8.48
C PHE G 57 -28.88 25.55 -9.12
N SER G 58 -29.44 26.40 -9.97
CA SER G 58 -30.72 26.25 -10.67
C SER G 58 -30.54 25.83 -12.13
N LYS G 59 -31.63 25.34 -12.71
CA LYS G 59 -31.58 24.82 -14.07
C LYS G 59 -31.01 25.84 -15.06
N ASP G 60 -31.24 27.12 -14.81
CA ASP G 60 -30.71 28.18 -15.65
C ASP G 60 -29.26 28.52 -15.33
N TRP G 61 -28.57 27.64 -14.62
CA TRP G 61 -27.17 27.77 -14.20
C TRP G 61 -26.92 28.96 -13.27
N SER G 62 -27.95 29.45 -12.61
CA SER G 62 -27.72 30.47 -11.57
C SER G 62 -27.69 29.61 -10.31
N PHE G 63 -26.84 29.96 -9.36
CA PHE G 63 -26.77 29.19 -8.09
C PHE G 63 -27.28 30.11 -7.02
N TYR G 64 -28.05 29.60 -6.07
CA TYR G 64 -28.68 30.43 -5.02
C TYR G 64 -28.17 29.99 -3.66
N LEU G 65 -28.20 30.87 -2.67
CA LEU G 65 -27.79 30.46 -1.34
C LEU G 65 -28.63 31.20 -0.31
N LEU G 66 -28.65 30.67 0.91
CA LEU G 66 -29.44 31.20 2.01
C LEU G 66 -28.60 31.33 3.28
N TYR G 67 -28.76 32.44 3.98
CA TYR G 67 -28.16 32.67 5.28
C TYR G 67 -29.27 32.78 6.31
N TYR G 68 -29.14 32.04 7.41
CA TYR G 68 -30.19 31.96 8.42
C TYR G 68 -29.62 32.20 9.80
N THR G 69 -30.49 32.63 10.72
CA THR G 69 -30.10 32.86 12.10
C THR G 69 -31.35 33.02 12.97
N GLU G 70 -31.27 32.52 14.20
CA GLU G 70 -32.34 32.70 15.17
C GLU G 70 -32.18 34.04 15.87
N PHE G 71 -33.31 34.63 16.24
CA PHE G 71 -33.29 35.95 16.88
C PHE G 71 -34.52 36.12 17.75
N THR G 72 -34.66 37.32 18.31
CA THR G 72 -35.88 37.71 19.02
C THR G 72 -36.16 39.18 18.73
N PRO G 73 -37.24 39.50 18.03
CA PRO G 73 -37.46 40.89 17.63
C PRO G 73 -38.00 41.74 18.77
N THR G 74 -37.49 42.96 18.85
CA THR G 74 -38.08 44.01 19.67
C THR G 74 -38.80 45.00 18.74
N GLU G 75 -39.68 45.81 19.32
CA GLU G 75 -40.48 46.75 18.54
C GLU G 75 -39.65 47.84 17.89
N LYS G 76 -38.39 48.01 18.28
CA LYS G 76 -37.54 49.06 17.75
C LYS G 76 -36.25 48.48 17.20
N ASP G 77 -36.36 47.41 16.40
CA ASP G 77 -35.14 46.86 15.77
C ASP G 77 -35.41 46.66 14.27
N GLU G 78 -34.49 47.15 13.44
CA GLU G 78 -34.54 47.07 11.98
C GLU G 78 -33.48 46.10 11.47
N TYR G 79 -33.79 45.42 10.37
CA TYR G 79 -32.90 44.42 9.80
C TYR G 79 -32.66 44.70 8.32
N ALA G 80 -31.54 44.20 7.82
CA ALA G 80 -31.21 44.38 6.41
C ALA G 80 -30.24 43.29 5.97
N CYS G 81 -30.05 43.17 4.66
CA CYS G 81 -29.15 42.18 4.08
C CYS G 81 -28.34 42.85 2.98
N ARG G 82 -27.02 42.93 3.15
CA ARG G 82 -26.15 43.63 2.22
C ARG G 82 -25.14 42.67 1.59
N VAL G 83 -24.82 42.94 0.32
CA VAL G 83 -23.91 42.10 -0.47
C VAL G 83 -23.18 42.97 -1.47
N ASN G 84 -21.86 42.75 -1.59
CA ASN G 84 -21.03 43.41 -2.60
C ASN G 84 -20.65 42.40 -3.68
N HIS G 85 -20.97 42.72 -4.92
CA HIS G 85 -20.70 41.86 -6.06
C HIS G 85 -19.87 42.62 -7.09
N VAL G 86 -19.37 41.87 -8.08
CA VAL G 86 -18.67 42.48 -9.20
C VAL G 86 -19.61 43.38 -9.99
N THR G 87 -20.84 42.93 -10.18
CA THR G 87 -21.86 43.72 -10.86
C THR G 87 -22.30 44.94 -10.06
N LEU G 88 -21.89 45.04 -8.80
CA LEU G 88 -22.26 46.19 -7.96
C LEU G 88 -21.03 47.03 -7.69
N SER G 89 -21.10 48.30 -8.10
CA SER G 89 -20.08 49.25 -7.67
C SER G 89 -20.27 49.65 -6.22
N GLN G 90 -21.53 49.81 -5.80
CA GLN G 90 -21.88 50.12 -4.43
C GLN G 90 -22.60 48.94 -3.80
N PRO G 91 -22.19 48.50 -2.61
CA PRO G 91 -22.84 47.35 -1.98
C PRO G 91 -24.28 47.66 -1.60
N LYS G 92 -25.23 47.03 -2.29
CA LYS G 92 -26.64 47.34 -2.11
C LYS G 92 -27.18 46.77 -0.80
N ILE G 93 -28.05 47.54 -0.14
CA ILE G 93 -28.66 47.18 1.12
C ILE G 93 -30.15 47.00 0.91
N VAL G 94 -30.74 46.03 1.62
CA VAL G 94 -32.17 45.75 1.54
C VAL G 94 -32.73 45.67 2.95
N LYS G 95 -33.48 46.69 3.36
CA LYS G 95 -34.09 46.69 4.68
C LYS G 95 -35.28 45.75 4.67
N TRP G 96 -35.52 45.08 5.81
CA TRP G 96 -36.62 44.13 5.88
C TRP G 96 -37.95 44.87 5.92
N ASP G 97 -38.87 44.47 5.04
CA ASP G 97 -40.22 45.01 5.00
C ASP G 97 -41.15 44.17 5.87
N ARG G 98 -41.72 44.79 6.90
CA ARG G 98 -42.64 44.07 7.78
C ARG G 98 -43.93 43.71 7.06
N ASP G 99 -44.29 44.47 6.02
CA ASP G 99 -45.52 44.25 5.28
C ASP G 99 -45.26 43.39 4.04
N ASN H 4 12.17 8.02 -7.41
CA ASN H 4 11.27 8.52 -8.44
C ASN H 4 10.11 7.55 -8.67
N GLN H 5 9.08 8.03 -9.36
CA GLN H 5 7.89 7.22 -9.63
C GLN H 5 8.09 6.25 -10.78
N VAL H 6 9.27 6.27 -11.44
CA VAL H 6 9.51 5.32 -12.56
C VAL H 6 10.96 4.85 -12.65
N GLU H 7 11.42 4.08 -11.68
CA GLU H 7 12.76 3.52 -11.71
C GLU H 7 12.85 2.39 -12.74
N GLN H 8 13.94 2.34 -13.51
CA GLN H 8 14.15 1.28 -14.53
C GLN H 8 15.30 0.37 -14.10
N SER H 9 15.04 -0.93 -14.13
CA SER H 9 15.99 -1.94 -13.73
C SER H 9 16.19 -2.95 -14.85
N PRO H 10 17.44 -3.38 -15.09
CA PRO H 10 18.63 -2.89 -14.41
C PRO H 10 19.26 -1.74 -15.17
N GLN H 11 20.25 -1.08 -14.56
CA GLN H 11 20.90 0.05 -15.22
C GLN H 11 21.62 -0.40 -16.49
N SER H 12 22.49 -1.40 -16.37
CA SER H 12 23.26 -1.88 -17.51
C SER H 12 23.31 -3.39 -17.51
N LEU H 13 23.42 -3.96 -18.71
CA LEU H 13 23.48 -5.40 -18.89
C LEU H 13 24.24 -5.71 -20.16
N ILE H 14 24.89 -6.87 -20.18
CA ILE H 14 25.73 -7.31 -21.29
C ILE H 14 25.39 -8.76 -21.60
N ILE H 15 25.33 -9.10 -22.90
CA ILE H 15 24.87 -10.41 -23.36
C ILE H 15 25.66 -10.83 -24.60
N LEU H 16 25.42 -12.06 -25.05
CA LEU H 16 26.04 -12.62 -26.23
C LEU H 16 25.11 -12.51 -27.44
N GLU H 17 25.69 -12.54 -28.64
CA GLU H 17 24.87 -12.49 -29.85
C GLU H 17 24.00 -13.74 -29.95
N GLY H 18 22.78 -13.57 -30.45
CA GLY H 18 21.98 -14.78 -30.69
C GLY H 18 21.28 -15.23 -29.45
N LYS H 19 21.60 -14.59 -28.32
CA LYS H 19 20.88 -14.89 -27.09
C LYS H 19 19.63 -14.04 -27.00
N ASN H 20 18.93 -14.13 -25.86
CA ASN H 20 17.73 -13.33 -25.64
C ASN H 20 17.65 -12.94 -24.18
N CYS H 21 17.09 -11.76 -23.92
CA CYS H 21 17.09 -11.21 -22.57
C CYS H 21 15.77 -10.50 -22.31
N THR H 22 15.64 -9.95 -21.10
CA THR H 22 14.42 -9.29 -20.67
C THR H 22 14.79 -7.99 -19.96
N LEU H 23 13.84 -7.05 -19.94
CA LEU H 23 14.03 -5.75 -19.32
C LEU H 23 12.83 -5.40 -18.47
N GLN H 24 13.08 -4.67 -17.38
CA GLN H 24 12.07 -4.38 -16.37
C GLN H 24 11.82 -2.88 -16.27
N CYS H 25 10.66 -2.50 -15.70
CA CYS H 25 10.23 -1.09 -15.49
C CYS H 25 9.27 -1.08 -14.30
N ASN H 26 9.58 -0.49 -13.15
CA ASN H 26 8.68 -0.39 -12.02
C ASN H 26 8.24 1.06 -11.85
N TYR H 27 6.93 1.28 -11.76
CA TYR H 27 6.37 2.62 -11.61
C TYR H 27 5.43 2.67 -10.42
N THR H 28 5.31 3.89 -9.86
CA THR H 28 4.35 4.15 -8.77
C THR H 28 3.36 5.23 -9.16
N VAL H 29 3.25 5.56 -10.44
CA VAL H 29 2.48 6.72 -10.89
C VAL H 29 0.99 6.43 -10.73
N SER H 30 0.31 7.29 -9.98
CA SER H 30 -1.14 7.27 -9.86
C SER H 30 -1.67 8.64 -10.24
N PRO H 31 -2.58 8.76 -11.22
CA PRO H 31 -3.22 7.67 -11.97
C PRO H 31 -2.31 7.03 -13.02
N PHE H 32 -2.90 6.26 -13.93
CA PHE H 32 -2.15 5.59 -14.97
C PHE H 32 -3.02 5.45 -16.21
N SER H 33 -2.47 5.84 -17.35
CA SER H 33 -3.16 5.90 -18.66
C SER H 33 -2.61 4.86 -19.65
N ASN H 34 -1.30 4.79 -19.84
CA ASN H 34 -0.67 3.87 -20.78
C ASN H 34 0.79 3.72 -20.39
N LEU H 35 1.53 2.97 -21.21
CA LEU H 35 2.95 2.69 -20.98
C LEU H 35 3.65 2.65 -22.33
N ARG H 36 4.88 3.16 -22.37
CA ARG H 36 5.64 3.26 -23.61
C ARG H 36 7.08 2.82 -23.40
N TRP H 37 7.57 1.99 -24.31
CA TRP H 37 9.00 1.70 -24.42
C TRP H 37 9.55 2.44 -25.63
N TYR H 38 10.70 3.08 -25.45
CA TYR H 38 11.36 3.81 -26.53
C TYR H 38 12.76 3.24 -26.75
N LYS H 39 13.32 3.55 -27.92
CA LYS H 39 14.65 3.08 -28.29
C LYS H 39 15.46 4.27 -28.78
N GLN H 40 16.50 4.64 -28.02
CA GLN H 40 17.39 5.73 -28.40
C GLN H 40 18.65 5.12 -28.99
N ASP H 41 18.74 5.13 -30.32
CA ASP H 41 20.00 4.84 -30.97
C ASP H 41 21.04 5.83 -30.48
N THR H 42 22.23 5.32 -30.13
CA THR H 42 23.26 6.16 -29.54
C THR H 42 23.59 7.32 -30.45
N GLY H 43 23.41 8.55 -29.95
CA GLY H 43 23.64 9.72 -30.76
C GLY H 43 22.54 10.00 -31.75
N ARG H 44 21.35 9.44 -31.54
CA ARG H 44 20.20 9.71 -32.39
C ARG H 44 18.96 9.80 -31.51
N GLY H 45 17.88 10.30 -32.11
CA GLY H 45 16.65 10.50 -31.41
C GLY H 45 15.98 9.19 -31.02
N PRO H 46 15.32 9.17 -29.87
CA PRO H 46 14.58 7.97 -29.45
C PRO H 46 13.32 7.79 -30.26
N VAL H 47 12.90 6.53 -30.37
CA VAL H 47 11.83 6.14 -31.28
C VAL H 47 10.69 5.51 -30.49
N SER H 48 9.48 5.73 -30.98
CA SER H 48 8.30 5.06 -30.43
C SER H 48 8.28 3.60 -30.83
N LEU H 49 8.16 2.73 -29.83
CA LEU H 49 8.10 1.31 -30.14
C LEU H 49 6.74 0.77 -29.76
N THR H 50 6.51 0.64 -28.46
CA THR H 50 5.31 0.03 -27.91
C THR H 50 4.52 1.07 -27.13
N ILE H 51 3.23 1.18 -27.43
CA ILE H 51 2.31 2.03 -26.68
C ILE H 51 1.09 1.22 -26.26
N MET H 52 1.31 0.25 -25.36
CA MET H 52 0.22 -0.57 -24.86
C MET H 52 -0.41 0.13 -23.65
N THR H 53 -1.64 0.62 -23.84
CA THR H 53 -2.41 1.11 -22.71
C THR H 53 -2.68 -0.03 -21.74
N PHE H 54 -3.21 0.31 -20.57
CA PHE H 54 -3.58 -0.75 -19.64
C PHE H 54 -4.68 -1.61 -20.25
N SER H 55 -4.83 -2.81 -19.69
CA SER H 55 -5.66 -3.87 -20.25
C SER H 55 -5.14 -4.36 -21.59
N GLU H 56 -3.89 -4.07 -21.91
CA GLU H 56 -3.21 -4.63 -23.08
C GLU H 56 -1.87 -5.18 -22.60
N ASN H 57 -1.94 -6.26 -21.82
CA ASN H 57 -0.78 -6.79 -21.11
C ASN H 57 0.33 -7.28 -22.05
N THR H 58 0.10 -7.30 -23.36
CA THR H 58 1.16 -7.68 -24.29
C THR H 58 0.87 -7.12 -25.67
N LYS H 59 1.92 -6.63 -26.29
CA LYS H 59 1.93 -6.15 -27.68
C LYS H 59 3.33 -6.37 -28.24
N SER H 60 3.48 -6.89 -29.47
CA SER H 60 4.80 -7.16 -30.01
C SER H 60 5.06 -6.29 -31.23
N ASN H 61 6.34 -6.07 -31.51
CA ASN H 61 6.81 -5.36 -32.70
C ASN H 61 7.93 -6.20 -33.30
N GLY H 62 7.57 -7.09 -34.22
CA GLY H 62 8.58 -7.93 -34.86
C GLY H 62 9.31 -8.76 -33.81
N ARG H 63 10.63 -8.57 -33.75
CA ARG H 63 11.44 -9.33 -32.80
C ARG H 63 11.21 -8.87 -31.36
N TYR H 64 10.61 -7.70 -31.18
CA TYR H 64 10.37 -7.16 -29.85
C TYR H 64 9.02 -7.63 -29.32
N THR H 65 8.98 -7.96 -28.04
CA THR H 65 7.77 -8.47 -27.40
C THR H 65 7.78 -8.01 -25.95
N ALA H 66 6.87 -7.11 -25.59
CA ALA H 66 6.79 -6.57 -24.23
C ALA H 66 5.52 -7.05 -23.54
N THR H 67 5.57 -7.09 -22.20
CA THR H 67 4.43 -7.49 -21.40
C THR H 67 4.28 -6.55 -20.21
N LEU H 68 3.11 -6.58 -19.60
CA LEU H 68 2.73 -5.60 -18.59
C LEU H 68 1.74 -6.21 -17.60
N ASP H 69 1.85 -5.81 -16.33
CA ASP H 69 0.90 -6.19 -15.28
C ASP H 69 0.60 -4.91 -14.48
N ALA H 70 -0.34 -4.12 -14.98
CA ALA H 70 -0.63 -2.83 -14.39
C ALA H 70 -1.08 -2.93 -12.94
N ASP H 71 -1.55 -4.10 -12.51
CA ASP H 71 -1.98 -4.26 -11.12
C ASP H 71 -0.82 -4.11 -10.15
N THR H 72 0.26 -4.86 -10.38
CA THR H 72 1.44 -4.72 -9.55
C THR H 72 2.29 -3.52 -9.96
N LYS H 73 1.81 -2.71 -10.91
CA LYS H 73 2.53 -1.53 -11.39
C LYS H 73 3.92 -1.93 -11.90
N GLN H 74 3.91 -2.83 -12.88
CA GLN H 74 5.14 -3.48 -13.32
C GLN H 74 5.07 -3.78 -14.81
N SER H 75 6.19 -3.62 -15.49
CA SER H 75 6.30 -3.86 -16.92
C SER H 75 7.53 -4.70 -17.21
N SER H 76 7.48 -5.45 -18.31
CA SER H 76 8.59 -6.27 -18.76
C SER H 76 8.92 -5.91 -20.21
N LEU H 77 9.99 -6.48 -20.72
CA LEU H 77 10.36 -6.31 -22.13
C LEU H 77 11.19 -7.51 -22.54
N HIS H 78 10.64 -8.36 -23.41
CA HIS H 78 11.32 -9.54 -23.88
C HIS H 78 11.82 -9.32 -25.30
N ILE H 79 13.12 -9.53 -25.51
CA ILE H 79 13.74 -9.44 -26.83
C ILE H 79 14.49 -10.75 -27.08
N THR H 80 14.49 -11.19 -28.33
CA THR H 80 15.13 -12.44 -28.72
C THR H 80 16.10 -12.21 -29.87
N ALA H 81 16.88 -13.26 -30.16
CA ALA H 81 17.86 -13.28 -31.26
C ALA H 81 18.72 -12.04 -31.17
N SER H 82 19.49 -11.93 -30.11
CA SER H 82 20.20 -10.66 -29.88
C SER H 82 21.11 -10.37 -31.04
N GLN H 83 20.66 -9.42 -31.86
CA GLN H 83 21.35 -8.90 -33.06
C GLN H 83 22.30 -7.81 -32.60
N LEU H 84 23.31 -7.49 -33.40
CA LEU H 84 24.26 -6.47 -32.99
C LEU H 84 23.66 -5.06 -33.06
N SER H 85 22.76 -4.82 -34.01
CA SER H 85 22.13 -3.51 -34.10
C SER H 85 21.31 -3.18 -32.85
N ASP H 86 21.03 -4.18 -32.01
CA ASP H 86 20.21 -3.98 -30.82
C ASP H 86 20.87 -3.08 -29.79
N SER H 87 22.18 -2.86 -29.87
CA SER H 87 22.89 -2.07 -28.86
C SER H 87 22.44 -0.62 -28.94
N ALA H 88 21.76 -0.17 -27.88
CA ALA H 88 21.27 1.20 -27.80
C ALA H 88 20.86 1.47 -26.35
N SER H 89 20.29 2.66 -26.13
CA SER H 89 19.78 3.06 -24.83
C SER H 89 18.26 3.02 -24.86
N TYR H 90 17.66 2.52 -23.78
CA TYR H 90 16.23 2.23 -23.75
C TYR H 90 15.52 3.02 -22.65
N ILE H 91 14.26 3.36 -22.95
CA ILE H 91 13.43 4.19 -22.07
C ILE H 91 12.09 3.48 -21.86
N CYS H 92 11.52 3.81 -20.69
CA CYS H 92 10.20 3.39 -20.18
C CYS H 92 9.43 4.70 -20.13
N VAL H 93 8.27 4.80 -20.73
CA VAL H 93 7.52 6.04 -20.62
C VAL H 93 6.08 5.76 -20.22
N VAL H 94 5.58 6.54 -19.27
CA VAL H 94 4.21 6.41 -18.78
C VAL H 94 3.48 7.72 -19.02
N SER H 95 2.22 7.62 -19.43
CA SER H 95 1.32 8.76 -19.47
C SER H 95 0.21 8.53 -18.45
N ASP H 96 -0.18 9.61 -17.75
CA ASP H 96 -1.18 9.52 -16.71
C ASP H 96 -2.54 10.02 -17.16
N ARG H 97 -2.74 10.24 -18.45
CA ARG H 97 -4.01 10.72 -18.98
C ARG H 97 -4.14 10.27 -20.42
N GLY H 98 -5.30 9.68 -20.75
CA GLY H 98 -5.48 9.10 -22.07
C GLY H 98 -5.46 10.13 -23.19
N SER H 99 -6.05 11.29 -22.96
CA SER H 99 -6.07 12.34 -23.96
C SER H 99 -4.65 12.91 -24.08
N THR H 100 -4.53 14.05 -24.77
CA THR H 100 -3.24 14.69 -25.00
C THR H 100 -2.89 15.69 -23.91
N LEU H 101 -3.28 15.41 -22.66
CA LEU H 101 -3.04 16.34 -21.55
C LEU H 101 -2.07 15.75 -20.54
N GLY H 102 -1.76 14.46 -20.63
CA GLY H 102 -1.03 13.81 -19.56
C GLY H 102 0.42 14.25 -19.51
N ARG H 103 0.94 14.36 -18.28
CA ARG H 103 2.36 14.56 -18.08
C ARG H 103 3.10 13.25 -18.31
N LEU H 104 4.31 13.36 -18.83
CA LEU H 104 5.10 12.21 -19.24
C LEU H 104 6.15 11.90 -18.19
N TYR H 105 6.24 10.63 -17.80
CA TYR H 105 7.09 10.20 -16.70
C TYR H 105 8.17 9.28 -17.27
N PHE H 106 9.37 9.81 -17.47
CA PHE H 106 10.47 9.06 -18.05
C PHE H 106 11.26 8.35 -16.97
N GLY H 107 11.94 7.27 -17.36
CA GLY H 107 12.72 6.47 -16.45
C GLY H 107 14.20 6.84 -16.47
N ARG H 108 14.94 6.26 -15.53
CA ARG H 108 16.39 6.57 -15.42
C ARG H 108 17.10 6.13 -16.70
N GLY H 109 16.72 4.98 -17.23
CA GLY H 109 17.32 4.49 -18.45
C GLY H 109 18.12 3.23 -18.19
N THR H 110 18.04 2.28 -19.12
CA THR H 110 18.81 1.05 -19.09
C THR H 110 19.76 1.04 -20.27
N GLN H 111 20.92 0.41 -20.08
CA GLN H 111 21.95 0.36 -21.11
C GLN H 111 22.30 -1.09 -21.41
N LEU H 112 22.28 -1.45 -22.68
CA LEU H 112 22.61 -2.79 -23.12
C LEU H 112 23.72 -2.76 -24.16
N THR H 113 24.39 -3.90 -24.29
CA THR H 113 25.47 -4.09 -25.25
C THR H 113 25.39 -5.50 -25.78
N VAL H 114 25.19 -5.64 -27.09
CA VAL H 114 25.22 -6.95 -27.74
C VAL H 114 26.64 -7.22 -28.18
N TRP H 115 27.29 -8.19 -27.55
CA TRP H 115 28.66 -8.53 -27.85
C TRP H 115 28.75 -9.90 -28.51
N PRO H 116 29.74 -10.12 -29.37
CA PRO H 116 29.72 -11.29 -30.26
C PRO H 116 30.30 -12.53 -29.61
N ASP H 117 29.65 -13.66 -29.87
CA ASP H 117 30.22 -14.94 -29.46
C ASP H 117 31.18 -15.35 -30.56
N ILE H 118 32.47 -15.16 -30.31
CA ILE H 118 33.49 -15.52 -31.27
C ILE H 118 33.55 -17.03 -31.39
N GLN H 119 33.59 -17.52 -32.63
CA GLN H 119 33.77 -18.96 -32.83
C GLN H 119 35.24 -19.33 -32.78
N ASN H 120 36.11 -18.43 -33.26
CA ASN H 120 37.53 -18.73 -33.41
C ASN H 120 38.38 -17.66 -32.73
N PRO H 121 38.85 -17.83 -31.48
CA PRO H 121 39.54 -16.74 -30.79
C PRO H 121 41.07 -16.52 -30.80
N ASP H 122 41.55 -15.86 -31.83
CA ASP H 122 42.99 -15.75 -32.02
C ASP H 122 43.62 -14.47 -31.45
N PRO H 123 43.98 -14.46 -30.18
CA PRO H 123 44.51 -13.23 -29.58
C PRO H 123 45.90 -12.93 -30.12
N ALA H 124 46.11 -11.69 -30.56
CA ALA H 124 47.39 -11.31 -31.13
C ALA H 124 47.57 -9.81 -30.98
N VAL H 125 48.83 -9.39 -30.91
CA VAL H 125 49.20 -7.98 -30.79
C VAL H 125 50.08 -7.61 -31.98
N TYR H 126 49.70 -6.57 -32.71
CA TYR H 126 50.39 -6.13 -33.90
C TYR H 126 50.84 -4.68 -33.74
N GLN H 127 51.90 -4.33 -34.46
CA GLN H 127 52.44 -2.97 -34.39
C GLN H 127 51.92 -2.13 -35.55
N SER H 134 56.06 7.97 -38.50
CA SER H 134 56.85 8.81 -37.61
C SER H 134 57.06 8.15 -36.26
N ASP H 135 56.89 8.94 -35.19
CA ASP H 135 56.99 8.41 -33.83
C ASP H 135 55.82 7.52 -33.45
N LYS H 136 54.78 7.47 -34.29
CA LYS H 136 53.48 6.92 -33.89
C LYS H 136 53.51 5.40 -33.86
N SER H 137 54.18 4.87 -32.85
CA SER H 137 54.13 3.43 -32.58
C SER H 137 52.75 3.08 -32.02
N VAL H 138 52.06 2.16 -32.69
CA VAL H 138 50.70 1.78 -32.34
C VAL H 138 50.61 0.27 -32.27
N CYS H 139 50.24 -0.25 -31.11
CA CYS H 139 50.08 -1.69 -30.93
C CYS H 139 48.59 -1.98 -30.76
N LEU H 140 48.05 -2.83 -31.65
CA LEU H 140 46.64 -3.20 -31.64
C LEU H 140 46.50 -4.60 -31.09
N PHE H 141 45.29 -4.90 -30.63
CA PHE H 141 44.99 -6.18 -30.03
C PHE H 141 43.58 -6.57 -30.43
N THR H 142 43.40 -7.79 -30.92
CA THR H 142 42.12 -8.20 -31.46
C THR H 142 41.93 -9.70 -31.29
N ASP H 143 40.72 -10.15 -31.66
CA ASP H 143 40.28 -11.55 -31.53
C ASP H 143 40.41 -12.04 -30.09
N PHE H 144 39.71 -11.34 -29.20
CA PHE H 144 39.58 -11.73 -27.81
C PHE H 144 38.27 -12.44 -27.59
N ASP H 145 38.22 -13.23 -26.52
CA ASP H 145 36.94 -13.68 -26.01
C ASP H 145 36.15 -12.47 -25.55
N SER H 146 34.90 -12.37 -26.01
CA SER H 146 34.03 -11.32 -25.50
C SER H 146 33.98 -11.36 -23.98
N GLN H 147 34.09 -12.56 -23.41
CA GLN H 147 34.20 -12.68 -21.96
C GLN H 147 35.50 -12.08 -21.46
N THR H 148 36.58 -12.20 -22.23
CA THR H 148 37.85 -11.60 -21.84
C THR H 148 37.74 -10.08 -21.91
N ASN H 149 38.19 -9.40 -20.86
CA ASN H 149 37.94 -7.98 -20.66
C ASN H 149 39.21 -7.17 -20.92
N VAL H 150 39.09 -5.86 -20.74
CA VAL H 150 40.12 -4.90 -21.09
C VAL H 150 40.47 -4.06 -19.85
N SER H 151 41.56 -3.30 -19.96
CA SER H 151 41.99 -2.38 -18.92
C SER H 151 42.56 -1.12 -19.55
N GLN H 152 42.52 -0.02 -18.81
CA GLN H 152 42.98 1.26 -19.29
C GLN H 152 44.39 1.56 -18.74
N SER H 153 44.77 2.84 -18.71
CA SER H 153 46.09 3.26 -18.29
C SER H 153 46.33 2.94 -16.82
N SER H 156 51.74 8.86 -17.54
CA SER H 156 50.49 8.13 -17.62
C SER H 156 49.61 8.67 -18.74
N ASP H 157 50.04 9.79 -19.33
CA ASP H 157 49.27 10.43 -20.39
C ASP H 157 49.38 9.70 -21.73
N VAL H 158 49.47 8.38 -21.72
CA VAL H 158 49.35 7.55 -22.92
C VAL H 158 48.05 6.77 -23.02
N TYR H 159 47.39 6.92 -24.16
CA TYR H 159 46.01 6.43 -24.34
C TYR H 159 45.71 4.95 -24.39
N ILE H 160 44.42 4.60 -24.27
CA ILE H 160 43.91 3.25 -24.40
C ILE H 160 42.40 3.32 -24.61
N THR H 161 41.91 2.60 -25.62
CA THR H 161 40.49 2.55 -25.94
C THR H 161 39.90 1.20 -25.51
N ASP H 162 38.64 0.98 -25.86
CA ASP H 162 37.97 -0.26 -25.49
C ASP H 162 37.43 -1.00 -26.72
N LYS H 163 36.53 -1.96 -26.49
CA LYS H 163 36.22 -3.01 -27.44
C LYS H 163 35.58 -2.46 -28.73
N CYS H 164 35.59 -3.26 -29.80
CA CYS H 164 34.92 -2.91 -31.09
C CYS H 164 34.63 -4.20 -31.87
N VAL H 165 33.40 -4.35 -32.38
CA VAL H 165 32.94 -5.56 -33.05
C VAL H 165 32.91 -5.26 -34.55
N LEU H 166 33.55 -6.13 -35.32
CA LEU H 166 33.71 -5.95 -36.75
C LEU H 166 32.90 -7.04 -37.45
N ASP H 167 32.07 -6.65 -38.41
CA ASP H 167 31.19 -7.57 -39.11
C ASP H 167 31.66 -7.73 -40.55
N MET H 168 31.94 -8.97 -40.94
CA MET H 168 32.38 -9.30 -42.28
C MET H 168 31.39 -10.28 -42.89
N ARG H 169 30.98 -10.00 -44.13
CA ARG H 169 30.17 -10.89 -44.96
C ARG H 169 29.36 -11.96 -44.22
N LYS H 174 32.79 -10.31 -37.85
CA LYS H 174 33.10 -11.66 -37.43
C LYS H 174 33.68 -11.72 -36.01
N SER H 175 34.43 -10.68 -35.62
CA SER H 175 35.22 -10.76 -34.39
C SER H 175 35.33 -9.38 -33.74
N ASN H 176 36.19 -9.29 -32.74
CA ASN H 176 36.36 -8.12 -31.90
C ASN H 176 37.63 -7.38 -32.26
N SER H 177 37.99 -6.36 -31.47
CA SER H 177 39.21 -5.60 -31.67
C SER H 177 39.39 -4.65 -30.48
N ALA H 178 40.58 -4.04 -30.41
CA ALA H 178 40.94 -3.07 -29.38
C ALA H 178 42.27 -2.43 -29.76
N VAL H 179 42.45 -1.16 -29.36
CA VAL H 179 43.59 -0.36 -29.79
C VAL H 179 44.24 0.32 -28.59
N ALA H 180 45.55 0.52 -28.69
CA ALA H 180 46.31 1.26 -27.68
C ALA H 180 47.58 1.81 -28.33
N TRP H 181 48.02 2.99 -27.88
CA TRP H 181 49.18 3.59 -28.50
C TRP H 181 49.77 4.64 -27.57
N SER H 182 50.87 5.25 -28.06
CA SER H 182 51.64 6.27 -27.31
C SER H 182 52.36 7.24 -28.26
N ASN H 183 53.20 8.11 -27.68
CA ASN H 183 54.02 9.09 -28.43
C ASN H 183 55.50 9.06 -28.07
N LYS H 184 56.02 8.06 -27.37
CA LYS H 184 57.47 8.05 -27.03
C LYS H 184 58.15 6.80 -27.57
N SER H 185 59.22 6.91 -28.36
CA SER H 185 59.77 5.60 -28.70
C SER H 185 59.94 4.73 -27.47
N ASP H 186 60.13 5.34 -26.30
CA ASP H 186 60.21 4.58 -25.05
C ASP H 186 59.02 3.64 -24.88
N PHE H 187 57.91 3.92 -25.56
CA PHE H 187 56.77 3.02 -25.56
C PHE H 187 57.17 1.64 -26.08
N ALA H 188 56.95 0.63 -25.26
CA ALA H 188 56.96 -0.77 -25.67
C ALA H 188 55.67 -1.39 -25.14
N CYS H 189 55.00 -2.17 -25.99
CA CYS H 189 53.69 -2.71 -25.63
C CYS H 189 53.77 -4.09 -24.99
N ALA H 190 54.96 -4.51 -24.55
CA ALA H 190 55.08 -5.77 -23.83
C ALA H 190 54.26 -5.74 -22.55
N ASN H 191 54.49 -4.74 -21.71
CA ASN H 191 53.76 -4.58 -20.45
C ASN H 191 52.61 -3.58 -20.55
N ALA H 192 52.36 -3.01 -21.73
CA ALA H 192 51.26 -2.08 -21.88
C ALA H 192 49.92 -2.74 -21.59
N PHE H 193 49.82 -4.06 -21.71
CA PHE H 193 48.59 -4.78 -21.47
C PHE H 193 48.68 -5.71 -20.26
N ASN H 194 49.78 -5.66 -19.51
CA ASN H 194 49.84 -6.40 -18.24
C ASN H 194 48.76 -5.94 -17.29
N ASN H 195 48.37 -4.66 -17.37
CA ASN H 195 47.21 -4.18 -16.62
C ASN H 195 45.96 -4.95 -17.00
N SER H 196 45.86 -5.40 -18.25
CA SER H 196 44.72 -6.15 -18.73
C SER H 196 44.90 -7.65 -18.47
N ASP I 1 9.50 14.41 -42.63
CA ASP I 1 9.63 13.92 -41.26
C ASP I 1 9.69 15.09 -40.28
N ILE I 2 10.65 15.06 -39.38
CA ILE I 2 10.87 16.15 -38.43
C ILE I 2 12.35 16.51 -38.46
N TYR I 3 12.69 17.79 -38.57
CA TYR I 3 14.14 18.07 -38.55
C TYR I 3 14.41 19.33 -37.73
N GLN I 4 15.61 19.45 -37.16
CA GLN I 4 16.01 20.70 -36.49
C GLN I 4 17.51 20.97 -36.72
N THR I 5 17.87 22.25 -36.70
CA THR I 5 19.23 22.80 -36.96
C THR I 5 19.94 23.23 -35.68
N PRO I 6 21.42 22.98 -35.65
CA PRO I 6 22.28 22.05 -36.40
C PRO I 6 22.60 20.85 -35.52
N ARG I 7 23.11 19.77 -36.12
CA ARG I 7 23.47 18.60 -35.34
C ARG I 7 24.44 18.95 -34.22
N TYR I 8 25.25 19.97 -34.42
CA TYR I 8 26.26 20.37 -33.45
C TYR I 8 26.40 21.87 -33.46
N LEU I 9 26.67 22.45 -32.30
CA LEU I 9 26.98 23.86 -32.20
C LEU I 9 27.91 24.09 -31.02
N VAL I 10 28.86 24.99 -31.20
CA VAL I 10 29.76 25.43 -30.15
C VAL I 10 29.84 26.95 -30.21
N ILE I 11 29.85 27.58 -29.03
CA ILE I 11 29.84 29.04 -28.97
C ILE I 11 30.50 29.49 -27.67
N GLY I 12 31.02 30.72 -27.67
CA GLY I 12 31.59 31.27 -26.48
C GLY I 12 30.52 31.71 -25.49
N THR I 13 30.88 31.67 -24.22
CA THR I 13 29.95 32.01 -23.16
C THR I 13 29.44 33.44 -23.33
N GLY I 14 28.13 33.61 -23.17
CA GLY I 14 27.54 34.92 -23.14
C GLY I 14 27.03 35.46 -24.46
N LYS I 15 27.08 34.67 -25.53
CA LYS I 15 26.57 35.12 -26.82
C LYS I 15 25.23 34.47 -27.14
N LYS I 16 24.63 34.92 -28.24
CA LYS I 16 23.25 34.59 -28.59
C LYS I 16 23.18 33.26 -29.33
N ILE I 17 22.07 32.53 -29.10
CA ILE I 17 21.82 31.24 -29.72
C ILE I 17 20.39 31.22 -30.25
N THR I 18 20.20 30.64 -31.43
CA THR I 18 18.89 30.54 -32.07
C THR I 18 18.72 29.09 -32.54
N LEU I 19 18.38 28.20 -31.60
CA LEU I 19 18.14 26.82 -31.97
C LEU I 19 16.86 26.70 -32.80
N GLU I 20 16.87 25.77 -33.74
CA GLU I 20 15.79 25.63 -34.71
C GLU I 20 15.08 24.30 -34.55
N CYS I 21 13.87 24.25 -35.08
CA CYS I 21 13.07 23.04 -35.16
C CYS I 21 11.97 23.26 -36.21
N SER I 22 11.63 22.18 -36.92
CA SER I 22 10.60 22.25 -37.94
C SER I 22 10.00 20.86 -38.12
N GLN I 23 8.69 20.82 -38.29
CA GLN I 23 7.93 19.57 -38.33
C GLN I 23 7.15 19.48 -39.63
N THR I 24 7.36 18.40 -40.38
CA THR I 24 6.63 18.16 -41.62
C THR I 24 5.52 17.13 -41.43
N MET I 25 4.86 17.15 -40.28
CA MET I 25 3.75 16.24 -40.01
C MET I 25 2.47 16.95 -39.59
N GLY I 26 2.48 18.28 -39.53
CA GLY I 26 1.25 19.05 -39.36
C GLY I 26 0.58 18.92 -38.01
N HIS I 27 1.23 18.24 -37.07
CA HIS I 27 0.66 18.13 -35.73
C HIS I 27 0.69 19.48 -35.03
N ASP I 28 -0.17 19.62 -34.02
CA ASP I 28 -0.30 20.89 -33.30
C ASP I 28 0.49 20.93 -32.00
N LYS I 29 0.96 19.80 -31.50
CA LYS I 29 1.72 19.76 -30.25
C LYS I 29 3.16 19.35 -30.52
N MET I 30 4.11 20.15 -30.03
CA MET I 30 5.54 19.90 -30.15
C MET I 30 6.19 20.02 -28.78
N TYR I 31 7.49 19.72 -28.70
CA TYR I 31 8.17 19.63 -27.41
C TYR I 31 9.56 20.24 -27.53
N TRP I 32 10.29 20.20 -26.43
CA TRP I 32 11.71 20.53 -26.37
C TRP I 32 12.28 19.89 -25.12
N TYR I 33 13.46 19.29 -25.20
CA TYR I 33 14.02 18.58 -24.05
C TYR I 33 15.48 18.91 -23.86
N GLN I 34 15.94 18.82 -22.62
CA GLN I 34 17.36 18.89 -22.29
C GLN I 34 17.78 17.56 -21.70
N GLN I 35 18.79 16.93 -22.32
CA GLN I 35 19.34 15.68 -21.82
C GLN I 35 20.82 15.86 -21.55
N ASP I 36 21.18 15.93 -20.28
CA ASP I 36 22.58 15.90 -19.92
C ASP I 36 23.14 14.52 -20.21
N PRO I 37 24.28 14.39 -20.88
CA PRO I 37 24.82 13.08 -21.22
C PRO I 37 24.99 12.21 -19.99
N GLY I 38 24.70 10.91 -20.14
CA GLY I 38 24.68 9.99 -19.03
C GLY I 38 23.52 10.18 -18.07
N MET I 39 22.73 11.23 -18.23
CA MET I 39 21.61 11.52 -17.36
C MET I 39 20.29 11.28 -18.09
N GLU I 40 19.22 11.18 -17.30
CA GLU I 40 17.89 10.98 -17.85
C GLU I 40 17.44 12.23 -18.59
N LEU I 41 16.27 12.14 -19.21
CA LEU I 41 15.71 13.26 -19.94
C LEU I 41 15.09 14.28 -18.98
N HIS I 42 14.83 15.50 -19.44
CA HIS I 42 14.16 16.55 -18.63
C HIS I 42 13.32 17.41 -19.57
N LEU I 43 12.01 17.44 -19.42
CA LEU I 43 11.20 18.26 -20.35
C LEU I 43 11.48 19.73 -20.09
N ILE I 44 11.60 20.59 -21.09
CA ILE I 44 11.81 21.99 -20.72
C ILE I 44 10.75 22.92 -21.28
N HIS I 45 10.13 22.63 -22.42
CA HIS I 45 9.03 23.47 -22.96
C HIS I 45 8.06 22.61 -23.76
N TYR I 46 6.96 23.17 -24.25
CA TYR I 46 6.01 22.51 -25.18
C TYR I 46 4.98 23.51 -25.68
N SER I 47 4.17 23.15 -26.66
CA SER I 47 3.11 24.09 -27.05
C SER I 47 1.86 23.35 -27.48
N TYR I 48 0.70 23.76 -26.99
CA TYR I 48 -0.57 23.07 -27.34
C TYR I 48 -0.83 23.40 -28.80
N GLY I 49 -0.34 24.56 -29.22
CA GLY I 49 -0.56 24.97 -30.62
C GLY I 49 0.32 26.11 -31.01
N VAL I 50 -0.16 26.86 -31.99
CA VAL I 50 0.52 28.03 -32.58
C VAL I 50 0.76 29.19 -31.62
N ASN I 51 -0.27 29.70 -30.97
CA ASN I 51 -0.06 30.86 -30.10
C ASN I 51 0.33 30.45 -28.69
N SER I 52 0.49 29.16 -28.40
CA SER I 52 0.76 28.69 -27.05
C SER I 52 2.26 28.65 -26.80
N THR I 53 2.67 29.18 -25.66
CA THR I 53 4.07 29.16 -25.22
C THR I 53 4.09 28.80 -23.74
N GLU I 54 4.56 27.59 -23.41
CA GLU I 54 4.54 27.10 -22.04
C GLU I 54 5.88 26.49 -21.68
N LYS I 55 6.17 26.47 -20.38
CA LYS I 55 7.46 26.05 -19.85
C LYS I 55 7.35 24.66 -19.24
N GLY I 56 8.50 23.98 -19.15
CA GLY I 56 8.56 22.64 -18.62
C GLY I 56 8.88 22.61 -17.14
N ASP I 57 9.06 21.40 -16.63
CA ASP I 57 9.34 21.19 -15.21
C ASP I 57 10.67 21.75 -14.77
N LEU I 58 11.54 22.16 -15.71
CA LEU I 58 12.84 22.71 -15.38
C LEU I 58 12.85 24.20 -15.72
N SER I 59 13.07 25.03 -14.70
CA SER I 59 13.23 26.46 -14.91
C SER I 59 14.58 26.71 -15.58
N SER I 60 14.57 27.11 -16.84
CA SER I 60 15.77 27.39 -17.59
C SER I 60 15.66 28.77 -18.21
N GLU I 61 16.72 29.19 -18.89
CA GLU I 61 16.78 30.51 -19.50
C GLU I 61 16.32 30.54 -20.96
N SER I 62 15.95 29.36 -21.45
CA SER I 62 15.46 29.14 -22.83
C SER I 62 14.26 30.00 -23.09
N THR I 63 14.10 30.48 -24.31
CA THR I 63 13.01 31.40 -24.62
C THR I 63 12.27 30.81 -25.81
N VAL I 64 11.65 29.68 -25.61
CA VAL I 64 11.00 28.94 -26.72
C VAL I 64 9.95 29.78 -27.40
N SER I 65 9.86 29.70 -28.72
CA SER I 65 8.86 30.48 -29.44
C SER I 65 8.23 29.62 -30.53
N ARG I 66 7.02 30.03 -30.92
CA ARG I 66 6.30 29.36 -32.01
C ARG I 66 5.25 30.34 -32.53
N ILE I 67 5.40 30.78 -33.77
CA ILE I 67 4.39 31.57 -34.44
C ILE I 67 3.77 30.84 -35.61
N ARG I 68 4.48 29.88 -36.20
CA ARG I 68 3.97 29.05 -37.28
C ARG I 68 3.89 27.60 -36.80
N THR I 69 2.96 26.85 -37.40
CA THR I 69 2.73 25.48 -36.95
C THR I 69 3.95 24.59 -37.18
N GLU I 70 4.73 24.87 -38.21
CA GLU I 70 5.83 23.97 -38.55
C GLU I 70 7.10 24.28 -37.76
N HIS I 71 7.45 25.56 -37.61
CA HIS I 71 8.68 25.92 -36.91
C HIS I 71 8.45 25.93 -35.40
N PHE I 72 9.44 25.47 -34.65
CA PHE I 72 9.41 25.56 -33.20
C PHE I 72 10.77 25.98 -32.67
N PRO I 73 11.31 27.10 -33.12
CA PRO I 73 12.71 27.43 -32.78
C PRO I 73 12.87 27.87 -31.34
N LEU I 74 13.46 27.03 -30.51
CA LEU I 74 13.81 27.44 -29.17
C LEU I 74 14.98 28.42 -29.22
N THR I 75 14.92 29.46 -28.40
CA THR I 75 15.90 30.53 -28.43
C THR I 75 16.49 30.72 -27.04
N LEU I 76 17.72 31.21 -27.01
CA LEU I 76 18.42 31.50 -25.77
C LEU I 76 19.40 32.64 -26.01
N GLU I 77 19.55 33.51 -25.02
CA GLU I 77 20.30 34.75 -25.19
C GLU I 77 21.74 34.67 -24.71
N SER I 78 21.98 34.17 -23.51
CA SER I 78 23.32 34.17 -22.92
C SER I 78 23.82 32.74 -22.82
N ALA I 79 24.84 32.43 -23.60
CA ALA I 79 25.50 31.13 -23.49
C ALA I 79 26.12 30.98 -22.11
N ARG I 80 26.17 29.74 -21.61
CA ARG I 80 26.76 29.46 -20.32
C ARG I 80 27.24 28.02 -20.29
N PRO I 81 28.42 27.75 -19.72
CA PRO I 81 28.90 26.36 -19.66
C PRO I 81 27.92 25.39 -19.04
N SER I 82 27.12 25.84 -18.07
CA SER I 82 26.13 24.93 -17.47
C SER I 82 25.10 24.49 -18.50
N HIS I 83 24.85 25.32 -19.52
CA HIS I 83 23.86 24.98 -20.55
C HIS I 83 24.28 23.79 -21.40
N THR I 84 25.55 23.39 -21.36
CA THR I 84 26.05 22.31 -22.21
C THR I 84 25.26 21.03 -22.05
N SER I 85 24.41 20.76 -23.04
CA SER I 85 23.46 19.63 -23.04
C SER I 85 23.03 19.32 -24.48
N GLN I 86 22.15 18.36 -24.64
CA GLN I 86 21.64 17.91 -25.93
C GLN I 86 20.14 18.19 -25.99
N TYR I 87 19.66 18.60 -27.16
CA TYR I 87 18.34 19.19 -27.29
C TYR I 87 17.58 18.53 -28.43
N LEU I 88 16.38 18.03 -28.13
CA LEU I 88 15.63 17.17 -29.05
C LEU I 88 14.21 17.69 -29.18
N CYS I 89 13.88 18.26 -30.33
CA CYS I 89 12.50 18.62 -30.63
C CYS I 89 11.71 17.35 -30.87
N ALA I 90 10.53 17.25 -30.23
CA ALA I 90 9.68 16.08 -30.36
C ALA I 90 8.27 16.51 -30.73
N SER I 91 7.52 15.57 -31.31
CA SER I 91 6.17 15.86 -31.77
C SER I 91 5.31 14.61 -31.58
N THR I 92 3.99 14.83 -31.53
CA THR I 92 3.03 13.75 -31.34
C THR I 92 1.92 13.84 -32.38
N SER I 93 1.46 12.69 -32.85
CA SER I 93 0.35 12.67 -33.81
C SER I 93 -0.93 13.09 -33.11
N ARG I 94 -1.66 14.03 -33.71
CA ARG I 94 -2.96 14.40 -33.19
C ARG I 94 -4.02 13.35 -33.48
N ARG I 95 -3.72 12.37 -34.32
CA ARG I 95 -4.64 11.30 -34.63
C ARG I 95 -4.41 10.12 -33.69
N GLY I 96 -5.27 9.10 -33.82
CA GLY I 96 -5.35 7.98 -32.90
C GLY I 96 -4.06 7.31 -32.47
N SER I 97 -4.10 6.65 -31.31
CA SER I 97 -2.95 6.00 -30.70
C SER I 97 -1.73 6.92 -30.70
N TYR I 98 -1.90 8.03 -30.00
CA TYR I 98 -0.90 9.09 -30.12
C TYR I 98 0.48 8.58 -29.79
N GLU I 99 1.29 8.62 -30.82
CA GLU I 99 2.71 8.29 -30.71
C GLU I 99 3.53 9.57 -30.69
N GLN I 100 4.74 9.47 -30.16
CA GLN I 100 5.65 10.60 -30.04
C GLN I 100 6.84 10.42 -30.96
N TYR I 101 6.99 11.33 -31.91
CA TYR I 101 8.06 11.26 -32.91
C TYR I 101 9.09 12.35 -32.62
N PHE I 102 10.36 11.98 -32.69
CA PHE I 102 11.46 12.82 -32.26
C PHE I 102 12.26 13.37 -33.43
N GLY I 103 12.84 14.55 -33.22
CA GLY I 103 13.73 15.16 -34.19
C GLY I 103 15.13 14.60 -34.07
N PRO I 104 16.06 14.96 -34.95
CA PRO I 104 17.35 14.34 -34.86
C PRO I 104 17.88 14.77 -33.50
N GLY I 105 17.67 16.06 -33.18
CA GLY I 105 18.18 16.72 -31.95
C GLY I 105 19.49 17.47 -32.11
N THR I 106 19.90 18.25 -31.13
CA THR I 106 21.21 18.92 -31.19
C THR I 106 22.16 18.73 -30.05
N ARG I 107 23.47 18.78 -30.27
CA ARG I 107 24.43 18.67 -29.19
C ARG I 107 25.12 20.03 -29.11
N LEU I 108 25.11 20.61 -27.91
CA LEU I 108 25.70 21.92 -27.68
C LEU I 108 26.79 21.82 -26.64
N THR I 109 27.85 22.61 -26.83
CA THR I 109 28.91 22.76 -25.84
C THR I 109 29.39 24.21 -25.89
N VAL I 110 29.31 24.90 -24.76
CA VAL I 110 29.66 26.32 -24.67
C VAL I 110 30.95 26.45 -23.88
N THR I 111 31.98 26.98 -24.53
CA THR I 111 33.29 27.12 -23.91
C THR I 111 33.46 28.51 -23.33
N GLU I 112 34.54 28.67 -22.57
CA GLU I 112 34.86 29.97 -22.00
C GLU I 112 35.16 30.97 -23.10
N ASP I 113 36.19 30.70 -23.90
CA ASP I 113 36.57 31.56 -25.02
C ASP I 113 36.83 30.70 -26.24
N LEU I 114 36.73 31.34 -27.42
CA LEU I 114 37.01 30.66 -28.67
C LEU I 114 38.42 30.08 -28.72
N LYS I 115 39.32 30.59 -27.87
CA LYS I 115 40.72 30.18 -27.87
C LYS I 115 40.94 28.78 -27.30
N ASN I 116 39.87 28.06 -26.99
CA ASN I 116 39.97 26.73 -26.41
C ASN I 116 39.62 25.62 -27.39
N VAL I 117 39.11 25.96 -28.57
CA VAL I 117 38.67 24.97 -29.55
C VAL I 117 39.80 24.64 -30.51
N PHE I 118 39.85 23.39 -30.95
CA PHE I 118 40.93 22.91 -31.82
C PHE I 118 40.43 21.87 -32.81
N PRO I 119 40.98 21.84 -34.03
CA PRO I 119 40.65 20.78 -34.98
C PRO I 119 41.35 19.48 -34.61
N PRO I 120 41.01 18.37 -35.26
CA PRO I 120 41.64 17.09 -34.92
C PRO I 120 42.99 16.89 -35.62
N GLU I 121 43.69 15.84 -35.17
CA GLU I 121 44.96 15.40 -35.73
C GLU I 121 44.74 14.00 -36.29
N VAL I 122 44.17 13.92 -37.50
CA VAL I 122 43.92 12.62 -38.10
C VAL I 122 45.24 11.94 -38.44
N ALA I 123 45.16 10.62 -38.64
CA ALA I 123 46.30 9.82 -39.04
C ALA I 123 45.79 8.46 -39.50
N VAL I 124 46.49 7.87 -40.46
CA VAL I 124 46.20 6.53 -40.94
C VAL I 124 47.45 5.68 -40.75
N PHE I 125 47.25 4.38 -40.55
CA PHE I 125 48.35 3.46 -40.26
C PHE I 125 48.22 2.21 -41.12
N GLU I 126 49.33 1.78 -41.69
CA GLU I 126 49.33 0.57 -42.49
C GLU I 126 49.21 -0.67 -41.59
N PRO I 127 48.65 -1.77 -42.11
CA PRO I 127 48.42 -2.94 -41.26
C PRO I 127 49.70 -3.66 -40.87
N SER I 128 49.56 -4.90 -40.40
CA SER I 128 50.67 -5.70 -39.92
C SER I 128 50.80 -6.98 -40.75
N GLU I 129 52.03 -7.40 -40.99
CA GLU I 129 52.26 -8.62 -41.77
C GLU I 129 51.80 -9.85 -41.02
N ALA I 130 52.04 -9.90 -39.70
CA ALA I 130 51.70 -11.07 -38.92
C ALA I 130 50.20 -11.35 -38.96
N GLU I 131 49.38 -10.31 -39.10
CA GLU I 131 47.95 -10.50 -39.25
C GLU I 131 47.62 -11.18 -40.57
N ILE I 132 48.04 -10.58 -41.69
CA ILE I 132 47.85 -11.17 -43.00
C ILE I 132 48.42 -12.59 -43.05
N SER I 133 49.60 -12.79 -42.44
CA SER I 133 50.20 -14.11 -42.47
C SER I 133 49.36 -15.13 -41.72
N HIS I 134 48.79 -14.74 -40.59
CA HIS I 134 48.06 -15.67 -39.74
C HIS I 134 46.55 -15.59 -39.89
N THR I 135 46.01 -14.43 -40.27
CA THR I 135 44.56 -14.28 -40.42
C THR I 135 44.10 -14.21 -41.87
N GLN I 136 45.02 -14.03 -42.81
CA GLN I 136 44.71 -13.84 -44.22
C GLN I 136 43.83 -12.62 -44.44
N LYS I 137 43.80 -11.72 -43.47
CA LYS I 137 43.01 -10.50 -43.52
C LYS I 137 43.92 -9.31 -43.17
N ALA I 138 43.43 -8.11 -43.48
CA ALA I 138 44.15 -6.88 -43.20
C ALA I 138 43.22 -5.89 -42.50
N THR I 139 43.76 -5.21 -41.48
CA THR I 139 43.01 -4.26 -40.68
C THR I 139 43.68 -2.89 -40.75
N LEU I 140 42.87 -1.85 -40.97
CA LEU I 140 43.35 -0.48 -41.02
C LEU I 140 42.76 0.31 -39.85
N VAL I 141 43.50 1.33 -39.41
CA VAL I 141 43.15 2.10 -38.22
C VAL I 141 43.31 3.58 -38.53
N CYS I 142 42.36 4.38 -38.05
CA CYS I 142 42.37 5.83 -38.22
C CYS I 142 42.23 6.51 -36.87
N LEU I 143 43.05 7.53 -36.63
CA LEU I 143 43.13 8.21 -35.35
C LEU I 143 43.11 9.72 -35.54
N ALA I 144 42.30 10.41 -34.74
CA ALA I 144 42.25 11.87 -34.71
C ALA I 144 42.39 12.33 -33.26
N THR I 145 43.28 13.30 -33.04
CA THR I 145 43.63 13.73 -31.69
C THR I 145 43.67 15.25 -31.61
N GLY I 146 43.72 15.75 -30.38
CA GLY I 146 43.95 17.17 -30.13
C GLY I 146 42.86 18.09 -30.63
N PHE I 147 41.60 17.70 -30.48
CA PHE I 147 40.51 18.50 -30.97
C PHE I 147 39.53 18.84 -29.86
N TYR I 148 38.97 20.04 -29.95
CA TYR I 148 37.99 20.59 -29.03
C TYR I 148 37.10 21.53 -29.84
N PRO I 149 35.67 21.51 -29.64
CA PRO I 149 34.51 20.58 -28.87
C PRO I 149 34.54 19.28 -29.63
N ASP I 150 33.89 18.27 -29.10
CA ASP I 150 33.86 16.95 -29.75
C ASP I 150 32.68 16.90 -30.73
N HIS I 151 32.74 17.66 -31.81
CA HIS I 151 31.57 17.59 -32.71
C HIS I 151 32.10 17.15 -34.05
N VAL I 152 32.15 15.84 -34.24
CA VAL I 152 32.82 15.30 -35.44
C VAL I 152 32.08 14.08 -36.00
N GLU I 153 32.12 13.91 -37.31
CA GLU I 153 31.51 12.80 -38.02
C GLU I 153 32.57 12.13 -38.89
N LEU I 154 33.04 10.96 -38.46
CA LEU I 154 34.04 10.23 -39.21
C LEU I 154 33.40 9.42 -40.32
N SER I 155 34.23 9.08 -41.29
CA SER I 155 33.74 8.28 -42.42
C SER I 155 34.94 7.67 -43.14
N TRP I 156 34.90 6.36 -43.40
CA TRP I 156 35.89 5.73 -44.27
C TRP I 156 35.41 5.78 -45.72
N TRP I 157 36.37 5.82 -46.64
CA TRP I 157 36.06 5.91 -48.06
C TRP I 157 37.07 5.08 -48.85
N VAL I 158 36.59 4.15 -49.66
CA VAL I 158 37.44 3.25 -50.43
C VAL I 158 37.12 3.44 -51.91
N ASN I 159 38.10 3.90 -52.68
CA ASN I 159 37.97 4.08 -54.12
C ASN I 159 36.74 4.93 -54.46
N GLY I 160 36.66 6.10 -53.84
CA GLY I 160 35.63 7.06 -54.17
C GLY I 160 34.24 6.75 -53.66
N LYS I 161 34.05 5.68 -52.91
CA LYS I 161 32.74 5.30 -52.40
C LYS I 161 32.84 4.96 -50.91
N GLU I 162 31.83 5.39 -50.15
CA GLU I 162 31.80 5.17 -48.72
C GLU I 162 31.58 3.70 -48.41
N VAL I 163 31.87 3.32 -47.17
CA VAL I 163 31.83 1.92 -46.76
C VAL I 163 30.96 1.80 -45.52
N HIS I 164 30.21 0.70 -45.44
CA HIS I 164 29.40 0.38 -44.27
C HIS I 164 29.64 -1.02 -43.74
N SER I 165 30.14 -1.94 -44.54
CA SER I 165 30.43 -3.30 -44.09
C SER I 165 31.88 -3.38 -43.63
N GLY I 166 32.10 -4.04 -42.49
CA GLY I 166 33.43 -4.18 -41.95
C GLY I 166 33.97 -2.96 -41.22
N VAL I 167 33.10 -2.06 -40.78
CA VAL I 167 33.53 -0.84 -40.12
C VAL I 167 33.36 -0.99 -38.61
N CYS I 168 34.16 -0.27 -37.78
CA CYS I 168 33.96 -0.35 -36.29
C CYS I 168 34.32 0.93 -35.50
N THR I 169 34.10 2.10 -36.11
CA THR I 169 34.44 3.44 -35.57
C THR I 169 34.16 3.45 -34.09
N ASP I 170 35.18 3.65 -33.29
CA ASP I 170 35.06 3.66 -31.82
C ASP I 170 33.91 4.54 -31.34
N PRO I 171 33.18 4.10 -30.31
CA PRO I 171 32.03 4.83 -29.81
C PRO I 171 32.20 6.30 -29.39
N GLN I 172 32.92 6.58 -28.30
CA GLN I 172 33.05 7.92 -27.77
C GLN I 172 34.50 8.38 -27.75
N PRO I 173 34.74 9.69 -27.80
CA PRO I 173 36.11 10.20 -27.69
C PRO I 173 36.65 10.04 -26.27
N LEU I 174 37.97 10.24 -26.15
CA LEU I 174 38.64 10.12 -24.87
C LEU I 174 39.35 11.42 -24.53
N LYS I 175 39.44 11.71 -23.23
CA LYS I 175 40.01 12.96 -22.75
C LYS I 175 41.50 13.02 -23.06
N GLU I 176 41.95 14.15 -23.59
CA GLU I 176 43.39 14.35 -23.78
C GLU I 176 44.11 14.51 -22.44
N GLN I 177 43.53 15.30 -21.53
CA GLN I 177 44.05 15.47 -20.19
C GLN I 177 42.94 15.11 -19.20
N PRO I 178 43.15 14.15 -18.30
CA PRO I 178 42.04 13.68 -17.45
C PRO I 178 41.54 14.73 -16.46
N ALA I 179 42.22 15.86 -16.31
CA ALA I 179 41.85 16.85 -15.30
C ALA I 179 41.20 18.09 -15.90
N LEU I 180 41.77 18.62 -16.98
CA LEU I 180 41.34 19.91 -17.50
C LEU I 180 39.89 19.86 -17.99
N ASN I 181 39.19 20.99 -17.87
CA ASN I 181 37.82 21.11 -18.32
C ASN I 181 37.71 21.57 -19.78
N ASP I 182 38.72 22.28 -20.28
CA ASP I 182 38.84 22.55 -21.71
C ASP I 182 39.65 21.47 -22.42
N SER I 183 39.73 20.28 -21.83
CA SER I 183 40.57 19.22 -22.37
C SER I 183 40.02 18.72 -23.70
N ARG I 184 40.89 18.68 -24.70
CA ARG I 184 40.52 18.20 -26.02
C ARG I 184 40.23 16.70 -25.97
N TYR I 185 39.96 16.11 -27.13
CA TYR I 185 39.53 14.72 -27.20
C TYR I 185 40.29 13.99 -28.30
N ALA I 186 40.07 12.67 -28.36
CA ALA I 186 40.73 11.80 -29.32
C ALA I 186 39.86 10.57 -29.55
N LEU I 187 39.84 10.07 -30.77
CA LEU I 187 38.97 8.98 -31.17
C LEU I 187 39.74 7.93 -31.96
N SER I 188 39.30 6.68 -31.84
CA SER I 188 39.83 5.57 -32.60
C SER I 188 38.79 5.07 -33.59
N SER I 189 39.26 4.54 -34.72
CA SER I 189 38.37 4.00 -35.74
C SER I 189 39.14 2.98 -36.57
N ARG I 190 38.48 1.87 -36.90
CA ARG I 190 39.12 0.75 -37.56
C ARG I 190 38.40 0.39 -38.85
N LEU I 191 39.11 -0.35 -39.70
CA LEU I 191 38.54 -0.93 -40.92
C LEU I 191 39.35 -2.16 -41.28
N ARG I 192 38.66 -3.27 -41.56
CA ARG I 192 39.33 -4.55 -41.78
C ARG I 192 38.72 -5.23 -43.00
N VAL I 193 39.58 -5.64 -43.93
CA VAL I 193 39.16 -6.28 -45.16
C VAL I 193 40.12 -7.43 -45.48
N SER I 194 39.88 -8.08 -46.62
CA SER I 194 40.69 -9.22 -47.00
C SER I 194 42.11 -8.79 -47.35
N ALA I 195 43.07 -9.64 -46.98
CA ALA I 195 44.45 -9.44 -47.41
C ALA I 195 44.52 -9.31 -48.92
N THR I 196 43.84 -10.19 -49.63
CA THR I 196 43.71 -10.14 -51.09
C THR I 196 43.41 -8.73 -51.58
N PHE I 197 42.52 -8.03 -50.87
CA PHE I 197 42.15 -6.69 -51.31
C PHE I 197 43.28 -5.70 -51.10
N TRP I 198 43.88 -5.69 -49.90
CA TRP I 198 44.98 -4.75 -49.69
C TRP I 198 46.19 -5.10 -50.54
N GLN I 199 46.42 -6.40 -50.81
CA GLN I 199 47.52 -6.81 -51.68
C GLN I 199 47.49 -5.98 -52.96
N ASN I 200 46.30 -5.64 -53.41
CA ASN I 200 46.12 -4.71 -54.51
C ASN I 200 46.44 -3.30 -54.04
N PRO I 201 47.46 -2.64 -54.59
CA PRO I 201 47.73 -1.24 -54.22
C PRO I 201 46.93 -0.23 -55.02
N ARG I 202 46.28 -0.63 -56.11
CA ARG I 202 45.41 0.28 -56.83
C ARG I 202 44.17 0.65 -56.03
N ASN I 203 43.87 -0.11 -54.98
CA ASN I 203 42.76 0.22 -54.10
C ASN I 203 43.07 1.51 -53.35
N HIS I 204 42.12 2.44 -53.36
CA HIS I 204 42.26 3.69 -52.63
C HIS I 204 41.52 3.60 -51.31
N PHE I 205 42.05 4.30 -50.31
CA PHE I 205 41.48 4.31 -48.96
C PHE I 205 41.56 5.72 -48.41
N ARG I 206 40.48 6.18 -47.79
CA ARG I 206 40.45 7.51 -47.19
C ARG I 206 39.69 7.46 -45.87
N CYS I 207 40.29 8.04 -44.83
CA CYS I 207 39.60 8.29 -43.57
C CYS I 207 39.17 9.75 -43.55
N GLN I 208 37.87 9.99 -43.62
CA GLN I 208 37.32 11.33 -43.67
C GLN I 208 36.65 11.65 -42.33
N VAL I 209 36.93 12.83 -41.81
CA VAL I 209 36.36 13.32 -40.56
C VAL I 209 35.79 14.71 -40.80
N GLN I 210 34.53 14.89 -40.44
CA GLN I 210 33.87 16.18 -40.57
C GLN I 210 33.80 16.86 -39.21
N PHE I 211 34.31 18.09 -39.14
CA PHE I 211 34.40 18.85 -37.91
C PHE I 211 33.47 20.05 -37.96
N TYR I 212 32.70 20.21 -36.89
CA TYR I 212 31.71 21.28 -36.74
C TYR I 212 32.33 22.36 -35.86
N GLY I 213 32.53 23.54 -36.41
CA GLY I 213 33.23 24.55 -35.63
C GLY I 213 32.53 25.87 -35.53
N LEU I 214 33.18 26.89 -36.07
CA LEU I 214 32.77 28.28 -35.89
C LEU I 214 31.99 28.83 -37.06
N SER I 215 31.38 29.99 -36.88
CA SER I 215 30.54 30.59 -37.90
C SER I 215 31.40 31.43 -38.85
N GLU I 216 30.76 32.01 -39.87
CA GLU I 216 31.49 32.91 -40.76
C GLU I 216 31.74 34.24 -40.08
N ASN I 217 30.77 34.73 -39.31
CA ASN I 217 30.84 36.04 -38.69
C ASN I 217 31.45 36.01 -37.29
N ASP I 218 31.87 34.85 -36.81
CA ASP I 218 32.54 34.80 -35.51
C ASP I 218 33.84 35.59 -35.56
N GLU I 219 34.00 36.50 -34.61
CA GLU I 219 35.23 37.28 -34.54
C GLU I 219 36.41 36.38 -34.19
N TRP I 220 37.44 36.41 -35.03
CA TRP I 220 38.70 35.74 -34.72
C TRP I 220 39.84 36.72 -34.86
N THR I 221 40.62 36.86 -33.80
CA THR I 221 41.72 37.82 -33.75
C THR I 221 43.09 37.18 -33.59
N GLN I 222 43.17 36.00 -32.96
CA GLN I 222 44.45 35.36 -32.70
C GLN I 222 45.21 35.16 -34.00
N ASP I 223 46.53 35.21 -33.91
CA ASP I 223 47.38 35.10 -35.10
C ASP I 223 47.14 33.79 -35.84
N ARG I 224 46.76 32.74 -35.11
CA ARG I 224 46.46 31.45 -35.73
C ARG I 224 45.18 31.57 -36.57
N ALA I 225 44.89 30.50 -37.30
CA ALA I 225 43.73 30.47 -38.19
C ALA I 225 42.44 30.21 -37.41
N LYS I 226 41.35 30.67 -37.98
CA LYS I 226 40.02 30.44 -37.41
C LYS I 226 39.61 28.98 -37.64
N PRO I 227 39.50 28.16 -36.59
CA PRO I 227 39.20 26.71 -36.78
C PRO I 227 37.74 26.44 -37.07
N VAL I 228 37.29 26.89 -38.25
CA VAL I 228 35.89 26.83 -38.63
C VAL I 228 35.47 25.41 -38.95
N THR I 229 34.22 25.25 -39.39
CA THR I 229 33.74 23.97 -39.89
C THR I 229 34.64 23.49 -41.02
N GLN I 230 35.30 22.35 -40.80
CA GLN I 230 36.25 21.87 -41.79
C GLN I 230 36.31 20.35 -41.79
N ILE I 231 36.86 19.81 -42.87
CA ILE I 231 37.08 18.35 -42.92
C ILE I 231 38.56 18.07 -42.97
N VAL I 232 39.00 17.19 -42.06
CA VAL I 232 40.39 16.68 -42.04
C VAL I 232 40.21 15.38 -42.76
N SER I 233 41.00 15.14 -43.78
CA SER I 233 40.91 13.95 -44.62
C SER I 233 42.31 13.46 -44.92
N ALA I 234 42.62 12.25 -44.44
CA ALA I 234 43.87 11.57 -44.74
C ALA I 234 43.56 10.31 -45.52
N GLU I 235 44.33 10.08 -46.59
CA GLU I 235 44.13 8.96 -47.48
C GLU I 235 45.42 8.16 -47.58
N ALA I 236 45.32 7.00 -48.23
CA ALA I 236 46.46 6.12 -48.41
C ALA I 236 46.22 5.27 -49.65
N TRP I 237 47.25 4.54 -50.05
CA TRP I 237 47.19 3.73 -51.26
C TRP I 237 47.50 2.27 -50.98
N GLN J 1 -17.01 -6.74 0.88
CA GLN J 1 -18.08 -7.60 1.39
C GLN J 1 -18.76 -8.35 0.26
N VAL J 2 -17.99 -9.19 -0.44
CA VAL J 2 -18.53 -10.10 -1.44
C VAL J 2 -17.82 -11.44 -1.30
N GLN J 3 -18.62 -12.48 -1.42
CA GLN J 3 -18.18 -13.90 -1.32
C GLN J 3 -17.50 -14.32 -2.61
N LEU J 4 -16.61 -15.29 -2.53
CA LEU J 4 -15.93 -15.78 -3.72
C LEU J 4 -15.97 -17.29 -3.68
N VAL J 5 -16.51 -17.91 -4.71
CA VAL J 5 -16.55 -19.36 -4.81
C VAL J 5 -15.84 -19.76 -6.08
N GLU J 6 -14.76 -20.52 -5.94
CA GLU J 6 -13.98 -21.00 -7.06
C GLU J 6 -14.07 -22.52 -7.09
N SER J 7 -14.37 -23.07 -8.27
CA SER J 7 -14.56 -24.51 -8.38
C SER J 7 -14.55 -24.92 -9.85
N GLY J 8 -14.13 -26.16 -10.10
CA GLY J 8 -14.18 -26.74 -11.42
C GLY J 8 -12.83 -27.11 -12.00
N GLY J 9 -11.80 -27.17 -11.16
CA GLY J 9 -10.46 -27.44 -11.64
C GLY J 9 -10.20 -28.89 -11.98
N GLY J 10 -8.96 -29.31 -11.81
CA GLY J 10 -8.57 -30.69 -12.04
C GLY J 10 -7.41 -30.80 -13.02
N LEU J 11 -6.87 -32.01 -13.08
CA LEU J 11 -5.81 -32.37 -14.02
C LEU J 11 -6.41 -33.08 -15.22
N VAL J 12 -5.77 -32.94 -16.38
CA VAL J 12 -6.28 -33.46 -17.64
C VAL J 12 -5.11 -33.74 -18.56
N GLN J 13 -5.38 -34.43 -19.66
CA GLN J 13 -4.41 -34.66 -20.73
C GLN J 13 -4.60 -33.64 -21.83
N ALA J 14 -3.66 -33.63 -22.77
CA ALA J 14 -3.72 -32.68 -23.88
C ALA J 14 -5.01 -32.87 -24.68
N GLY J 15 -5.56 -31.76 -25.15
CA GLY J 15 -6.82 -31.83 -25.86
C GLY J 15 -8.02 -32.06 -24.97
N GLY J 16 -7.87 -31.87 -23.66
CA GLY J 16 -8.95 -32.12 -22.72
C GLY J 16 -9.95 -30.99 -22.69
N SER J 17 -10.91 -31.13 -21.76
CA SER J 17 -11.98 -30.16 -21.62
C SER J 17 -12.46 -30.14 -20.17
N LEU J 18 -12.61 -28.93 -19.62
CA LEU J 18 -13.04 -28.74 -18.24
C LEU J 18 -14.08 -27.64 -18.18
N ARG J 19 -14.61 -27.40 -16.97
CA ARG J 19 -15.62 -26.39 -16.74
C ARG J 19 -15.30 -25.67 -15.44
N LEU J 20 -15.11 -24.36 -15.50
CA LEU J 20 -14.88 -23.55 -14.31
C LEU J 20 -16.19 -22.97 -13.80
N SER J 21 -16.13 -22.36 -12.62
CA SER J 21 -17.31 -21.80 -11.99
CA SER J 21 -17.31 -21.80 -11.99
C SER J 21 -16.89 -20.78 -10.94
N CYS J 22 -17.60 -19.65 -10.91
CA CYS J 22 -17.37 -18.64 -9.89
C CYS J 22 -18.65 -17.84 -9.68
N ALA J 23 -18.83 -17.38 -8.44
CA ALA J 23 -19.98 -16.57 -8.10
C ALA J 23 -19.65 -15.73 -6.87
N ALA J 24 -20.39 -14.64 -6.70
CA ALA J 24 -20.21 -13.73 -5.58
C ALA J 24 -21.58 -13.29 -5.08
N SER J 25 -21.60 -12.76 -3.86
CA SER J 25 -22.83 -12.29 -3.26
C SER J 25 -22.48 -11.35 -2.11
N GLY J 26 -23.50 -10.67 -1.64
CA GLY J 26 -23.19 -9.64 -0.66
C GLY J 26 -23.22 -8.30 -1.35
N SER J 27 -22.52 -7.35 -0.78
CA SER J 27 -22.57 -5.95 -1.20
C SER J 27 -21.99 -5.85 -2.61
N MET J 28 -22.87 -5.92 -3.60
CA MET J 28 -22.45 -6.11 -4.99
C MET J 28 -22.84 -4.91 -5.85
N PHE J 29 -22.65 -5.05 -7.16
CA PHE J 29 -23.03 -4.06 -8.14
C PHE J 29 -23.79 -4.73 -9.27
N SER J 30 -24.68 -3.96 -9.90
CA SER J 30 -25.41 -4.48 -11.06
C SER J 30 -24.48 -4.59 -12.27
N ASP J 31 -24.05 -3.46 -12.79
CA ASP J 31 -23.14 -3.57 -13.95
C ASP J 31 -21.82 -4.00 -13.34
N ASN J 32 -21.22 -5.08 -13.81
CA ASN J 32 -19.91 -5.51 -13.25
C ASN J 32 -19.19 -6.41 -14.24
N VAL J 33 -18.02 -6.93 -13.86
CA VAL J 33 -17.26 -7.81 -14.77
C VAL J 33 -16.58 -8.91 -13.97
N MET J 34 -16.78 -10.15 -14.34
CA MET J 34 -16.10 -11.23 -13.61
C MET J 34 -15.09 -11.90 -14.54
N GLY J 35 -14.36 -12.90 -14.07
CA GLY J 35 -13.40 -13.49 -14.98
C GLY J 35 -12.29 -14.21 -14.24
N TRP J 36 -11.40 -14.80 -15.02
CA TRP J 36 -10.32 -15.63 -14.50
C TRP J 36 -8.96 -15.12 -14.97
N TYR J 37 -7.93 -15.59 -14.29
CA TYR J 37 -6.56 -15.20 -14.57
C TYR J 37 -5.65 -16.40 -14.29
N ARG J 38 -4.82 -16.75 -15.26
CA ARG J 38 -3.90 -17.86 -15.10
C ARG J 38 -2.55 -17.37 -14.56
N GLN J 39 -1.81 -18.32 -13.99
CA GLN J 39 -0.47 -18.00 -13.50
C GLN J 39 0.51 -19.16 -13.69
N ALA J 40 1.25 -19.17 -14.80
CA ALA J 40 2.30 -20.16 -14.96
C ALA J 40 3.29 -20.04 -13.81
N PRO J 41 3.78 -21.16 -13.28
CA PRO J 41 4.66 -21.09 -12.10
C PRO J 41 5.92 -20.27 -12.38
N GLY J 42 6.22 -19.35 -11.46
CA GLY J 42 7.37 -18.48 -11.63
C GLY J 42 7.26 -17.58 -12.84
N LYS J 43 6.07 -17.07 -13.12
CA LYS J 43 5.85 -16.23 -14.29
C LYS J 43 4.81 -15.17 -13.93
N GLN J 44 4.36 -14.43 -14.94
CA GLN J 44 3.42 -13.34 -14.75
C GLN J 44 2.01 -13.89 -14.56
N ARG J 45 1.11 -13.00 -14.13
CA ARG J 45 -0.31 -13.32 -13.98
C ARG J 45 -1.05 -12.77 -15.19
N GLU J 46 -1.59 -13.66 -16.01
CA GLU J 46 -2.14 -13.31 -17.31
C GLU J 46 -3.66 -13.27 -17.27
N LEU J 47 -4.23 -12.25 -17.92
CA LEU J 47 -5.66 -12.24 -18.19
C LEU J 47 -6.02 -13.33 -19.19
N VAL J 48 -7.26 -13.83 -19.08
CA VAL J 48 -7.77 -14.78 -20.06
C VAL J 48 -9.21 -14.45 -20.40
N ALA J 49 -10.04 -14.11 -19.42
CA ALA J 49 -11.46 -13.94 -19.77
C ALA J 49 -12.03 -12.65 -19.23
N THR J 50 -12.83 -12.03 -20.07
CA THR J 50 -13.54 -10.79 -19.72
C THR J 50 -14.98 -11.08 -20.09
N ILE J 51 -15.96 -10.72 -19.28
CA ILE J 51 -17.36 -11.06 -19.67
C ILE J 51 -18.37 -9.95 -19.38
N ARG J 52 -18.00 -9.04 -18.49
CA ARG J 52 -18.91 -7.91 -18.11
C ARG J 52 -20.32 -8.29 -17.67
N THR J 53 -21.34 -7.80 -18.36
CA THR J 53 -22.70 -8.03 -17.85
C THR J 53 -23.76 -8.64 -18.80
N GLY J 54 -23.56 -9.85 -19.29
CA GLY J 54 -24.55 -10.37 -20.25
C GLY J 54 -24.48 -9.39 -21.40
N GLY J 55 -23.26 -8.93 -21.67
CA GLY J 55 -22.94 -7.92 -22.69
C GLY J 55 -21.49 -8.07 -23.12
N SER J 56 -20.82 -7.01 -23.52
CA SER J 56 -19.45 -7.07 -24.11
C SER J 56 -18.43 -7.98 -23.39
N THR J 57 -17.66 -8.74 -24.17
CA THR J 57 -16.55 -9.63 -23.76
C THR J 57 -15.40 -9.56 -24.77
N ASN J 58 -14.17 -9.20 -24.36
CA ASN J 58 -12.96 -9.27 -25.23
C ASN J 58 -11.73 -10.02 -24.68
N TYR J 59 -12.03 -11.26 -24.96
CA TYR J 59 -11.22 -12.42 -24.60
C TYR J 59 -10.73 -12.92 -25.95
N ASP J 61 -8.23 -13.16 -25.09
CA ASP J 61 -6.79 -13.43 -25.31
C ASP J 61 -6.63 -14.53 -26.37
N SER J 62 -5.39 -14.69 -26.80
CA SER J 62 -4.91 -15.66 -27.79
C SER J 62 -5.63 -17.00 -27.68
N VAL J 63 -5.94 -17.35 -26.45
CA VAL J 63 -6.75 -18.57 -26.30
C VAL J 63 -8.10 -18.05 -26.73
N LYS J 64 -8.10 -17.45 -27.91
CA LYS J 64 -9.28 -16.83 -28.56
C LYS J 64 -10.02 -17.96 -29.25
N GLY J 65 -11.20 -18.27 -28.74
CA GLY J 65 -12.06 -19.36 -29.22
C GLY J 65 -11.74 -20.65 -28.48
N ARG J 66 -10.67 -20.72 -27.71
CA ARG J 66 -10.38 -21.99 -27.01
C ARG J 66 -11.38 -22.27 -25.87
N PHE J 67 -11.68 -21.27 -25.04
CA PHE J 67 -12.61 -21.27 -23.92
C PHE J 67 -13.65 -20.19 -24.14
N THR J 68 -14.79 -20.33 -23.48
CA THR J 68 -15.85 -19.35 -23.61
C THR J 68 -16.55 -19.15 -22.28
N ILE J 69 -16.81 -17.88 -21.99
CA ILE J 69 -17.29 -17.41 -20.70
C ILE J 69 -18.81 -17.52 -20.66
N SER J 70 -19.34 -17.52 -19.44
CA SER J 70 -20.77 -17.69 -19.23
C SER J 70 -21.27 -16.59 -18.32
N ARG J 71 -22.35 -15.98 -18.77
CA ARG J 71 -23.05 -14.93 -18.02
C ARG J 71 -24.52 -15.23 -17.85
N ASP J 72 -24.90 -15.44 -16.59
CA ASP J 72 -26.35 -15.39 -16.22
C ASP J 72 -26.96 -14.01 -15.92
N ASN J 73 -27.02 -13.18 -16.95
CA ASN J 73 -27.67 -11.88 -16.62
C ASN J 73 -29.07 -12.28 -16.13
N ALA J 74 -29.47 -11.72 -14.98
CA ALA J 74 -30.69 -11.90 -14.14
C ALA J 74 -30.41 -12.96 -13.06
N LYS J 75 -29.33 -13.70 -13.28
CA LYS J 75 -28.70 -14.61 -12.29
C LYS J 75 -27.25 -14.10 -12.19
N ASN J 76 -26.59 -14.30 -11.04
CA ASN J 76 -25.28 -13.63 -10.87
C ASN J 76 -24.14 -14.60 -10.57
N THR J 77 -23.77 -15.46 -11.53
CA THR J 77 -22.65 -16.38 -11.41
C THR J 77 -21.81 -16.29 -12.67
N VAL J 78 -20.75 -17.09 -12.72
CA VAL J 78 -19.94 -17.20 -13.92
C VAL J 78 -19.27 -18.57 -14.06
N TYR J 79 -19.51 -19.12 -15.25
CA TYR J 79 -19.06 -20.46 -15.70
C TYR J 79 -18.07 -20.34 -16.83
N LEU J 80 -17.01 -21.16 -16.82
CA LEU J 80 -16.04 -21.03 -17.91
C LEU J 80 -15.85 -22.39 -18.57
N GLN J 81 -16.41 -22.56 -19.77
CA GLN J 81 -16.29 -23.80 -20.52
C GLN J 81 -14.91 -23.88 -21.15
N MET J 82 -14.04 -24.70 -20.58
CA MET J 82 -12.68 -24.89 -21.08
C MET J 82 -12.63 -26.17 -21.89
N ASN J 83 -12.54 -26.05 -23.21
CA ASN J 83 -12.44 -27.21 -24.09
C ASN J 83 -11.14 -27.17 -24.87
N SER J 84 -10.75 -28.33 -25.40
CA SER J 84 -9.54 -28.50 -26.20
C SER J 84 -8.32 -27.97 -25.46
N LEU J 85 -8.05 -28.56 -24.30
CA LEU J 85 -6.98 -28.10 -23.44
C LEU J 85 -5.62 -28.30 -24.09
N LYS J 86 -4.82 -27.24 -24.11
CA LYS J 86 -3.47 -27.30 -24.65
C LYS J 86 -2.46 -27.56 -23.55
N PRO J 87 -1.33 -28.18 -23.88
CA PRO J 87 -0.38 -28.61 -22.85
C PRO J 87 0.26 -27.47 -22.07
N GLU J 88 0.69 -26.43 -22.78
CA GLU J 88 1.44 -25.37 -22.14
C GLU J 88 0.61 -24.62 -21.12
N ASP J 89 -0.71 -24.62 -21.27
CA ASP J 89 -1.57 -23.78 -20.45
C ASP J 89 -1.68 -24.22 -19.00
N THR J 90 -0.78 -25.07 -18.52
CA THR J 90 -0.81 -25.43 -17.11
C THR J 90 -0.44 -24.22 -16.26
N ALA J 91 -1.25 -23.95 -15.25
CA ALA J 91 -1.13 -22.72 -14.47
C ALA J 91 -2.17 -22.76 -13.35
N VAL J 92 -2.06 -21.80 -12.42
CA VAL J 92 -3.04 -21.62 -11.35
C VAL J 92 -4.00 -20.52 -11.78
N TYR J 93 -5.30 -20.78 -11.65
CA TYR J 93 -6.33 -19.92 -12.22
C TYR J 93 -7.14 -19.27 -11.12
N TYR J 94 -7.26 -17.95 -11.17
CA TYR J 94 -7.88 -17.18 -10.11
C TYR J 94 -9.13 -16.47 -10.61
N CYS J 95 -10.20 -16.53 -9.82
CA CYS J 95 -11.41 -15.79 -10.13
C CYS J 95 -11.29 -14.35 -9.62
N ARG J 96 -11.77 -13.40 -10.42
CA ARG J 96 -11.68 -11.99 -10.08
C ARG J 96 -12.97 -11.27 -10.40
N HIS J 97 -13.52 -10.45 -9.50
CA HIS J 97 -14.76 -9.67 -9.79
C HIS J 97 -14.44 -8.23 -9.44
N THR J 98 -14.56 -7.29 -10.40
CA THR J 98 -14.25 -5.87 -10.30
C THR J 98 -15.13 -5.13 -11.30
N ILE J 99 -15.41 -3.86 -11.02
CA ILE J 99 -16.09 -2.99 -11.98
C ILE J 99 -15.07 -2.58 -13.05
N PRO J 100 -15.51 -2.07 -14.22
CA PRO J 100 -14.54 -1.79 -15.29
C PRO J 100 -13.71 -0.53 -15.10
N VAL J 101 -13.34 -0.21 -13.85
CA VAL J 101 -12.47 0.93 -13.62
C VAL J 101 -11.29 0.45 -12.77
N PRO J 102 -10.09 0.99 -12.98
CA PRO J 102 -8.88 0.36 -12.44
C PRO J 102 -8.51 0.81 -11.04
N SER J 103 -7.65 0.01 -10.42
CA SER J 103 -7.07 0.27 -9.10
C SER J 103 -8.15 0.60 -8.08
N THR J 104 -9.32 -0.02 -8.19
CA THR J 104 -10.36 0.34 -7.20
C THR J 104 -10.40 -0.69 -6.08
N PRO J 105 -10.96 -0.28 -4.94
CA PRO J 105 -11.11 -1.17 -3.81
C PRO J 105 -11.92 -2.34 -4.36
N TYR J 106 -12.78 -2.10 -5.33
CA TYR J 106 -13.66 -3.15 -5.89
C TYR J 106 -12.95 -4.05 -6.90
N ASP J 107 -11.86 -4.59 -6.40
CA ASP J 107 -11.12 -5.70 -6.99
C ASP J 107 -11.18 -6.76 -5.88
N TYR J 108 -11.64 -7.94 -6.23
CA TYR J 108 -11.88 -9.12 -5.42
C TYR J 108 -11.31 -10.34 -6.13
N TRP J 109 -10.53 -11.13 -5.39
CA TRP J 109 -9.79 -12.24 -5.95
C TRP J 109 -10.29 -13.56 -5.38
N GLY J 110 -10.60 -14.49 -6.26
CA GLY J 110 -10.96 -15.84 -5.85
C GLY J 110 -9.84 -16.50 -5.08
N GLN J 111 -10.17 -17.64 -4.48
CA GLN J 111 -9.21 -18.33 -3.63
C GLN J 111 -8.07 -18.93 -4.46
N GLY J 112 -8.36 -19.19 -5.74
CA GLY J 112 -7.37 -19.74 -6.69
C GLY J 112 -7.52 -21.23 -6.93
N THR J 113 -7.49 -21.64 -8.21
CA THR J 113 -7.71 -23.00 -8.66
C THR J 113 -6.56 -23.42 -9.55
N GLN J 114 -6.23 -24.71 -9.49
CA GLN J 114 -5.08 -25.26 -10.20
C GLN J 114 -5.53 -25.94 -11.48
N VAL J 115 -4.68 -25.87 -12.50
CA VAL J 115 -4.90 -26.55 -13.78
C VAL J 115 -3.59 -27.18 -14.19
N THR J 116 -3.60 -28.51 -14.36
CA THR J 116 -2.40 -29.26 -14.72
C THR J 116 -2.68 -30.11 -15.94
N VAL J 117 -1.69 -30.22 -16.82
CA VAL J 117 -1.80 -31.00 -18.04
C VAL J 117 -0.83 -32.17 -17.97
N SER J 118 -1.29 -33.36 -18.33
CA SER J 118 -0.48 -34.57 -18.35
C SER J 118 -0.36 -35.09 -19.78
N SER J 119 0.37 -36.19 -19.94
CA SER J 119 0.57 -36.80 -21.24
C SER J 119 -0.65 -37.62 -21.66
#